data_2D2S
# 
_entry.id   2D2S 
# 
_audit_conform.dict_name       mmcif_pdbx.dic 
_audit_conform.dict_version    5.388 
_audit_conform.dict_location   http://mmcif.pdb.org/dictionaries/ascii/mmcif_pdbx.dic 
# 
loop_
_database_2.database_id 
_database_2.database_code 
_database_2.pdbx_database_accession 
_database_2.pdbx_DOI 
PDB   2D2S         pdb_00002d2s 10.2210/pdb2d2s/pdb 
RCSB  RCSB024916   ?            ?                   
WWPDB D_1000024916 ?            ?                   
# 
loop_
_pdbx_audit_revision_history.ordinal 
_pdbx_audit_revision_history.data_content_type 
_pdbx_audit_revision_history.major_revision 
_pdbx_audit_revision_history.minor_revision 
_pdbx_audit_revision_history.revision_date 
1 'Structure model' 1 0 2005-11-01 
2 'Structure model' 1 1 2008-04-30 
3 'Structure model' 1 2 2011-07-13 
4 'Structure model' 1 3 2024-03-13 
# 
_pdbx_audit_revision_details.ordinal             1 
_pdbx_audit_revision_details.revision_ordinal    1 
_pdbx_audit_revision_details.data_content_type   'Structure model' 
_pdbx_audit_revision_details.provider            repository 
_pdbx_audit_revision_details.type                'Initial release' 
_pdbx_audit_revision_details.description         ? 
_pdbx_audit_revision_details.details             ? 
# 
loop_
_pdbx_audit_revision_group.ordinal 
_pdbx_audit_revision_group.revision_ordinal 
_pdbx_audit_revision_group.data_content_type 
_pdbx_audit_revision_group.group 
1 2 'Structure model' 'Version format compliance' 
2 3 'Structure model' 'Version format compliance' 
3 4 'Structure model' 'Data collection'           
4 4 'Structure model' 'Database references'       
# 
loop_
_pdbx_audit_revision_category.ordinal 
_pdbx_audit_revision_category.revision_ordinal 
_pdbx_audit_revision_category.data_content_type 
_pdbx_audit_revision_category.category 
1 4 'Structure model' chem_comp_atom     
2 4 'Structure model' chem_comp_bond     
3 4 'Structure model' database_2         
4 4 'Structure model' struct_ref_seq_dif 
# 
loop_
_pdbx_audit_revision_item.ordinal 
_pdbx_audit_revision_item.revision_ordinal 
_pdbx_audit_revision_item.data_content_type 
_pdbx_audit_revision_item.item 
1 4 'Structure model' '_database_2.pdbx_DOI'                
2 4 'Structure model' '_database_2.pdbx_database_accession' 
3 4 'Structure model' '_struct_ref_seq_dif.details'         
# 
_pdbx_database_status.status_code                     REL 
_pdbx_database_status.entry_id                        2D2S 
_pdbx_database_status.recvd_initial_deposition_date   2005-09-16 
_pdbx_database_status.deposit_site                    PDBJ 
_pdbx_database_status.process_site                    PDBJ 
_pdbx_database_status.status_code_sf                  REL 
_pdbx_database_status.status_code_mr                  ? 
_pdbx_database_status.SG_entry                        ? 
_pdbx_database_status.pdb_format_compatible           Y 
_pdbx_database_status.status_code_cs                  ? 
_pdbx_database_status.status_code_nmr_data            ? 
_pdbx_database_status.methods_development_category    ? 
# 
_pdbx_database_related.db_name        PDB 
_pdbx_database_related.db_id          2B1E 
_pdbx_database_related.details        Exo70p 
_pdbx_database_related.content_type   unspecified 
# 
loop_
_audit_author.name 
_audit_author.pdbx_ordinal 
'Dong, G.'         1 
'Hutagalung, A.H.' 2 
'Fu, C.'           3 
'Novick, P.'       4 
'Reinisch, K.M.'   5 
# 
_citation.id                        primary 
_citation.title                     
'The structures of exocyst subunit Exo70p and the Exo84p C-terminal domains reveal a common motif' 
_citation.journal_abbrev            Nat.Struct.Mol.Biol. 
_citation.journal_volume            12 
_citation.page_first                1094 
_citation.page_last                 1100 
_citation.year                      2005 
_citation.journal_id_ASTM           ? 
_citation.country                   US 
_citation.journal_id_ISSN           1545-9993 
_citation.journal_id_CSD            ? 
_citation.book_publisher            ? 
_citation.pdbx_database_id_PubMed   16249794 
_citation.pdbx_database_id_DOI      10.1038/nsmb1017 
# 
loop_
_citation_author.citation_id 
_citation_author.name 
_citation_author.ordinal 
_citation_author.identifier_ORCID 
primary 'Dong, G.'         1 ? 
primary 'Hutagalung, A.H.' 2 ? 
primary 'Fu, C.'           3 ? 
primary 'Novick, P.'       4 ? 
primary 'Reinisch, K.M.'   5 ? 
# 
_entity.id                         1 
_entity.type                       polymer 
_entity.src_method                 man 
_entity.pdbx_description           'Exocyst complex component EXO84' 
_entity.formula_weight             26836.611 
_entity.pdbx_number_of_molecules   1 
_entity.pdbx_ec                    ? 
_entity.pdbx_mutation              ? 
_entity.pdbx_fragment              'Exo84p C-terminal domains' 
_entity.details                    ? 
# 
_entity_name_com.entity_id   1 
_entity_name_com.name        'Exocyst complex protein of 84 kDa, U1-SNP1 associating protein 3' 
# 
_entity_poly.entity_id                      1 
_entity_poly.type                           'polypeptide(L)' 
_entity_poly.nstd_linkage                   no 
_entity_poly.nstd_monomer                   no 
_entity_poly.pdbx_seq_one_letter_code       
;GSHMSRDMSSTAQRLKFLDEGVEEIDIELARLRFESAVETLLDIESQLEDLSERISDEELMLLNLISLKIEQRREAISSK
LSQSILSSNEIVHLKSGTENMIKLGLPEQALDLFLQNRSNFIQDLILQIGSVDNPTNYLTQLAVIRFQTIKKTVEDFQDI
FKELGAKISSILVDWCSDEVDNHFKLIDKQLLNDEMLSPGSIKSSRKQIDGLKAVGLDFVYKLDEFIKKNSDKIR
;
_entity_poly.pdbx_seq_one_letter_code_can   
;GSHMSRDMSSTAQRLKFLDEGVEEIDIELARLRFESAVETLLDIESQLEDLSERISDEELMLLNLISLKIEQRREAISSK
LSQSILSSNEIVHLKSGTENMIKLGLPEQALDLFLQNRSNFIQDLILQIGSVDNPTNYLTQLAVIRFQTIKKTVEDFQDI
FKELGAKISSILVDWCSDEVDNHFKLIDKQLLNDEMLSPGSIKSSRKQIDGLKAVGLDFVYKLDEFIKKNSDKIR
;
_entity_poly.pdbx_strand_id                 A 
_entity_poly.pdbx_target_identifier         ? 
# 
loop_
_entity_poly_seq.entity_id 
_entity_poly_seq.num 
_entity_poly_seq.mon_id 
_entity_poly_seq.hetero 
1 1   GLY n 
1 2   SER n 
1 3   HIS n 
1 4   MET n 
1 5   SER n 
1 6   ARG n 
1 7   ASP n 
1 8   MET n 
1 9   SER n 
1 10  SER n 
1 11  THR n 
1 12  ALA n 
1 13  GLN n 
1 14  ARG n 
1 15  LEU n 
1 16  LYS n 
1 17  PHE n 
1 18  LEU n 
1 19  ASP n 
1 20  GLU n 
1 21  GLY n 
1 22  VAL n 
1 23  GLU n 
1 24  GLU n 
1 25  ILE n 
1 26  ASP n 
1 27  ILE n 
1 28  GLU n 
1 29  LEU n 
1 30  ALA n 
1 31  ARG n 
1 32  LEU n 
1 33  ARG n 
1 34  PHE n 
1 35  GLU n 
1 36  SER n 
1 37  ALA n 
1 38  VAL n 
1 39  GLU n 
1 40  THR n 
1 41  LEU n 
1 42  LEU n 
1 43  ASP n 
1 44  ILE n 
1 45  GLU n 
1 46  SER n 
1 47  GLN n 
1 48  LEU n 
1 49  GLU n 
1 50  ASP n 
1 51  LEU n 
1 52  SER n 
1 53  GLU n 
1 54  ARG n 
1 55  ILE n 
1 56  SER n 
1 57  ASP n 
1 58  GLU n 
1 59  GLU n 
1 60  LEU n 
1 61  MET n 
1 62  LEU n 
1 63  LEU n 
1 64  ASN n 
1 65  LEU n 
1 66  ILE n 
1 67  SER n 
1 68  LEU n 
1 69  LYS n 
1 70  ILE n 
1 71  GLU n 
1 72  GLN n 
1 73  ARG n 
1 74  ARG n 
1 75  GLU n 
1 76  ALA n 
1 77  ILE n 
1 78  SER n 
1 79  SER n 
1 80  LYS n 
1 81  LEU n 
1 82  SER n 
1 83  GLN n 
1 84  SER n 
1 85  ILE n 
1 86  LEU n 
1 87  SER n 
1 88  SER n 
1 89  ASN n 
1 90  GLU n 
1 91  ILE n 
1 92  VAL n 
1 93  HIS n 
1 94  LEU n 
1 95  LYS n 
1 96  SER n 
1 97  GLY n 
1 98  THR n 
1 99  GLU n 
1 100 ASN n 
1 101 MET n 
1 102 ILE n 
1 103 LYS n 
1 104 LEU n 
1 105 GLY n 
1 106 LEU n 
1 107 PRO n 
1 108 GLU n 
1 109 GLN n 
1 110 ALA n 
1 111 LEU n 
1 112 ASP n 
1 113 LEU n 
1 114 PHE n 
1 115 LEU n 
1 116 GLN n 
1 117 ASN n 
1 118 ARG n 
1 119 SER n 
1 120 ASN n 
1 121 PHE n 
1 122 ILE n 
1 123 GLN n 
1 124 ASP n 
1 125 LEU n 
1 126 ILE n 
1 127 LEU n 
1 128 GLN n 
1 129 ILE n 
1 130 GLY n 
1 131 SER n 
1 132 VAL n 
1 133 ASP n 
1 134 ASN n 
1 135 PRO n 
1 136 THR n 
1 137 ASN n 
1 138 TYR n 
1 139 LEU n 
1 140 THR n 
1 141 GLN n 
1 142 LEU n 
1 143 ALA n 
1 144 VAL n 
1 145 ILE n 
1 146 ARG n 
1 147 PHE n 
1 148 GLN n 
1 149 THR n 
1 150 ILE n 
1 151 LYS n 
1 152 LYS n 
1 153 THR n 
1 154 VAL n 
1 155 GLU n 
1 156 ASP n 
1 157 PHE n 
1 158 GLN n 
1 159 ASP n 
1 160 ILE n 
1 161 PHE n 
1 162 LYS n 
1 163 GLU n 
1 164 LEU n 
1 165 GLY n 
1 166 ALA n 
1 167 LYS n 
1 168 ILE n 
1 169 SER n 
1 170 SER n 
1 171 ILE n 
1 172 LEU n 
1 173 VAL n 
1 174 ASP n 
1 175 TRP n 
1 176 CYS n 
1 177 SER n 
1 178 ASP n 
1 179 GLU n 
1 180 VAL n 
1 181 ASP n 
1 182 ASN n 
1 183 HIS n 
1 184 PHE n 
1 185 LYS n 
1 186 LEU n 
1 187 ILE n 
1 188 ASP n 
1 189 LYS n 
1 190 GLN n 
1 191 LEU n 
1 192 LEU n 
1 193 ASN n 
1 194 ASP n 
1 195 GLU n 
1 196 MET n 
1 197 LEU n 
1 198 SER n 
1 199 PRO n 
1 200 GLY n 
1 201 SER n 
1 202 ILE n 
1 203 LYS n 
1 204 SER n 
1 205 SER n 
1 206 ARG n 
1 207 LYS n 
1 208 GLN n 
1 209 ILE n 
1 210 ASP n 
1 211 GLY n 
1 212 LEU n 
1 213 LYS n 
1 214 ALA n 
1 215 VAL n 
1 216 GLY n 
1 217 LEU n 
1 218 ASP n 
1 219 PHE n 
1 220 VAL n 
1 221 TYR n 
1 222 LYS n 
1 223 LEU n 
1 224 ASP n 
1 225 GLU n 
1 226 PHE n 
1 227 ILE n 
1 228 LYS n 
1 229 LYS n 
1 230 ASN n 
1 231 SER n 
1 232 ASP n 
1 233 LYS n 
1 234 ILE n 
1 235 ARG n 
# 
_entity_src_gen.entity_id                          1 
_entity_src_gen.pdbx_src_id                        1 
_entity_src_gen.pdbx_alt_source_flag               sample 
_entity_src_gen.pdbx_seq_type                      ? 
_entity_src_gen.pdbx_beg_seq_num                   ? 
_entity_src_gen.pdbx_end_seq_num                   ? 
_entity_src_gen.gene_src_common_name               
;baker's yeast
;
_entity_src_gen.gene_src_genus                     Saccharomyces 
_entity_src_gen.pdbx_gene_src_gene                 ? 
_entity_src_gen.gene_src_species                   ? 
_entity_src_gen.gene_src_strain                    ? 
_entity_src_gen.gene_src_tissue                    ? 
_entity_src_gen.gene_src_tissue_fraction           ? 
_entity_src_gen.gene_src_details                   ? 
_entity_src_gen.pdbx_gene_src_fragment             ? 
_entity_src_gen.pdbx_gene_src_scientific_name      'Saccharomyces cerevisiae' 
_entity_src_gen.pdbx_gene_src_ncbi_taxonomy_id     4932 
_entity_src_gen.pdbx_gene_src_variant              ? 
_entity_src_gen.pdbx_gene_src_cell_line            ? 
_entity_src_gen.pdbx_gene_src_atcc                 ? 
_entity_src_gen.pdbx_gene_src_organ                ? 
_entity_src_gen.pdbx_gene_src_organelle            ? 
_entity_src_gen.pdbx_gene_src_cell                 ? 
_entity_src_gen.pdbx_gene_src_cellular_location    ? 
_entity_src_gen.host_org_common_name               ? 
_entity_src_gen.pdbx_host_org_scientific_name      'Escherichia coli BL21(DE3)' 
_entity_src_gen.pdbx_host_org_ncbi_taxonomy_id     469008 
_entity_src_gen.host_org_genus                     Escherichia 
_entity_src_gen.pdbx_host_org_gene                 ? 
_entity_src_gen.pdbx_host_org_organ                ? 
_entity_src_gen.host_org_species                   'Escherichia coli' 
_entity_src_gen.pdbx_host_org_tissue               ? 
_entity_src_gen.pdbx_host_org_tissue_fraction      ? 
_entity_src_gen.pdbx_host_org_strain               'BL21(DE3)' 
_entity_src_gen.pdbx_host_org_variant              ? 
_entity_src_gen.pdbx_host_org_cell_line            ? 
_entity_src_gen.pdbx_host_org_atcc                 ? 
_entity_src_gen.pdbx_host_org_culture_collection   ? 
_entity_src_gen.pdbx_host_org_cell                 ? 
_entity_src_gen.pdbx_host_org_organelle            ? 
_entity_src_gen.pdbx_host_org_cellular_location    ? 
_entity_src_gen.pdbx_host_org_vector_type          plasmid 
_entity_src_gen.pdbx_host_org_vector               ? 
_entity_src_gen.host_org_details                   ? 
_entity_src_gen.expression_system_id               ? 
_entity_src_gen.plasmid_name                       pET15b 
_entity_src_gen.plasmid_details                    ? 
_entity_src_gen.pdbx_description                   ? 
# 
loop_
_chem_comp.id 
_chem_comp.type 
_chem_comp.mon_nstd_flag 
_chem_comp.name 
_chem_comp.pdbx_synonyms 
_chem_comp.formula 
_chem_comp.formula_weight 
ALA 'L-peptide linking' y ALANINE         ? 'C3 H7 N O2'     89.093  
ARG 'L-peptide linking' y ARGININE        ? 'C6 H15 N4 O2 1' 175.209 
ASN 'L-peptide linking' y ASPARAGINE      ? 'C4 H8 N2 O3'    132.118 
ASP 'L-peptide linking' y 'ASPARTIC ACID' ? 'C4 H7 N O4'     133.103 
CYS 'L-peptide linking' y CYSTEINE        ? 'C3 H7 N O2 S'   121.158 
GLN 'L-peptide linking' y GLUTAMINE       ? 'C5 H10 N2 O3'   146.144 
GLU 'L-peptide linking' y 'GLUTAMIC ACID' ? 'C5 H9 N O4'     147.129 
GLY 'peptide linking'   y GLYCINE         ? 'C2 H5 N O2'     75.067  
HIS 'L-peptide linking' y HISTIDINE       ? 'C6 H10 N3 O2 1' 156.162 
ILE 'L-peptide linking' y ISOLEUCINE      ? 'C6 H13 N O2'    131.173 
LEU 'L-peptide linking' y LEUCINE         ? 'C6 H13 N O2'    131.173 
LYS 'L-peptide linking' y LYSINE          ? 'C6 H15 N2 O2 1' 147.195 
MET 'L-peptide linking' y METHIONINE      ? 'C5 H11 N O2 S'  149.211 
PHE 'L-peptide linking' y PHENYLALANINE   ? 'C9 H11 N O2'    165.189 
PRO 'L-peptide linking' y PROLINE         ? 'C5 H9 N O2'     115.130 
SER 'L-peptide linking' y SERINE          ? 'C3 H7 N O3'     105.093 
THR 'L-peptide linking' y THREONINE       ? 'C4 H9 N O3'     119.119 
TRP 'L-peptide linking' y TRYPTOPHAN      ? 'C11 H12 N2 O2'  204.225 
TYR 'L-peptide linking' y TYROSINE        ? 'C9 H11 N O3'    181.189 
VAL 'L-peptide linking' y VALINE          ? 'C5 H11 N O2'    117.146 
# 
loop_
_pdbx_poly_seq_scheme.asym_id 
_pdbx_poly_seq_scheme.entity_id 
_pdbx_poly_seq_scheme.seq_id 
_pdbx_poly_seq_scheme.mon_id 
_pdbx_poly_seq_scheme.ndb_seq_num 
_pdbx_poly_seq_scheme.pdb_seq_num 
_pdbx_poly_seq_scheme.auth_seq_num 
_pdbx_poly_seq_scheme.pdb_mon_id 
_pdbx_poly_seq_scheme.auth_mon_id 
_pdbx_poly_seq_scheme.pdb_strand_id 
_pdbx_poly_seq_scheme.pdb_ins_code 
_pdbx_poly_seq_scheme.hetero 
A 1 1   GLY 1   519 ?   ?   ?   A . n 
A 1 2   SER 2   520 ?   ?   ?   A . n 
A 1 3   HIS 3   521 ?   ?   ?   A . n 
A 1 4   MET 4   522 ?   ?   ?   A . n 
A 1 5   SER 5   523 ?   ?   ?   A . n 
A 1 6   ARG 6   524 ?   ?   ?   A . n 
A 1 7   ASP 7   525 525 ASP ASP A . n 
A 1 8   MET 8   526 526 MET MET A . n 
A 1 9   SER 9   527 527 SER SER A . n 
A 1 10  SER 10  528 528 SER SER A . n 
A 1 11  THR 11  529 529 THR THR A . n 
A 1 12  ALA 12  530 530 ALA ALA A . n 
A 1 13  GLN 13  531 531 GLN GLN A . n 
A 1 14  ARG 14  532 532 ARG ARG A . n 
A 1 15  LEU 15  533 533 LEU LEU A . n 
A 1 16  LYS 16  534 534 LYS LYS A . n 
A 1 17  PHE 17  535 535 PHE PHE A . n 
A 1 18  LEU 18  536 536 LEU LEU A . n 
A 1 19  ASP 19  537 537 ASP ASP A . n 
A 1 20  GLU 20  538 538 GLU GLU A . n 
A 1 21  GLY 21  539 539 GLY GLY A . n 
A 1 22  VAL 22  540 540 VAL VAL A . n 
A 1 23  GLU 23  541 541 GLU GLU A . n 
A 1 24  GLU 24  542 542 GLU GLU A . n 
A 1 25  ILE 25  543 543 ILE ILE A . n 
A 1 26  ASP 26  544 544 ASP ASP A . n 
A 1 27  ILE 27  545 545 ILE ILE A . n 
A 1 28  GLU 28  546 546 GLU GLU A . n 
A 1 29  LEU 29  547 547 LEU LEU A . n 
A 1 30  ALA 30  548 548 ALA ALA A . n 
A 1 31  ARG 31  549 549 ARG ARG A . n 
A 1 32  LEU 32  550 550 LEU LEU A . n 
A 1 33  ARG 33  551 551 ARG ARG A . n 
A 1 34  PHE 34  552 552 PHE PHE A . n 
A 1 35  GLU 35  553 553 GLU GLU A . n 
A 1 36  SER 36  554 554 SER SER A . n 
A 1 37  ALA 37  555 555 ALA ALA A . n 
A 1 38  VAL 38  556 556 VAL VAL A . n 
A 1 39  GLU 39  557 557 GLU GLU A . n 
A 1 40  THR 40  558 558 THR THR A . n 
A 1 41  LEU 41  559 559 LEU LEU A . n 
A 1 42  LEU 42  560 560 LEU LEU A . n 
A 1 43  ASP 43  561 561 ASP ASP A . n 
A 1 44  ILE 44  562 562 ILE ILE A . n 
A 1 45  GLU 45  563 563 GLU GLU A . n 
A 1 46  SER 46  564 564 SER SER A . n 
A 1 47  GLN 47  565 565 GLN GLN A . n 
A 1 48  LEU 48  566 566 LEU LEU A . n 
A 1 49  GLU 49  567 567 GLU GLU A . n 
A 1 50  ASP 50  568 568 ASP ASP A . n 
A 1 51  LEU 51  569 569 LEU LEU A . n 
A 1 52  SER 52  570 570 SER SER A . n 
A 1 53  GLU 53  571 ?   ?   ?   A . n 
A 1 54  ARG 54  572 ?   ?   ?   A . n 
A 1 55  ILE 55  573 ?   ?   ?   A . n 
A 1 56  SER 56  574 ?   ?   ?   A . n 
A 1 57  ASP 57  575 ?   ?   ?   A . n 
A 1 58  GLU 58  576 ?   ?   ?   A . n 
A 1 59  GLU 59  577 ?   ?   ?   A . n 
A 1 60  LEU 60  578 578 LEU LEU A . n 
A 1 61  MET 61  579 579 MET MET A . n 
A 1 62  LEU 62  580 580 LEU LEU A . n 
A 1 63  LEU 63  581 581 LEU LEU A . n 
A 1 64  ASN 64  582 582 ASN ASN A . n 
A 1 65  LEU 65  583 583 LEU LEU A . n 
A 1 66  ILE 66  584 584 ILE ILE A . n 
A 1 67  SER 67  585 585 SER SER A . n 
A 1 68  LEU 68  586 586 LEU LEU A . n 
A 1 69  LYS 69  587 587 LYS LYS A . n 
A 1 70  ILE 70  588 588 ILE ILE A . n 
A 1 71  GLU 71  589 589 GLU GLU A . n 
A 1 72  GLN 72  590 590 GLN GLN A . n 
A 1 73  ARG 73  591 591 ARG ARG A . n 
A 1 74  ARG 74  592 592 ARG ARG A . n 
A 1 75  GLU 75  593 593 GLU GLU A . n 
A 1 76  ALA 76  594 594 ALA ALA A . n 
A 1 77  ILE 77  595 595 ILE ILE A . n 
A 1 78  SER 78  596 596 SER SER A . n 
A 1 79  SER 79  597 597 SER SER A . n 
A 1 80  LYS 80  598 598 LYS LYS A . n 
A 1 81  LEU 81  599 599 LEU LEU A . n 
A 1 82  SER 82  600 600 SER SER A . n 
A 1 83  GLN 83  601 601 GLN GLN A . n 
A 1 84  SER 84  602 602 SER SER A . n 
A 1 85  ILE 85  603 603 ILE ILE A . n 
A 1 86  LEU 86  604 604 LEU LEU A . n 
A 1 87  SER 87  605 605 SER SER A . n 
A 1 88  SER 88  606 606 SER SER A . n 
A 1 89  ASN 89  607 607 ASN ASN A . n 
A 1 90  GLU 90  608 608 GLU GLU A . n 
A 1 91  ILE 91  609 609 ILE ILE A . n 
A 1 92  VAL 92  610 610 VAL VAL A . n 
A 1 93  HIS 93  611 611 HIS HIS A . n 
A 1 94  LEU 94  612 612 LEU LEU A . n 
A 1 95  LYS 95  613 613 LYS LYS A . n 
A 1 96  SER 96  614 614 SER SER A . n 
A 1 97  GLY 97  615 615 GLY GLY A . n 
A 1 98  THR 98  616 616 THR THR A . n 
A 1 99  GLU 99  617 617 GLU GLU A . n 
A 1 100 ASN 100 618 618 ASN ASN A . n 
A 1 101 MET 101 619 619 MET MET A . n 
A 1 102 ILE 102 620 620 ILE ILE A . n 
A 1 103 LYS 103 621 621 LYS LYS A . n 
A 1 104 LEU 104 622 622 LEU LEU A . n 
A 1 105 GLY 105 623 623 GLY GLY A . n 
A 1 106 LEU 106 624 624 LEU LEU A . n 
A 1 107 PRO 107 625 625 PRO PRO A . n 
A 1 108 GLU 108 626 626 GLU GLU A . n 
A 1 109 GLN 109 627 627 GLN GLN A . n 
A 1 110 ALA 110 628 628 ALA ALA A . n 
A 1 111 LEU 111 629 629 LEU LEU A . n 
A 1 112 ASP 112 630 630 ASP ASP A . n 
A 1 113 LEU 113 631 631 LEU LEU A . n 
A 1 114 PHE 114 632 632 PHE PHE A . n 
A 1 115 LEU 115 633 633 LEU LEU A . n 
A 1 116 GLN 116 634 634 GLN GLN A . n 
A 1 117 ASN 117 635 635 ASN ASN A . n 
A 1 118 ARG 118 636 636 ARG ARG A . n 
A 1 119 SER 119 637 637 SER SER A . n 
A 1 120 ASN 120 638 638 ASN ASN A . n 
A 1 121 PHE 121 639 639 PHE PHE A . n 
A 1 122 ILE 122 640 640 ILE ILE A . n 
A 1 123 GLN 123 641 641 GLN GLN A . n 
A 1 124 ASP 124 642 642 ASP ASP A . n 
A 1 125 LEU 125 643 643 LEU LEU A . n 
A 1 126 ILE 126 644 644 ILE ILE A . n 
A 1 127 LEU 127 645 645 LEU LEU A . n 
A 1 128 GLN 128 646 646 GLN GLN A . n 
A 1 129 ILE 129 647 647 ILE ILE A . n 
A 1 130 GLY 130 648 ?   ?   ?   A . n 
A 1 131 SER 131 649 ?   ?   ?   A . n 
A 1 132 VAL 132 650 650 VAL VAL A . n 
A 1 133 ASP 133 651 651 ASP ASP A . n 
A 1 134 ASN 134 652 652 ASN ASN A . n 
A 1 135 PRO 135 653 653 PRO PRO A . n 
A 1 136 THR 136 654 654 THR THR A . n 
A 1 137 ASN 137 655 655 ASN ASN A . n 
A 1 138 TYR 138 656 656 TYR TYR A . n 
A 1 139 LEU 139 657 657 LEU LEU A . n 
A 1 140 THR 140 658 658 THR THR A . n 
A 1 141 GLN 141 659 659 GLN GLN A . n 
A 1 142 LEU 142 660 660 LEU LEU A . n 
A 1 143 ALA 143 661 661 ALA ALA A . n 
A 1 144 VAL 144 662 662 VAL VAL A . n 
A 1 145 ILE 145 663 663 ILE ILE A . n 
A 1 146 ARG 146 664 664 ARG ARG A . n 
A 1 147 PHE 147 665 665 PHE PHE A . n 
A 1 148 GLN 148 666 666 GLN GLN A . n 
A 1 149 THR 149 667 667 THR THR A . n 
A 1 150 ILE 150 668 668 ILE ILE A . n 
A 1 151 LYS 151 669 669 LYS LYS A . n 
A 1 152 LYS 152 670 670 LYS LYS A . n 
A 1 153 THR 153 671 671 THR THR A . n 
A 1 154 VAL 154 672 672 VAL VAL A . n 
A 1 155 GLU 155 673 673 GLU GLU A . n 
A 1 156 ASP 156 674 674 ASP ASP A . n 
A 1 157 PHE 157 675 675 PHE PHE A . n 
A 1 158 GLN 158 676 676 GLN GLN A . n 
A 1 159 ASP 159 677 677 ASP ASP A . n 
A 1 160 ILE 160 678 678 ILE ILE A . n 
A 1 161 PHE 161 679 679 PHE PHE A . n 
A 1 162 LYS 162 680 680 LYS LYS A . n 
A 1 163 GLU 163 681 681 GLU GLU A . n 
A 1 164 LEU 164 682 682 LEU LEU A . n 
A 1 165 GLY 165 683 683 GLY GLY A . n 
A 1 166 ALA 166 684 684 ALA ALA A . n 
A 1 167 LYS 167 685 685 LYS LYS A . n 
A 1 168 ILE 168 686 686 ILE ILE A . n 
A 1 169 SER 169 687 687 SER SER A . n 
A 1 170 SER 170 688 688 SER SER A . n 
A 1 171 ILE 171 689 689 ILE ILE A . n 
A 1 172 LEU 172 690 690 LEU LEU A . n 
A 1 173 VAL 173 691 691 VAL VAL A . n 
A 1 174 ASP 174 692 692 ASP ASP A . n 
A 1 175 TRP 175 693 693 TRP TRP A . n 
A 1 176 CYS 176 694 694 CYS CYS A . n 
A 1 177 SER 177 695 695 SER SER A . n 
A 1 178 ASP 178 696 696 ASP ASP A . n 
A 1 179 GLU 179 697 697 GLU GLU A . n 
A 1 180 VAL 180 698 698 VAL VAL A . n 
A 1 181 ASP 181 699 699 ASP ASP A . n 
A 1 182 ASN 182 700 700 ASN ASN A . n 
A 1 183 HIS 183 701 701 HIS HIS A . n 
A 1 184 PHE 184 702 702 PHE PHE A . n 
A 1 185 LYS 185 703 703 LYS LYS A . n 
A 1 186 LEU 186 704 704 LEU LEU A . n 
A 1 187 ILE 187 705 705 ILE ILE A . n 
A 1 188 ASP 188 706 706 ASP ASP A . n 
A 1 189 LYS 189 707 707 LYS LYS A . n 
A 1 190 GLN 190 708 708 GLN GLN A . n 
A 1 191 LEU 191 709 709 LEU LEU A . n 
A 1 192 LEU 192 710 710 LEU LEU A . n 
A 1 193 ASN 193 711 711 ASN ASN A . n 
A 1 194 ASP 194 712 ?   ?   ?   A . n 
A 1 195 GLU 195 713 ?   ?   ?   A . n 
A 1 196 MET 196 714 ?   ?   ?   A . n 
A 1 197 LEU 197 715 715 LEU LEU A . n 
A 1 198 SER 198 716 716 SER SER A . n 
A 1 199 PRO 199 717 717 PRO PRO A . n 
A 1 200 GLY 200 718 718 GLY GLY A . n 
A 1 201 SER 201 719 719 SER SER A . n 
A 1 202 ILE 202 720 720 ILE ILE A . n 
A 1 203 LYS 203 721 721 LYS LYS A . n 
A 1 204 SER 204 722 722 SER SER A . n 
A 1 205 SER 205 723 723 SER SER A . n 
A 1 206 ARG 206 724 724 ARG ARG A . n 
A 1 207 LYS 207 725 725 LYS LYS A . n 
A 1 208 GLN 208 726 726 GLN GLN A . n 
A 1 209 ILE 209 727 727 ILE ILE A . n 
A 1 210 ASP 210 728 728 ASP ASP A . n 
A 1 211 GLY 211 729 729 GLY GLY A . n 
A 1 212 LEU 212 730 730 LEU LEU A . n 
A 1 213 LYS 213 731 731 LYS LYS A . n 
A 1 214 ALA 214 732 732 ALA ALA A . n 
A 1 215 VAL 215 733 733 VAL VAL A . n 
A 1 216 GLY 216 734 734 GLY GLY A . n 
A 1 217 LEU 217 735 735 LEU LEU A . n 
A 1 218 ASP 218 736 736 ASP ASP A . n 
A 1 219 PHE 219 737 737 PHE PHE A . n 
A 1 220 VAL 220 738 738 VAL VAL A . n 
A 1 221 TYR 221 739 739 TYR TYR A . n 
A 1 222 LYS 222 740 740 LYS LYS A . n 
A 1 223 LEU 223 741 741 LEU LEU A . n 
A 1 224 ASP 224 742 742 ASP ASP A . n 
A 1 225 GLU 225 743 743 GLU GLU A . n 
A 1 226 PHE 226 744 744 PHE PHE A . n 
A 1 227 ILE 227 745 745 ILE ILE A . n 
A 1 228 LYS 228 746 746 LYS LYS A . n 
A 1 229 LYS 229 747 747 LYS LYS A . n 
A 1 230 ASN 230 748 748 ASN ASN A . n 
A 1 231 SER 231 749 749 SER SER A . n 
A 1 232 ASP 232 750 750 ASP ASP A . n 
A 1 233 LYS 233 751 751 LYS LYS A . n 
A 1 234 ILE 234 752 752 ILE ILE A . n 
A 1 235 ARG 235 753 753 ARG ARG A . n 
# 
loop_
_software.name 
_software.classification 
_software.version 
_software.citation_id 
_software.pdbx_ordinal 
HKL-2000  'data collection' . ? 1 
SCALEPACK 'data scaling'    . ? 2 
CNS       refinement        . ? 3 
HKL-2000  'data reduction'  . ? 4 
CNS       phasing           . ? 5 
# 
_cell.entry_id           2D2S 
_cell.length_a           54.850 
_cell.length_b           54.850 
_cell.length_c           209.130 
_cell.angle_alpha        90.00 
_cell.angle_beta         90.00 
_cell.angle_gamma        90.00 
_cell.Z_PDB              8 
_cell.pdbx_unique_axis   ? 
# 
_symmetry.entry_id                         2D2S 
_symmetry.space_group_name_H-M             'P 43 21 2' 
_symmetry.pdbx_full_space_group_name_H-M   ? 
_symmetry.cell_setting                     ? 
_symmetry.Int_Tables_number                96 
_symmetry.space_group_name_Hall            ? 
# 
_exptl.entry_id          2D2S 
_exptl.method            'X-RAY DIFFRACTION' 
_exptl.crystals_number   1 
# 
_exptl_crystal.id                    1 
_exptl_crystal.density_meas          ? 
_exptl_crystal.density_Matthews      2.93 
_exptl_crystal.density_percent_sol   56.46 
_exptl_crystal.description           ? 
_exptl_crystal.F_000                 ? 
_exptl_crystal.preparation           ? 
# 
_exptl_crystal_grow.crystal_id      1 
_exptl_crystal_grow.method          'VAPOR DIFFUSION, HANGING DROP' 
_exptl_crystal_grow.temp            277 
_exptl_crystal_grow.temp_details    ? 
_exptl_crystal_grow.pH              7.5 
_exptl_crystal_grow.pdbx_details    
'PEG 3000, iso-propanol, sodium cloride, dithiothreitol, pH 7.5, VAPOR DIFFUSION, HANGING DROP, temperature 277K' 
_exptl_crystal_grow.pdbx_pH_range   . 
# 
_diffrn.id                     1 
_diffrn.ambient_temp           ? 
_diffrn.ambient_temp_details   ? 
_diffrn.crystal_id             1 
# 
_diffrn_radiation.diffrn_id                        1 
_diffrn_radiation.wavelength_id                    1 
_diffrn_radiation.pdbx_monochromatic_or_laue_m_l   M 
_diffrn_radiation.monochromator                    ? 
_diffrn_radiation.pdbx_diffrn_protocol             MAD 
_diffrn_radiation.pdbx_scattering_type             x-ray 
# 
_diffrn_radiation_wavelength.id           1 
_diffrn_radiation_wavelength.wavelength   . 
_diffrn_radiation_wavelength.wt           1.0 
# 
_reflns.entry_id                     2D2S 
_reflns.observed_criterion_sigma_F   0 
_reflns.observed_criterion_sigma_I   0.0 
_reflns.d_resolution_high            2.85 
_reflns.d_resolution_low             15 
_reflns.number_all                   13025 
_reflns.number_obs                   13025 
_reflns.percent_possible_obs         97.5 
_reflns.pdbx_Rmerge_I_obs            ? 
_reflns.pdbx_Rsym_value              ? 
_reflns.pdbx_netI_over_sigmaI        ? 
_reflns.B_iso_Wilson_estimate        ? 
_reflns.pdbx_redundancy              ? 
_reflns.R_free_details               ? 
_reflns.limit_h_max                  ? 
_reflns.limit_h_min                  ? 
_reflns.limit_k_max                  ? 
_reflns.limit_k_min                  ? 
_reflns.limit_l_max                  ? 
_reflns.limit_l_min                  ? 
_reflns.observed_criterion_F_max     ? 
_reflns.observed_criterion_F_min     ? 
_reflns.pdbx_chi_squared             ? 
_reflns.pdbx_scaling_rejects         ? 
_reflns.pdbx_diffrn_id               1 
_reflns.pdbx_ordinal                 1 
# 
_reflns_shell.d_res_high             2.85 
_reflns_shell.d_res_low              2.95 
_reflns_shell.percent_possible_all   57.2 
_reflns_shell.Rmerge_I_obs           ? 
_reflns_shell.pdbx_Rsym_value        ? 
_reflns_shell.meanI_over_sigI_obs    ? 
_reflns_shell.pdbx_redundancy        ? 
_reflns_shell.percent_possible_obs   ? 
_reflns_shell.number_unique_all      ? 
_reflns_shell.number_measured_all    ? 
_reflns_shell.number_measured_obs    ? 
_reflns_shell.number_unique_obs      ? 
_reflns_shell.pdbx_chi_squared       ? 
_reflns_shell.pdbx_diffrn_id         ? 
_reflns_shell.pdbx_ordinal           1 
# 
_refine.entry_id                                 2D2S 
_refine.ls_d_res_high                            2.85 
_refine.ls_d_res_low                             15 
_refine.pdbx_ls_sigma_F                          2.0 
_refine.pdbx_ls_sigma_I                          ? 
_refine.ls_number_reflns_all                     13025 
_refine.ls_number_reflns_obs                     12362 
_refine.ls_number_reflns_R_free                  1101 
_refine.ls_percent_reflns_obs                    ? 
_refine.ls_R_factor_all                          0.31 
_refine.ls_R_factor_obs                          0.273 
_refine.ls_R_factor_R_work                       0.269 
_refine.ls_R_factor_R_free                       0.306 
_refine.ls_redundancy_reflns_obs                 ? 
_refine.pdbx_data_cutoff_high_absF               ? 
_refine.pdbx_data_cutoff_low_absF                ? 
_refine.ls_number_parameters                     ? 
_refine.ls_number_restraints                     ? 
_refine.ls_percent_reflns_R_free                 ? 
_refine.ls_R_factor_R_free_error                 ? 
_refine.ls_R_factor_R_free_error_details         ? 
_refine.pdbx_method_to_determine_struct          MAD 
_refine.pdbx_starting_model                      ? 
_refine.pdbx_ls_cross_valid_method               ? 
_refine.pdbx_R_Free_selection_details            RANDOM 
_refine.pdbx_stereochem_target_val_spec_case     ? 
_refine.pdbx_stereochemistry_target_values       'Engh & Huber' 
_refine.solvent_model_details                    ? 
_refine.solvent_model_param_bsol                 ? 
_refine.solvent_model_param_ksol                 ? 
_refine.occupancy_max                            ? 
_refine.occupancy_min                            ? 
_refine.pdbx_isotropic_thermal_model             ? 
_refine.B_iso_mean                               ? 
_refine.aniso_B[1][1]                            ? 
_refine.aniso_B[1][2]                            ? 
_refine.aniso_B[1][3]                            ? 
_refine.aniso_B[2][2]                            ? 
_refine.aniso_B[2][3]                            ? 
_refine.aniso_B[3][3]                            ? 
_refine.details                                  ? 
_refine.B_iso_min                                ? 
_refine.B_iso_max                                ? 
_refine.correlation_coeff_Fo_to_Fc               ? 
_refine.correlation_coeff_Fo_to_Fc_free          ? 
_refine.pdbx_solvent_vdw_probe_radii             ? 
_refine.pdbx_solvent_ion_probe_radii             ? 
_refine.pdbx_solvent_shrinkage_radii             ? 
_refine.overall_SU_R_Cruickshank_DPI             ? 
_refine.overall_SU_R_free                        ? 
_refine.overall_SU_ML                            ? 
_refine.overall_SU_B                             ? 
_refine.pdbx_overall_ESU_R_Free                  ? 
_refine.pdbx_data_cutoff_high_rms_absF           ? 
_refine.pdbx_overall_ESU_R                       ? 
_refine.ls_wR_factor_R_free                      ? 
_refine.ls_wR_factor_R_work                      ? 
_refine.overall_FOM_free_R_set                   ? 
_refine.overall_FOM_work_R_set                   ? 
_refine.pdbx_refine_id                           'X-RAY DIFFRACTION' 
_refine.pdbx_diffrn_id                           1 
_refine.pdbx_TLS_residual_ADP_flag               ? 
_refine.pdbx_overall_phase_error                 ? 
_refine.pdbx_overall_SU_R_free_Cruickshank_DPI   ? 
_refine.pdbx_overall_SU_R_Blow_DPI               ? 
_refine.pdbx_overall_SU_R_free_Blow_DPI          ? 
# 
_refine_hist.pdbx_refine_id                   'X-RAY DIFFRACTION' 
_refine_hist.cycle_id                         LAST 
_refine_hist.pdbx_number_atoms_protein        1742 
_refine_hist.pdbx_number_atoms_nucleic_acid   0 
_refine_hist.pdbx_number_atoms_ligand         0 
_refine_hist.number_atoms_solvent             0 
_refine_hist.number_atoms_total               1742 
_refine_hist.d_res_high                       2.85 
_refine_hist.d_res_low                        15 
# 
_struct.entry_id                  2D2S 
_struct.title                     'Crystal Structure of the Exo84p C-terminal Domains' 
_struct.pdbx_model_details        ? 
_struct.pdbx_CASP_flag            ? 
_struct.pdbx_model_type_details   ? 
# 
_struct_keywords.entry_id        2D2S 
_struct_keywords.pdbx_keywords   ENDOCYTOSIS/EXOCYTOSIS 
_struct_keywords.text            'tethering complex, exocyst, Exo84p, ENDOCYTOSIS-EXOCYTOSIS COMPLEX' 
# 
_struct_asym.id                            A 
_struct_asym.pdbx_blank_PDB_chainid_flag   N 
_struct_asym.pdbx_modified                 N 
_struct_asym.entity_id                     1 
_struct_asym.details                       ? 
# 
_struct_ref.id                         1 
_struct_ref.db_name                    UNP 
_struct_ref.db_code                    EXO84_YEAST 
_struct_ref.pdbx_db_accession          P38261 
_struct_ref.entity_id                  1 
_struct_ref.pdbx_seq_one_letter_code   
;SRDMSSTAQRLKFLDEGVEEIDIELARLRFESAVETLLDIESQLEDLSERISDEELMLLNLISLKIEQRREAISSKLSQS
ILSSNEIVHLKSGTENMIKLGLPEQALDLFLQNRSNFIQDLILQIGSVDNPTNYLTQLAVIRFQTIKKTVEDFQDIFKEL
GAKISSILVDWCSDEVDNHFKLIDKQLLNDEMLSPGSIKSSRKQIDGLKAVGLDFVYKLDEFIKKNSDKIR
;
_struct_ref.pdbx_align_begin           523 
_struct_ref.pdbx_db_isoform            ? 
# 
_struct_ref_seq.align_id                      1 
_struct_ref_seq.ref_id                        1 
_struct_ref_seq.pdbx_PDB_id_code              2D2S 
_struct_ref_seq.pdbx_strand_id                A 
_struct_ref_seq.seq_align_beg                 5 
_struct_ref_seq.pdbx_seq_align_beg_ins_code   ? 
_struct_ref_seq.seq_align_end                 235 
_struct_ref_seq.pdbx_seq_align_end_ins_code   ? 
_struct_ref_seq.pdbx_db_accession             P38261 
_struct_ref_seq.db_align_beg                  523 
_struct_ref_seq.pdbx_db_align_beg_ins_code    ? 
_struct_ref_seq.db_align_end                  753 
_struct_ref_seq.pdbx_db_align_end_ins_code    ? 
_struct_ref_seq.pdbx_auth_seq_align_beg       523 
_struct_ref_seq.pdbx_auth_seq_align_end       753 
# 
loop_
_struct_ref_seq_dif.align_id 
_struct_ref_seq_dif.pdbx_pdb_id_code 
_struct_ref_seq_dif.mon_id 
_struct_ref_seq_dif.pdbx_pdb_strand_id 
_struct_ref_seq_dif.seq_num 
_struct_ref_seq_dif.pdbx_pdb_ins_code 
_struct_ref_seq_dif.pdbx_seq_db_name 
_struct_ref_seq_dif.pdbx_seq_db_accession_code 
_struct_ref_seq_dif.db_mon_id 
_struct_ref_seq_dif.pdbx_seq_db_seq_num 
_struct_ref_seq_dif.details 
_struct_ref_seq_dif.pdbx_auth_seq_num 
_struct_ref_seq_dif.pdbx_ordinal 
1 2D2S GLY A 1 ? UNP P38261 ? ? 'cloning artifact' 519 1 
1 2D2S SER A 2 ? UNP P38261 ? ? 'cloning artifact' 520 2 
1 2D2S HIS A 3 ? UNP P38261 ? ? 'cloning artifact' 521 3 
1 2D2S MET A 4 ? UNP P38261 ? ? 'cloning artifact' 522 4 
# 
_pdbx_struct_assembly.id                   1 
_pdbx_struct_assembly.details              author_defined_assembly 
_pdbx_struct_assembly.method_details       ? 
_pdbx_struct_assembly.oligomeric_details   monomeric 
_pdbx_struct_assembly.oligomeric_count     1 
# 
_pdbx_struct_assembly_gen.assembly_id       1 
_pdbx_struct_assembly_gen.oper_expression   1 
_pdbx_struct_assembly_gen.asym_id_list      A 
# 
_pdbx_struct_oper_list.id                   1 
_pdbx_struct_oper_list.type                 'identity operation' 
_pdbx_struct_oper_list.name                 1_555 
_pdbx_struct_oper_list.symmetry_operation   x,y,z 
_pdbx_struct_oper_list.matrix[1][1]         1.0000000000 
_pdbx_struct_oper_list.matrix[1][2]         0.0000000000 
_pdbx_struct_oper_list.matrix[1][3]         0.0000000000 
_pdbx_struct_oper_list.vector[1]            0.0000000000 
_pdbx_struct_oper_list.matrix[2][1]         0.0000000000 
_pdbx_struct_oper_list.matrix[2][2]         1.0000000000 
_pdbx_struct_oper_list.matrix[2][3]         0.0000000000 
_pdbx_struct_oper_list.vector[2]            0.0000000000 
_pdbx_struct_oper_list.matrix[3][1]         0.0000000000 
_pdbx_struct_oper_list.matrix[3][2]         0.0000000000 
_pdbx_struct_oper_list.matrix[3][3]         1.0000000000 
_pdbx_struct_oper_list.vector[3]            0.0000000000 
# 
_struct_biol.id                    1 
_struct_biol.pdbx_parent_biol_id   ? 
_struct_biol.details               ? 
# 
loop_
_struct_conf.conf_type_id 
_struct_conf.id 
_struct_conf.pdbx_PDB_helix_id 
_struct_conf.beg_label_comp_id 
_struct_conf.beg_label_asym_id 
_struct_conf.beg_label_seq_id 
_struct_conf.pdbx_beg_PDB_ins_code 
_struct_conf.end_label_comp_id 
_struct_conf.end_label_asym_id 
_struct_conf.end_label_seq_id 
_struct_conf.pdbx_end_PDB_ins_code 
_struct_conf.beg_auth_comp_id 
_struct_conf.beg_auth_asym_id 
_struct_conf.beg_auth_seq_id 
_struct_conf.end_auth_comp_id 
_struct_conf.end_auth_asym_id 
_struct_conf.end_auth_seq_id 
_struct_conf.pdbx_PDB_helix_class 
_struct_conf.details 
_struct_conf.pdbx_PDB_helix_length 
HELX_P HELX_P1  1  SER A 9   ? ARG A 31  ? SER A 527 ARG A 549 1 ? 23 
HELX_P HELX_P2  2  ARG A 33  ? LEU A 51  ? ARG A 551 LEU A 569 1 ? 19 
HELX_P HELX_P3  3  LEU A 60  ? SER A 87  ? LEU A 578 SER A 605 1 ? 28 
HELX_P HELX_P4  4  GLU A 90  ? LEU A 104 ? GLU A 608 LEU A 622 1 ? 15 
HELX_P HELX_P5  5  LEU A 106 ? GLN A 128 ? LEU A 624 GLN A 646 1 ? 23 
HELX_P HELX_P6  6  ASN A 134 ? PHE A 161 ? ASN A 652 PHE A 679 1 ? 28 
HELX_P HELX_P7  7  GLY A 165 ? LEU A 191 ? GLY A 683 LEU A 709 1 ? 27 
HELX_P HELX_P8  8  SER A 198 ? GLY A 211 ? SER A 716 GLY A 729 1 ? 14 
HELX_P HELX_P9  9  LEU A 212 ? GLY A 216 ? LEU A 730 GLY A 734 5 ? 5  
HELX_P HELX_P10 10 PHE A 219 ? LYS A 229 ? PHE A 737 LYS A 747 1 ? 11 
HELX_P HELX_P11 11 ASN A 230 ? ILE A 234 ? ASN A 748 ILE A 752 5 ? 5  
# 
_struct_conf_type.id          HELX_P 
_struct_conf_type.criteria    ? 
_struct_conf_type.reference   ? 
# 
_pdbx_validate_rmsd_angle.id                         1 
_pdbx_validate_rmsd_angle.PDB_model_num              1 
_pdbx_validate_rmsd_angle.auth_atom_id_1             CA 
_pdbx_validate_rmsd_angle.auth_asym_id_1             A 
_pdbx_validate_rmsd_angle.auth_comp_id_1             PRO 
_pdbx_validate_rmsd_angle.auth_seq_id_1              653 
_pdbx_validate_rmsd_angle.PDB_ins_code_1             ? 
_pdbx_validate_rmsd_angle.label_alt_id_1             ? 
_pdbx_validate_rmsd_angle.auth_atom_id_2             N 
_pdbx_validate_rmsd_angle.auth_asym_id_2             A 
_pdbx_validate_rmsd_angle.auth_comp_id_2             PRO 
_pdbx_validate_rmsd_angle.auth_seq_id_2              653 
_pdbx_validate_rmsd_angle.PDB_ins_code_2             ? 
_pdbx_validate_rmsd_angle.label_alt_id_2             ? 
_pdbx_validate_rmsd_angle.auth_atom_id_3             CD 
_pdbx_validate_rmsd_angle.auth_asym_id_3             A 
_pdbx_validate_rmsd_angle.auth_comp_id_3             PRO 
_pdbx_validate_rmsd_angle.auth_seq_id_3              653 
_pdbx_validate_rmsd_angle.PDB_ins_code_3             ? 
_pdbx_validate_rmsd_angle.label_alt_id_3             ? 
_pdbx_validate_rmsd_angle.angle_value                100.24 
_pdbx_validate_rmsd_angle.angle_target_value         111.70 
_pdbx_validate_rmsd_angle.angle_deviation            -11.46 
_pdbx_validate_rmsd_angle.angle_standard_deviation   1.40 
_pdbx_validate_rmsd_angle.linker_flag                N 
# 
loop_
_pdbx_validate_torsion.id 
_pdbx_validate_torsion.PDB_model_num 
_pdbx_validate_torsion.auth_comp_id 
_pdbx_validate_torsion.auth_asym_id 
_pdbx_validate_torsion.auth_seq_id 
_pdbx_validate_torsion.PDB_ins_code 
_pdbx_validate_torsion.label_alt_id 
_pdbx_validate_torsion.phi 
_pdbx_validate_torsion.psi 
1 1 LEU A 604 ? ? -47.65 -16.00 
2 1 ASN A 607 ? ? -94.00 -69.87 
3 1 LYS A 613 ? ? -50.42 -70.67 
4 1 GLN A 646 ? ? -64.14 40.39  
5 1 VAL A 662 ? ? -41.55 -75.99 
6 1 ILE A 663 ? ? -26.28 -70.75 
7 1 ARG A 664 ? ? -48.30 -83.66 
8 1 PHE A 679 ? ? -83.44 34.74  
# 
loop_
_pdbx_unobs_or_zero_occ_residues.id 
_pdbx_unobs_or_zero_occ_residues.PDB_model_num 
_pdbx_unobs_or_zero_occ_residues.polymer_flag 
_pdbx_unobs_or_zero_occ_residues.occupancy_flag 
_pdbx_unobs_or_zero_occ_residues.auth_asym_id 
_pdbx_unobs_or_zero_occ_residues.auth_comp_id 
_pdbx_unobs_or_zero_occ_residues.auth_seq_id 
_pdbx_unobs_or_zero_occ_residues.PDB_ins_code 
_pdbx_unobs_or_zero_occ_residues.label_asym_id 
_pdbx_unobs_or_zero_occ_residues.label_comp_id 
_pdbx_unobs_or_zero_occ_residues.label_seq_id 
1  1 Y 1 A GLY 519 ? A GLY 1   
2  1 Y 1 A SER 520 ? A SER 2   
3  1 Y 1 A HIS 521 ? A HIS 3   
4  1 Y 1 A MET 522 ? A MET 4   
5  1 Y 1 A SER 523 ? A SER 5   
6  1 Y 1 A ARG 524 ? A ARG 6   
7  1 Y 1 A GLU 571 ? A GLU 53  
8  1 Y 1 A ARG 572 ? A ARG 54  
9  1 Y 1 A ILE 573 ? A ILE 55  
10 1 Y 1 A SER 574 ? A SER 56  
11 1 Y 1 A ASP 575 ? A ASP 57  
12 1 Y 1 A GLU 576 ? A GLU 58  
13 1 Y 1 A GLU 577 ? A GLU 59  
14 1 Y 1 A GLY 648 ? A GLY 130 
15 1 Y 1 A SER 649 ? A SER 131 
16 1 Y 1 A ASP 712 ? A ASP 194 
17 1 Y 1 A GLU 713 ? A GLU 195 
18 1 Y 1 A MET 714 ? A MET 196 
# 
loop_
_chem_comp_atom.comp_id 
_chem_comp_atom.atom_id 
_chem_comp_atom.type_symbol 
_chem_comp_atom.pdbx_aromatic_flag 
_chem_comp_atom.pdbx_stereo_config 
_chem_comp_atom.pdbx_ordinal 
ALA N    N N N 1   
ALA CA   C N S 2   
ALA C    C N N 3   
ALA O    O N N 4   
ALA CB   C N N 5   
ALA OXT  O N N 6   
ALA H    H N N 7   
ALA H2   H N N 8   
ALA HA   H N N 9   
ALA HB1  H N N 10  
ALA HB2  H N N 11  
ALA HB3  H N N 12  
ALA HXT  H N N 13  
ARG N    N N N 14  
ARG CA   C N S 15  
ARG C    C N N 16  
ARG O    O N N 17  
ARG CB   C N N 18  
ARG CG   C N N 19  
ARG CD   C N N 20  
ARG NE   N N N 21  
ARG CZ   C N N 22  
ARG NH1  N N N 23  
ARG NH2  N N N 24  
ARG OXT  O N N 25  
ARG H    H N N 26  
ARG H2   H N N 27  
ARG HA   H N N 28  
ARG HB2  H N N 29  
ARG HB3  H N N 30  
ARG HG2  H N N 31  
ARG HG3  H N N 32  
ARG HD2  H N N 33  
ARG HD3  H N N 34  
ARG HE   H N N 35  
ARG HH11 H N N 36  
ARG HH12 H N N 37  
ARG HH21 H N N 38  
ARG HH22 H N N 39  
ARG HXT  H N N 40  
ASN N    N N N 41  
ASN CA   C N S 42  
ASN C    C N N 43  
ASN O    O N N 44  
ASN CB   C N N 45  
ASN CG   C N N 46  
ASN OD1  O N N 47  
ASN ND2  N N N 48  
ASN OXT  O N N 49  
ASN H    H N N 50  
ASN H2   H N N 51  
ASN HA   H N N 52  
ASN HB2  H N N 53  
ASN HB3  H N N 54  
ASN HD21 H N N 55  
ASN HD22 H N N 56  
ASN HXT  H N N 57  
ASP N    N N N 58  
ASP CA   C N S 59  
ASP C    C N N 60  
ASP O    O N N 61  
ASP CB   C N N 62  
ASP CG   C N N 63  
ASP OD1  O N N 64  
ASP OD2  O N N 65  
ASP OXT  O N N 66  
ASP H    H N N 67  
ASP H2   H N N 68  
ASP HA   H N N 69  
ASP HB2  H N N 70  
ASP HB3  H N N 71  
ASP HD2  H N N 72  
ASP HXT  H N N 73  
CYS N    N N N 74  
CYS CA   C N R 75  
CYS C    C N N 76  
CYS O    O N N 77  
CYS CB   C N N 78  
CYS SG   S N N 79  
CYS OXT  O N N 80  
CYS H    H N N 81  
CYS H2   H N N 82  
CYS HA   H N N 83  
CYS HB2  H N N 84  
CYS HB3  H N N 85  
CYS HG   H N N 86  
CYS HXT  H N N 87  
GLN N    N N N 88  
GLN CA   C N S 89  
GLN C    C N N 90  
GLN O    O N N 91  
GLN CB   C N N 92  
GLN CG   C N N 93  
GLN CD   C N N 94  
GLN OE1  O N N 95  
GLN NE2  N N N 96  
GLN OXT  O N N 97  
GLN H    H N N 98  
GLN H2   H N N 99  
GLN HA   H N N 100 
GLN HB2  H N N 101 
GLN HB3  H N N 102 
GLN HG2  H N N 103 
GLN HG3  H N N 104 
GLN HE21 H N N 105 
GLN HE22 H N N 106 
GLN HXT  H N N 107 
GLU N    N N N 108 
GLU CA   C N S 109 
GLU C    C N N 110 
GLU O    O N N 111 
GLU CB   C N N 112 
GLU CG   C N N 113 
GLU CD   C N N 114 
GLU OE1  O N N 115 
GLU OE2  O N N 116 
GLU OXT  O N N 117 
GLU H    H N N 118 
GLU H2   H N N 119 
GLU HA   H N N 120 
GLU HB2  H N N 121 
GLU HB3  H N N 122 
GLU HG2  H N N 123 
GLU HG3  H N N 124 
GLU HE2  H N N 125 
GLU HXT  H N N 126 
GLY N    N N N 127 
GLY CA   C N N 128 
GLY C    C N N 129 
GLY O    O N N 130 
GLY OXT  O N N 131 
GLY H    H N N 132 
GLY H2   H N N 133 
GLY HA2  H N N 134 
GLY HA3  H N N 135 
GLY HXT  H N N 136 
HIS N    N N N 137 
HIS CA   C N S 138 
HIS C    C N N 139 
HIS O    O N N 140 
HIS CB   C N N 141 
HIS CG   C Y N 142 
HIS ND1  N Y N 143 
HIS CD2  C Y N 144 
HIS CE1  C Y N 145 
HIS NE2  N Y N 146 
HIS OXT  O N N 147 
HIS H    H N N 148 
HIS H2   H N N 149 
HIS HA   H N N 150 
HIS HB2  H N N 151 
HIS HB3  H N N 152 
HIS HD1  H N N 153 
HIS HD2  H N N 154 
HIS HE1  H N N 155 
HIS HE2  H N N 156 
HIS HXT  H N N 157 
ILE N    N N N 158 
ILE CA   C N S 159 
ILE C    C N N 160 
ILE O    O N N 161 
ILE CB   C N S 162 
ILE CG1  C N N 163 
ILE CG2  C N N 164 
ILE CD1  C N N 165 
ILE OXT  O N N 166 
ILE H    H N N 167 
ILE H2   H N N 168 
ILE HA   H N N 169 
ILE HB   H N N 170 
ILE HG12 H N N 171 
ILE HG13 H N N 172 
ILE HG21 H N N 173 
ILE HG22 H N N 174 
ILE HG23 H N N 175 
ILE HD11 H N N 176 
ILE HD12 H N N 177 
ILE HD13 H N N 178 
ILE HXT  H N N 179 
LEU N    N N N 180 
LEU CA   C N S 181 
LEU C    C N N 182 
LEU O    O N N 183 
LEU CB   C N N 184 
LEU CG   C N N 185 
LEU CD1  C N N 186 
LEU CD2  C N N 187 
LEU OXT  O N N 188 
LEU H    H N N 189 
LEU H2   H N N 190 
LEU HA   H N N 191 
LEU HB2  H N N 192 
LEU HB3  H N N 193 
LEU HG   H N N 194 
LEU HD11 H N N 195 
LEU HD12 H N N 196 
LEU HD13 H N N 197 
LEU HD21 H N N 198 
LEU HD22 H N N 199 
LEU HD23 H N N 200 
LEU HXT  H N N 201 
LYS N    N N N 202 
LYS CA   C N S 203 
LYS C    C N N 204 
LYS O    O N N 205 
LYS CB   C N N 206 
LYS CG   C N N 207 
LYS CD   C N N 208 
LYS CE   C N N 209 
LYS NZ   N N N 210 
LYS OXT  O N N 211 
LYS H    H N N 212 
LYS H2   H N N 213 
LYS HA   H N N 214 
LYS HB2  H N N 215 
LYS HB3  H N N 216 
LYS HG2  H N N 217 
LYS HG3  H N N 218 
LYS HD2  H N N 219 
LYS HD3  H N N 220 
LYS HE2  H N N 221 
LYS HE3  H N N 222 
LYS HZ1  H N N 223 
LYS HZ2  H N N 224 
LYS HZ3  H N N 225 
LYS HXT  H N N 226 
MET N    N N N 227 
MET CA   C N S 228 
MET C    C N N 229 
MET O    O N N 230 
MET CB   C N N 231 
MET CG   C N N 232 
MET SD   S N N 233 
MET CE   C N N 234 
MET OXT  O N N 235 
MET H    H N N 236 
MET H2   H N N 237 
MET HA   H N N 238 
MET HB2  H N N 239 
MET HB3  H N N 240 
MET HG2  H N N 241 
MET HG3  H N N 242 
MET HE1  H N N 243 
MET HE2  H N N 244 
MET HE3  H N N 245 
MET HXT  H N N 246 
PHE N    N N N 247 
PHE CA   C N S 248 
PHE C    C N N 249 
PHE O    O N N 250 
PHE CB   C N N 251 
PHE CG   C Y N 252 
PHE CD1  C Y N 253 
PHE CD2  C Y N 254 
PHE CE1  C Y N 255 
PHE CE2  C Y N 256 
PHE CZ   C Y N 257 
PHE OXT  O N N 258 
PHE H    H N N 259 
PHE H2   H N N 260 
PHE HA   H N N 261 
PHE HB2  H N N 262 
PHE HB3  H N N 263 
PHE HD1  H N N 264 
PHE HD2  H N N 265 
PHE HE1  H N N 266 
PHE HE2  H N N 267 
PHE HZ   H N N 268 
PHE HXT  H N N 269 
PRO N    N N N 270 
PRO CA   C N S 271 
PRO C    C N N 272 
PRO O    O N N 273 
PRO CB   C N N 274 
PRO CG   C N N 275 
PRO CD   C N N 276 
PRO OXT  O N N 277 
PRO H    H N N 278 
PRO HA   H N N 279 
PRO HB2  H N N 280 
PRO HB3  H N N 281 
PRO HG2  H N N 282 
PRO HG3  H N N 283 
PRO HD2  H N N 284 
PRO HD3  H N N 285 
PRO HXT  H N N 286 
SER N    N N N 287 
SER CA   C N S 288 
SER C    C N N 289 
SER O    O N N 290 
SER CB   C N N 291 
SER OG   O N N 292 
SER OXT  O N N 293 
SER H    H N N 294 
SER H2   H N N 295 
SER HA   H N N 296 
SER HB2  H N N 297 
SER HB3  H N N 298 
SER HG   H N N 299 
SER HXT  H N N 300 
THR N    N N N 301 
THR CA   C N S 302 
THR C    C N N 303 
THR O    O N N 304 
THR CB   C N R 305 
THR OG1  O N N 306 
THR CG2  C N N 307 
THR OXT  O N N 308 
THR H    H N N 309 
THR H2   H N N 310 
THR HA   H N N 311 
THR HB   H N N 312 
THR HG1  H N N 313 
THR HG21 H N N 314 
THR HG22 H N N 315 
THR HG23 H N N 316 
THR HXT  H N N 317 
TRP N    N N N 318 
TRP CA   C N S 319 
TRP C    C N N 320 
TRP O    O N N 321 
TRP CB   C N N 322 
TRP CG   C Y N 323 
TRP CD1  C Y N 324 
TRP CD2  C Y N 325 
TRP NE1  N Y N 326 
TRP CE2  C Y N 327 
TRP CE3  C Y N 328 
TRP CZ2  C Y N 329 
TRP CZ3  C Y N 330 
TRP CH2  C Y N 331 
TRP OXT  O N N 332 
TRP H    H N N 333 
TRP H2   H N N 334 
TRP HA   H N N 335 
TRP HB2  H N N 336 
TRP HB3  H N N 337 
TRP HD1  H N N 338 
TRP HE1  H N N 339 
TRP HE3  H N N 340 
TRP HZ2  H N N 341 
TRP HZ3  H N N 342 
TRP HH2  H N N 343 
TRP HXT  H N N 344 
TYR N    N N N 345 
TYR CA   C N S 346 
TYR C    C N N 347 
TYR O    O N N 348 
TYR CB   C N N 349 
TYR CG   C Y N 350 
TYR CD1  C Y N 351 
TYR CD2  C Y N 352 
TYR CE1  C Y N 353 
TYR CE2  C Y N 354 
TYR CZ   C Y N 355 
TYR OH   O N N 356 
TYR OXT  O N N 357 
TYR H    H N N 358 
TYR H2   H N N 359 
TYR HA   H N N 360 
TYR HB2  H N N 361 
TYR HB3  H N N 362 
TYR HD1  H N N 363 
TYR HD2  H N N 364 
TYR HE1  H N N 365 
TYR HE2  H N N 366 
TYR HH   H N N 367 
TYR HXT  H N N 368 
VAL N    N N N 369 
VAL CA   C N S 370 
VAL C    C N N 371 
VAL O    O N N 372 
VAL CB   C N N 373 
VAL CG1  C N N 374 
VAL CG2  C N N 375 
VAL OXT  O N N 376 
VAL H    H N N 377 
VAL H2   H N N 378 
VAL HA   H N N 379 
VAL HB   H N N 380 
VAL HG11 H N N 381 
VAL HG12 H N N 382 
VAL HG13 H N N 383 
VAL HG21 H N N 384 
VAL HG22 H N N 385 
VAL HG23 H N N 386 
VAL HXT  H N N 387 
# 
loop_
_chem_comp_bond.comp_id 
_chem_comp_bond.atom_id_1 
_chem_comp_bond.atom_id_2 
_chem_comp_bond.value_order 
_chem_comp_bond.pdbx_aromatic_flag 
_chem_comp_bond.pdbx_stereo_config 
_chem_comp_bond.pdbx_ordinal 
ALA N   CA   sing N N 1   
ALA N   H    sing N N 2   
ALA N   H2   sing N N 3   
ALA CA  C    sing N N 4   
ALA CA  CB   sing N N 5   
ALA CA  HA   sing N N 6   
ALA C   O    doub N N 7   
ALA C   OXT  sing N N 8   
ALA CB  HB1  sing N N 9   
ALA CB  HB2  sing N N 10  
ALA CB  HB3  sing N N 11  
ALA OXT HXT  sing N N 12  
ARG N   CA   sing N N 13  
ARG N   H    sing N N 14  
ARG N   H2   sing N N 15  
ARG CA  C    sing N N 16  
ARG CA  CB   sing N N 17  
ARG CA  HA   sing N N 18  
ARG C   O    doub N N 19  
ARG C   OXT  sing N N 20  
ARG CB  CG   sing N N 21  
ARG CB  HB2  sing N N 22  
ARG CB  HB3  sing N N 23  
ARG CG  CD   sing N N 24  
ARG CG  HG2  sing N N 25  
ARG CG  HG3  sing N N 26  
ARG CD  NE   sing N N 27  
ARG CD  HD2  sing N N 28  
ARG CD  HD3  sing N N 29  
ARG NE  CZ   sing N N 30  
ARG NE  HE   sing N N 31  
ARG CZ  NH1  sing N N 32  
ARG CZ  NH2  doub N N 33  
ARG NH1 HH11 sing N N 34  
ARG NH1 HH12 sing N N 35  
ARG NH2 HH21 sing N N 36  
ARG NH2 HH22 sing N N 37  
ARG OXT HXT  sing N N 38  
ASN N   CA   sing N N 39  
ASN N   H    sing N N 40  
ASN N   H2   sing N N 41  
ASN CA  C    sing N N 42  
ASN CA  CB   sing N N 43  
ASN CA  HA   sing N N 44  
ASN C   O    doub N N 45  
ASN C   OXT  sing N N 46  
ASN CB  CG   sing N N 47  
ASN CB  HB2  sing N N 48  
ASN CB  HB3  sing N N 49  
ASN CG  OD1  doub N N 50  
ASN CG  ND2  sing N N 51  
ASN ND2 HD21 sing N N 52  
ASN ND2 HD22 sing N N 53  
ASN OXT HXT  sing N N 54  
ASP N   CA   sing N N 55  
ASP N   H    sing N N 56  
ASP N   H2   sing N N 57  
ASP CA  C    sing N N 58  
ASP CA  CB   sing N N 59  
ASP CA  HA   sing N N 60  
ASP C   O    doub N N 61  
ASP C   OXT  sing N N 62  
ASP CB  CG   sing N N 63  
ASP CB  HB2  sing N N 64  
ASP CB  HB3  sing N N 65  
ASP CG  OD1  doub N N 66  
ASP CG  OD2  sing N N 67  
ASP OD2 HD2  sing N N 68  
ASP OXT HXT  sing N N 69  
CYS N   CA   sing N N 70  
CYS N   H    sing N N 71  
CYS N   H2   sing N N 72  
CYS CA  C    sing N N 73  
CYS CA  CB   sing N N 74  
CYS CA  HA   sing N N 75  
CYS C   O    doub N N 76  
CYS C   OXT  sing N N 77  
CYS CB  SG   sing N N 78  
CYS CB  HB2  sing N N 79  
CYS CB  HB3  sing N N 80  
CYS SG  HG   sing N N 81  
CYS OXT HXT  sing N N 82  
GLN N   CA   sing N N 83  
GLN N   H    sing N N 84  
GLN N   H2   sing N N 85  
GLN CA  C    sing N N 86  
GLN CA  CB   sing N N 87  
GLN CA  HA   sing N N 88  
GLN C   O    doub N N 89  
GLN C   OXT  sing N N 90  
GLN CB  CG   sing N N 91  
GLN CB  HB2  sing N N 92  
GLN CB  HB3  sing N N 93  
GLN CG  CD   sing N N 94  
GLN CG  HG2  sing N N 95  
GLN CG  HG3  sing N N 96  
GLN CD  OE1  doub N N 97  
GLN CD  NE2  sing N N 98  
GLN NE2 HE21 sing N N 99  
GLN NE2 HE22 sing N N 100 
GLN OXT HXT  sing N N 101 
GLU N   CA   sing N N 102 
GLU N   H    sing N N 103 
GLU N   H2   sing N N 104 
GLU CA  C    sing N N 105 
GLU CA  CB   sing N N 106 
GLU CA  HA   sing N N 107 
GLU C   O    doub N N 108 
GLU C   OXT  sing N N 109 
GLU CB  CG   sing N N 110 
GLU CB  HB2  sing N N 111 
GLU CB  HB3  sing N N 112 
GLU CG  CD   sing N N 113 
GLU CG  HG2  sing N N 114 
GLU CG  HG3  sing N N 115 
GLU CD  OE1  doub N N 116 
GLU CD  OE2  sing N N 117 
GLU OE2 HE2  sing N N 118 
GLU OXT HXT  sing N N 119 
GLY N   CA   sing N N 120 
GLY N   H    sing N N 121 
GLY N   H2   sing N N 122 
GLY CA  C    sing N N 123 
GLY CA  HA2  sing N N 124 
GLY CA  HA3  sing N N 125 
GLY C   O    doub N N 126 
GLY C   OXT  sing N N 127 
GLY OXT HXT  sing N N 128 
HIS N   CA   sing N N 129 
HIS N   H    sing N N 130 
HIS N   H2   sing N N 131 
HIS CA  C    sing N N 132 
HIS CA  CB   sing N N 133 
HIS CA  HA   sing N N 134 
HIS C   O    doub N N 135 
HIS C   OXT  sing N N 136 
HIS CB  CG   sing N N 137 
HIS CB  HB2  sing N N 138 
HIS CB  HB3  sing N N 139 
HIS CG  ND1  sing Y N 140 
HIS CG  CD2  doub Y N 141 
HIS ND1 CE1  doub Y N 142 
HIS ND1 HD1  sing N N 143 
HIS CD2 NE2  sing Y N 144 
HIS CD2 HD2  sing N N 145 
HIS CE1 NE2  sing Y N 146 
HIS CE1 HE1  sing N N 147 
HIS NE2 HE2  sing N N 148 
HIS OXT HXT  sing N N 149 
ILE N   CA   sing N N 150 
ILE N   H    sing N N 151 
ILE N   H2   sing N N 152 
ILE CA  C    sing N N 153 
ILE CA  CB   sing N N 154 
ILE CA  HA   sing N N 155 
ILE C   O    doub N N 156 
ILE C   OXT  sing N N 157 
ILE CB  CG1  sing N N 158 
ILE CB  CG2  sing N N 159 
ILE CB  HB   sing N N 160 
ILE CG1 CD1  sing N N 161 
ILE CG1 HG12 sing N N 162 
ILE CG1 HG13 sing N N 163 
ILE CG2 HG21 sing N N 164 
ILE CG2 HG22 sing N N 165 
ILE CG2 HG23 sing N N 166 
ILE CD1 HD11 sing N N 167 
ILE CD1 HD12 sing N N 168 
ILE CD1 HD13 sing N N 169 
ILE OXT HXT  sing N N 170 
LEU N   CA   sing N N 171 
LEU N   H    sing N N 172 
LEU N   H2   sing N N 173 
LEU CA  C    sing N N 174 
LEU CA  CB   sing N N 175 
LEU CA  HA   sing N N 176 
LEU C   O    doub N N 177 
LEU C   OXT  sing N N 178 
LEU CB  CG   sing N N 179 
LEU CB  HB2  sing N N 180 
LEU CB  HB3  sing N N 181 
LEU CG  CD1  sing N N 182 
LEU CG  CD2  sing N N 183 
LEU CG  HG   sing N N 184 
LEU CD1 HD11 sing N N 185 
LEU CD1 HD12 sing N N 186 
LEU CD1 HD13 sing N N 187 
LEU CD2 HD21 sing N N 188 
LEU CD2 HD22 sing N N 189 
LEU CD2 HD23 sing N N 190 
LEU OXT HXT  sing N N 191 
LYS N   CA   sing N N 192 
LYS N   H    sing N N 193 
LYS N   H2   sing N N 194 
LYS CA  C    sing N N 195 
LYS CA  CB   sing N N 196 
LYS CA  HA   sing N N 197 
LYS C   O    doub N N 198 
LYS C   OXT  sing N N 199 
LYS CB  CG   sing N N 200 
LYS CB  HB2  sing N N 201 
LYS CB  HB3  sing N N 202 
LYS CG  CD   sing N N 203 
LYS CG  HG2  sing N N 204 
LYS CG  HG3  sing N N 205 
LYS CD  CE   sing N N 206 
LYS CD  HD2  sing N N 207 
LYS CD  HD3  sing N N 208 
LYS CE  NZ   sing N N 209 
LYS CE  HE2  sing N N 210 
LYS CE  HE3  sing N N 211 
LYS NZ  HZ1  sing N N 212 
LYS NZ  HZ2  sing N N 213 
LYS NZ  HZ3  sing N N 214 
LYS OXT HXT  sing N N 215 
MET N   CA   sing N N 216 
MET N   H    sing N N 217 
MET N   H2   sing N N 218 
MET CA  C    sing N N 219 
MET CA  CB   sing N N 220 
MET CA  HA   sing N N 221 
MET C   O    doub N N 222 
MET C   OXT  sing N N 223 
MET CB  CG   sing N N 224 
MET CB  HB2  sing N N 225 
MET CB  HB3  sing N N 226 
MET CG  SD   sing N N 227 
MET CG  HG2  sing N N 228 
MET CG  HG3  sing N N 229 
MET SD  CE   sing N N 230 
MET CE  HE1  sing N N 231 
MET CE  HE2  sing N N 232 
MET CE  HE3  sing N N 233 
MET OXT HXT  sing N N 234 
PHE N   CA   sing N N 235 
PHE N   H    sing N N 236 
PHE N   H2   sing N N 237 
PHE CA  C    sing N N 238 
PHE CA  CB   sing N N 239 
PHE CA  HA   sing N N 240 
PHE C   O    doub N N 241 
PHE C   OXT  sing N N 242 
PHE CB  CG   sing N N 243 
PHE CB  HB2  sing N N 244 
PHE CB  HB3  sing N N 245 
PHE CG  CD1  doub Y N 246 
PHE CG  CD2  sing Y N 247 
PHE CD1 CE1  sing Y N 248 
PHE CD1 HD1  sing N N 249 
PHE CD2 CE2  doub Y N 250 
PHE CD2 HD2  sing N N 251 
PHE CE1 CZ   doub Y N 252 
PHE CE1 HE1  sing N N 253 
PHE CE2 CZ   sing Y N 254 
PHE CE2 HE2  sing N N 255 
PHE CZ  HZ   sing N N 256 
PHE OXT HXT  sing N N 257 
PRO N   CA   sing N N 258 
PRO N   CD   sing N N 259 
PRO N   H    sing N N 260 
PRO CA  C    sing N N 261 
PRO CA  CB   sing N N 262 
PRO CA  HA   sing N N 263 
PRO C   O    doub N N 264 
PRO C   OXT  sing N N 265 
PRO CB  CG   sing N N 266 
PRO CB  HB2  sing N N 267 
PRO CB  HB3  sing N N 268 
PRO CG  CD   sing N N 269 
PRO CG  HG2  sing N N 270 
PRO CG  HG3  sing N N 271 
PRO CD  HD2  sing N N 272 
PRO CD  HD3  sing N N 273 
PRO OXT HXT  sing N N 274 
SER N   CA   sing N N 275 
SER N   H    sing N N 276 
SER N   H2   sing N N 277 
SER CA  C    sing N N 278 
SER CA  CB   sing N N 279 
SER CA  HA   sing N N 280 
SER C   O    doub N N 281 
SER C   OXT  sing N N 282 
SER CB  OG   sing N N 283 
SER CB  HB2  sing N N 284 
SER CB  HB3  sing N N 285 
SER OG  HG   sing N N 286 
SER OXT HXT  sing N N 287 
THR N   CA   sing N N 288 
THR N   H    sing N N 289 
THR N   H2   sing N N 290 
THR CA  C    sing N N 291 
THR CA  CB   sing N N 292 
THR CA  HA   sing N N 293 
THR C   O    doub N N 294 
THR C   OXT  sing N N 295 
THR CB  OG1  sing N N 296 
THR CB  CG2  sing N N 297 
THR CB  HB   sing N N 298 
THR OG1 HG1  sing N N 299 
THR CG2 HG21 sing N N 300 
THR CG2 HG22 sing N N 301 
THR CG2 HG23 sing N N 302 
THR OXT HXT  sing N N 303 
TRP N   CA   sing N N 304 
TRP N   H    sing N N 305 
TRP N   H2   sing N N 306 
TRP CA  C    sing N N 307 
TRP CA  CB   sing N N 308 
TRP CA  HA   sing N N 309 
TRP C   O    doub N N 310 
TRP C   OXT  sing N N 311 
TRP CB  CG   sing N N 312 
TRP CB  HB2  sing N N 313 
TRP CB  HB3  sing N N 314 
TRP CG  CD1  doub Y N 315 
TRP CG  CD2  sing Y N 316 
TRP CD1 NE1  sing Y N 317 
TRP CD1 HD1  sing N N 318 
TRP CD2 CE2  doub Y N 319 
TRP CD2 CE3  sing Y N 320 
TRP NE1 CE2  sing Y N 321 
TRP NE1 HE1  sing N N 322 
TRP CE2 CZ2  sing Y N 323 
TRP CE3 CZ3  doub Y N 324 
TRP CE3 HE3  sing N N 325 
TRP CZ2 CH2  doub Y N 326 
TRP CZ2 HZ2  sing N N 327 
TRP CZ3 CH2  sing Y N 328 
TRP CZ3 HZ3  sing N N 329 
TRP CH2 HH2  sing N N 330 
TRP OXT HXT  sing N N 331 
TYR N   CA   sing N N 332 
TYR N   H    sing N N 333 
TYR N   H2   sing N N 334 
TYR CA  C    sing N N 335 
TYR CA  CB   sing N N 336 
TYR CA  HA   sing N N 337 
TYR C   O    doub N N 338 
TYR C   OXT  sing N N 339 
TYR CB  CG   sing N N 340 
TYR CB  HB2  sing N N 341 
TYR CB  HB3  sing N N 342 
TYR CG  CD1  doub Y N 343 
TYR CG  CD2  sing Y N 344 
TYR CD1 CE1  sing Y N 345 
TYR CD1 HD1  sing N N 346 
TYR CD2 CE2  doub Y N 347 
TYR CD2 HD2  sing N N 348 
TYR CE1 CZ   doub Y N 349 
TYR CE1 HE1  sing N N 350 
TYR CE2 CZ   sing Y N 351 
TYR CE2 HE2  sing N N 352 
TYR CZ  OH   sing N N 353 
TYR OH  HH   sing N N 354 
TYR OXT HXT  sing N N 355 
VAL N   CA   sing N N 356 
VAL N   H    sing N N 357 
VAL N   H2   sing N N 358 
VAL CA  C    sing N N 359 
VAL CA  CB   sing N N 360 
VAL CA  HA   sing N N 361 
VAL C   O    doub N N 362 
VAL C   OXT  sing N N 363 
VAL CB  CG1  sing N N 364 
VAL CB  CG2  sing N N 365 
VAL CB  HB   sing N N 366 
VAL CG1 HG11 sing N N 367 
VAL CG1 HG12 sing N N 368 
VAL CG1 HG13 sing N N 369 
VAL CG2 HG21 sing N N 370 
VAL CG2 HG22 sing N N 371 
VAL CG2 HG23 sing N N 372 
VAL OXT HXT  sing N N 373 
# 
_atom_sites.entry_id                    2D2S 
_atom_sites.fract_transf_matrix[1][1]   -0.01445103 
_atom_sites.fract_transf_matrix[1][2]   0.00379821 
_atom_sites.fract_transf_matrix[1][3]   -0.01044736 
_atom_sites.fract_transf_matrix[2][1]   -0.00251872 
_atom_sites.fract_transf_matrix[2][2]   0.01557038 
_atom_sites.fract_transf_matrix[2][3]   0.00914468 
_atom_sites.fract_transf_matrix[3][1]   0.00283984 
_atom_sites.fract_transf_matrix[3][2]   0.00227967 
_atom_sites.fract_transf_matrix[3][3]   -0.00309935 
_atom_sites.fract_transf_vector[1]      0.248116 
_atom_sites.fract_transf_vector[2]      0.790885 
_atom_sites.fract_transf_vector[3]      0.044329 
# 
loop_
_atom_type.symbol 
C 
N 
O 
S 
# 
loop_
_atom_site.group_PDB 
_atom_site.id 
_atom_site.type_symbol 
_atom_site.label_atom_id 
_atom_site.label_alt_id 
_atom_site.label_comp_id 
_atom_site.label_asym_id 
_atom_site.label_entity_id 
_atom_site.label_seq_id 
_atom_site.pdbx_PDB_ins_code 
_atom_site.Cartn_x 
_atom_site.Cartn_y 
_atom_site.Cartn_z 
_atom_site.occupancy 
_atom_site.B_iso_or_equiv 
_atom_site.pdbx_formal_charge 
_atom_site.auth_seq_id 
_atom_site.auth_comp_id 
_atom_site.auth_asym_id 
_atom_site.auth_atom_id 
_atom_site.pdbx_PDB_model_num 
ATOM 1    N N   . ASP A 1 7   ? 16.971  38.404  -28.331 1.00 99.15  ? 525 ASP A N   1 
ATOM 2    C CA  . ASP A 1 7   ? 16.623  37.454  -29.433 1.00 99.02  ? 525 ASP A CA  1 
ATOM 3    C C   . ASP A 1 7   ? 16.225  36.072  -28.914 1.00 99.89  ? 525 ASP A C   1 
ATOM 4    O O   . ASP A 1 7   ? 15.842  35.934  -27.754 1.00 100.00 ? 525 ASP A O   1 
ATOM 5    C CB  . ASP A 1 7   ? 17.790  37.319  -30.417 1.00 96.68  ? 525 ASP A CB  1 
ATOM 6    C CG  . ASP A 1 7   ? 17.466  37.906  -31.785 1.00 94.23  ? 525 ASP A CG  1 
ATOM 7    O OD1 . ASP A 1 7   ? 18.300  37.807  -32.708 1.00 92.58  ? 525 ASP A OD1 1 
ATOM 8    O OD2 . ASP A 1 7   ? 16.359  38.467  -31.938 1.00 93.70  ? 525 ASP A OD2 1 
ATOM 9    N N   . MET A 1 8   ? 16.310  35.051  -29.766 1.00 100.00 ? 526 MET A N   1 
ATOM 10   C CA  . MET A 1 8   ? 15.931  33.698  -29.357 1.00 100.00 ? 526 MET A CA  1 
ATOM 11   C C   . MET A 1 8   ? 16.874  32.592  -29.858 1.00 100.00 ? 526 MET A C   1 
ATOM 12   O O   . MET A 1 8   ? 17.239  32.555  -31.038 1.00 100.00 ? 526 MET A O   1 
ATOM 13   C CB  . MET A 1 8   ? 14.502  33.406  -29.824 1.00 99.94  ? 526 MET A CB  1 
ATOM 14   C CG  . MET A 1 8   ? 13.921  32.117  -29.270 1.00 100.00 ? 526 MET A CG  1 
ATOM 15   S SD  . MET A 1 8   ? 13.323  32.235  -27.564 1.00 100.00 ? 526 MET A SD  1 
ATOM 16   C CE  . MET A 1 8   ? 11.648  31.712  -27.805 1.00 99.39  ? 526 MET A CE  1 
ATOM 17   N N   . SER A 1 9   ? 17.259  31.694  -28.950 1.00 100.00 ? 527 SER A N   1 
ATOM 18   C CA  . SER A 1 9   ? 18.151  30.584  -29.284 1.00 99.45  ? 527 SER A CA  1 
ATOM 19   C C   . SER A 1 9   ? 17.352  29.284  -29.427 1.00 99.65  ? 527 SER A C   1 
ATOM 20   O O   . SER A 1 9   ? 16.149  29.260  -29.171 1.00 100.00 ? 527 SER A O   1 
ATOM 21   C CB  . SER A 1 9   ? 19.245  30.429  -28.211 1.00 98.07  ? 527 SER A CB  1 
ATOM 22   O OG  . SER A 1 9   ? 18.812  29.712  -27.073 1.00 93.70  ? 527 SER A OG  1 
ATOM 23   N N   . SER A 1 10  ? 18.019  28.206  -29.830 1.00 98.43  ? 528 SER A N   1 
ATOM 24   C CA  . SER A 1 10  ? 17.347  26.927  -30.024 1.00 97.84  ? 528 SER A CA  1 
ATOM 25   C C   . SER A 1 10  ? 16.940  26.247  -28.727 1.00 97.51  ? 528 SER A C   1 
ATOM 26   O O   . SER A 1 10  ? 15.835  25.722  -28.613 1.00 97.21  ? 528 SER A O   1 
ATOM 27   C CB  . SER A 1 10  ? 18.243  25.967  -30.799 1.00 98.95  ? 528 SER A CB  1 
ATOM 28   O OG  . SER A 1 10  ? 19.105  25.287  -29.904 1.00 100.00 ? 528 SER A OG  1 
ATOM 29   N N   . THR A 1 11  ? 17.847  26.231  -27.760 1.00 97.63  ? 529 THR A N   1 
ATOM 30   C CA  . THR A 1 11  ? 17.570  25.595  -26.480 1.00 97.17  ? 529 THR A CA  1 
ATOM 31   C C   . THR A 1 11  ? 16.553  26.393  -25.673 1.00 96.83  ? 529 THR A C   1 
ATOM 32   O O   . THR A 1 11  ? 15.657  25.821  -25.060 1.00 97.34  ? 529 THR A O   1 
ATOM 33   C CB  . THR A 1 11  ? 18.860  25.429  -25.661 1.00 96.35  ? 529 THR A CB  1 
ATOM 34   O OG1 . THR A 1 11  ? 19.560  26.682  -25.626 1.00 98.04  ? 529 THR A OG1 1 
ATOM 35   C CG2 . THR A 1 11  ? 19.755  24.347  -26.282 1.00 94.92  ? 529 THR A CG2 1 
ATOM 36   N N   . ALA A 1 12  ? 16.695  27.712  -25.674 1.00 96.41  ? 530 ALA A N   1 
ATOM 37   C CA  . ALA A 1 12  ? 15.759  28.559  -24.951 1.00 96.11  ? 530 ALA A CA  1 
ATOM 38   C C   . ALA A 1 12  ? 14.357  28.263  -25.483 1.00 96.26  ? 530 ALA A C   1 
ATOM 39   O O   . ALA A 1 12  ? 13.364  28.485  -24.794 1.00 95.85  ? 530 ALA A O   1 
ATOM 40   C CB  . ALA A 1 12  ? 16.110  30.031  -25.151 1.00 96.36  ? 530 ALA A CB  1 
ATOM 41   N N   . GLN A 1 13  ? 14.284  27.765  -26.715 1.00 96.67  ? 531 GLN A N   1 
ATOM 42   C CA  . GLN A 1 13  ? 13.004  27.408  -27.332 1.00 97.27  ? 531 GLN A CA  1 
ATOM 43   C C   . GLN A 1 13  ? 12.484  26.211  -26.559 1.00 96.98  ? 531 GLN A C   1 
ATOM 44   O O   . GLN A 1 13  ? 11.442  26.280  -25.898 1.00 97.37  ? 531 GLN A O   1 
ATOM 45   C CB  . GLN A 1 13  ? 13.199  26.991  -28.791 1.00 97.54  ? 531 GLN A CB  1 
ATOM 46   C CG  . GLN A 1 13  ? 11.921  26.681  -29.553 1.00 98.13  ? 531 GLN A CG  1 
ATOM 47   C CD  . GLN A 1 13  ? 11.135  27.937  -29.922 1.00 100.00 ? 531 GLN A CD  1 
ATOM 48   O OE1 . GLN A 1 13  ? 10.238  28.365  -29.188 1.00 100.00 ? 531 GLN A OE1 1 
ATOM 49   N NE2 . GLN A 1 13  ? 11.479  28.540  -31.062 1.00 100.00 ? 531 GLN A NE2 1 
ATOM 50   N N   . ARG A 1 14  ? 13.230  25.112  -26.661 1.00 95.33  ? 532 ARG A N   1 
ATOM 51   C CA  . ARG A 1 14  ? 12.896  23.883  -25.976 1.00 94.54  ? 532 ARG A CA  1 
ATOM 52   C C   . ARG A 1 14  ? 12.598  24.200  -24.520 1.00 93.98  ? 532 ARG A C   1 
ATOM 53   O O   . ARG A 1 14  ? 11.528  23.826  -24.015 1.00 94.70  ? 532 ARG A O   1 
ATOM 54   C CB  . ARG A 1 14  ? 14.051  22.882  -26.087 1.00 95.96  ? 532 ARG A CB  1 
ATOM 55   C CG  . ARG A 1 14  ? 13.706  21.642  -26.905 1.00 98.56  ? 532 ARG A CG  1 
ATOM 56   C CD  . ARG A 1 14  ? 12.685  20.784  -26.171 1.00 100.00 ? 532 ARG A CD  1 
ATOM 57   N NE  . ARG A 1 14  ? 12.123  19.723  -26.999 1.00 100.00 ? 532 ARG A NE  1 
ATOM 58   C CZ  . ARG A 1 14  ? 11.390  19.937  -28.087 1.00 100.00 ? 532 ARG A CZ  1 
ATOM 59   N NH1 . ARG A 1 14  ? 11.132  21.181  -28.483 1.00 99.31  ? 532 ARG A NH1 1 
ATOM 60   N NH2 . ARG A 1 14  ? 10.897  18.905  -28.765 1.00 100.00 ? 532 ARG A NH2 1 
ATOM 61   N N   . LEU A 1 15  ? 13.521  24.902  -23.848 1.00 92.02  ? 533 LEU A N   1 
ATOM 62   C CA  . LEU A 1 15  ? 13.334  25.257  -22.440 1.00 89.38  ? 533 LEU A CA  1 
ATOM 63   C C   . LEU A 1 15  ? 11.989  25.903  -22.159 1.00 89.52  ? 533 LEU A C   1 
ATOM 64   O O   . LEU A 1 15  ? 11.258  25.444  -21.289 1.00 90.59  ? 533 LEU A O   1 
ATOM 65   C CB  . LEU A 1 15  ? 14.449  26.170  -21.953 1.00 88.49  ? 533 LEU A CB  1 
ATOM 66   C CG  . LEU A 1 15  ? 15.752  25.476  -21.548 1.00 87.54  ? 533 LEU A CG  1 
ATOM 67   C CD1 . LEU A 1 15  ? 16.805  26.520  -21.153 1.00 85.67  ? 533 LEU A CD1 1 
ATOM 68   C CD2 . LEU A 1 15  ? 15.470  24.529  -20.396 1.00 86.81  ? 533 LEU A CD2 1 
ATOM 69   N N   . LYS A 1 16  ? 11.628  26.953  -22.885 1.00 89.44  ? 534 LYS A N   1 
ATOM 70   C CA  . LYS A 1 16  ? 10.327  27.576  -22.626 1.00 90.18  ? 534 LYS A CA  1 
ATOM 71   C C   . LYS A 1 16  ? 9.177   26.548  -22.668 1.00 88.84  ? 534 LYS A C   1 
ATOM 72   O O   . LYS A 1 16  ? 8.271   26.618  -21.836 1.00 88.46  ? 534 LYS A O   1 
ATOM 73   C CB  . LYS A 1 16  ? 10.060  28.733  -23.602 1.00 92.49  ? 534 LYS A CB  1 
ATOM 74   C CG  . LYS A 1 16  ? 9.219   29.874  -22.992 1.00 92.67  ? 534 LYS A CG  1 
ATOM 75   C CD  . LYS A 1 16  ? 9.495   31.223  -23.679 1.00 94.17  ? 534 LYS A CD  1 
ATOM 76   C CE  . LYS A 1 16  ? 8.774   32.382  -22.984 1.00 94.12  ? 534 LYS A CE  1 
ATOM 77   N NZ  . LYS A 1 16  ? 9.023   33.694  -23.644 1.00 92.37  ? 534 LYS A NZ  1 
ATOM 78   N N   . PHE A 1 17  ? 9.213   25.597  -23.611 1.00 86.46  ? 535 PHE A N   1 
ATOM 79   C CA  . PHE A 1 17  ? 8.161   24.570  -23.689 1.00 84.32  ? 535 PHE A CA  1 
ATOM 80   C C   . PHE A 1 17  ? 8.159   23.704  -22.430 1.00 83.87  ? 535 PHE A C   1 
ATOM 81   O O   . PHE A 1 17  ? 7.095   23.277  -21.955 1.00 84.43  ? 535 PHE A O   1 
ATOM 82   C CB  . PHE A 1 17  ? 8.323   23.668  -24.926 1.00 82.62  ? 535 PHE A CB  1 
ATOM 83   C CG  . PHE A 1 17  ? 7.801   24.280  -26.198 1.00 80.37  ? 535 PHE A CG  1 
ATOM 84   C CD1 . PHE A 1 17  ? 6.527   24.837  -26.242 1.00 78.71  ? 535 PHE A CD1 1 
ATOM 85   C CD2 . PHE A 1 17  ? 8.598   24.336  -27.341 1.00 78.87  ? 535 PHE A CD2 1 
ATOM 86   C CE1 . PHE A 1 17  ? 6.055   25.445  -27.398 1.00 77.50  ? 535 PHE A CE1 1 
ATOM 87   C CE2 . PHE A 1 17  ? 8.139   24.940  -28.497 1.00 77.77  ? 535 PHE A CE2 1 
ATOM 88   C CZ  . PHE A 1 17  ? 6.863   25.498  -28.524 1.00 78.15  ? 535 PHE A CZ  1 
ATOM 89   N N   . LEU A 1 18  ? 9.345   23.430  -21.892 1.00 82.40  ? 536 LEU A N   1 
ATOM 90   C CA  . LEU A 1 18  ? 9.416   22.635  -20.665 1.00 80.87  ? 536 LEU A CA  1 
ATOM 91   C C   . LEU A 1 18  ? 8.722   23.443  -19.570 1.00 79.55  ? 536 LEU A C   1 
ATOM 92   O O   . LEU A 1 18  ? 8.046   22.885  -18.700 1.00 78.85  ? 536 LEU A O   1 
ATOM 93   C CB  . LEU A 1 18  ? 10.864  22.355  -20.254 1.00 80.84  ? 536 LEU A CB  1 
ATOM 94   C CG  . LEU A 1 18  ? 11.748  21.614  -21.257 1.00 81.29  ? 536 LEU A CG  1 
ATOM 95   C CD1 . LEU A 1 18  ? 12.883  20.961  -20.480 1.00 80.72  ? 536 LEU A CD1 1 
ATOM 96   C CD2 . LEU A 1 18  ? 10.941  20.570  -22.039 1.00 80.08  ? 536 LEU A CD2 1 
ATOM 97   N N   . ASP A 1 19  ? 8.870   24.767  -19.630 1.00 78.56  ? 537 ASP A N   1 
ATOM 98   C CA  . ASP A 1 19  ? 8.241   25.615  -18.627 1.00 77.11  ? 537 ASP A CA  1 
ATOM 99   C C   . ASP A 1 19  ? 6.714   25.541  -18.777 1.00 74.67  ? 537 ASP A C   1 
ATOM 100  O O   . ASP A 1 19  ? 5.981   25.627  -17.790 1.00 71.94  ? 537 ASP A O   1 
ATOM 101  C CB  . ASP A 1 19  ? 8.737   27.058  -18.758 1.00 80.69  ? 537 ASP A CB  1 
ATOM 102  C CG  . ASP A 1 19  ? 8.323   27.901  -17.585 1.00 83.68  ? 537 ASP A CG  1 
ATOM 103  O OD1 . ASP A 1 19  ? 8.680   27.489  -16.459 1.00 84.59  ? 537 ASP A OD1 1 
ATOM 104  O OD2 . ASP A 1 19  ? 7.641   28.944  -17.775 1.00 83.42  ? 537 ASP A OD2 1 
ATOM 105  N N   . GLU A 1 20  ? 6.258   25.380  -20.026 1.00 75.05  ? 538 GLU A N   1 
ATOM 106  C CA  . GLU A 1 20  ? 4.830   25.264  -20.357 1.00 77.16  ? 538 GLU A CA  1 
ATOM 107  C C   . GLU A 1 20  ? 4.378   23.918  -19.787 1.00 76.08  ? 538 GLU A C   1 
ATOM 108  O O   . GLU A 1 20  ? 3.391   23.826  -19.017 1.00 74.20  ? 538 GLU A O   1 
ATOM 109  C CB  . GLU A 1 20  ? 4.631   25.290  -21.874 1.00 80.72  ? 538 GLU A CB  1 
ATOM 110  C CG  . GLU A 1 20  ? 5.415   26.388  -22.585 1.00 84.87  ? 538 GLU A CG  1 
ATOM 111  C CD  . GLU A 1 20  ? 4.543   27.304  -23.422 1.00 86.64  ? 538 GLU A CD  1 
ATOM 112  O OE1 . GLU A 1 20  ? 3.691   26.786  -24.177 1.00 88.48  ? 538 GLU A OE1 1 
ATOM 113  O OE2 . GLU A 1 20  ? 4.720   28.544  -23.329 1.00 87.82  ? 538 GLU A OE2 1 
ATOM 114  N N   . GLY A 1 21  ? 5.151   22.890  -20.141 1.00 77.21  ? 539 GLY A N   1 
ATOM 115  C CA  . GLY A 1 21  ? 4.895   21.542  -19.666 1.00 77.93  ? 539 GLY A CA  1 
ATOM 116  C C   . GLY A 1 21  ? 4.657   21.480  -18.166 1.00 77.98  ? 539 GLY A C   1 
ATOM 117  O O   . GLY A 1 21  ? 3.639   20.931  -17.713 1.00 76.61  ? 539 GLY A O   1 
ATOM 118  N N   . VAL A 1 22  ? 5.598   22.031  -17.401 1.00 79.30  ? 540 VAL A N   1 
ATOM 119  C CA  . VAL A 1 22  ? 5.500   22.051  -15.947 1.00 81.30  ? 540 VAL A CA  1 
ATOM 120  C C   . VAL A 1 22  ? 4.123   22.548  -15.496 1.00 81.70  ? 540 VAL A C   1 
ATOM 121  O O   . VAL A 1 22  ? 3.402   21.829  -14.800 1.00 81.21  ? 540 VAL A O   1 
ATOM 122  C CB  . VAL A 1 22  ? 6.648   22.932  -15.337 1.00 83.18  ? 540 VAL A CB  1 
ATOM 123  C CG1 . VAL A 1 22  ? 6.150   23.755  -14.154 1.00 83.64  ? 540 VAL A CG1 1 
ATOM 124  C CG2 . VAL A 1 22  ? 7.800   22.027  -14.887 1.00 83.33  ? 540 VAL A CG2 1 
ATOM 125  N N   . GLU A 1 23  ? 3.763   23.761  -15.921 1.00 83.78  ? 541 GLU A N   1 
ATOM 126  C CA  . GLU A 1 23  ? 2.486   24.373  -15.577 1.00 85.12  ? 541 GLU A CA  1 
ATOM 127  C C   . GLU A 1 23  ? 1.304   23.517  -15.998 1.00 84.98  ? 541 GLU A C   1 
ATOM 128  O O   . GLU A 1 23  ? 0.274   23.522  -15.328 1.00 85.47  ? 541 GLU A O   1 
ATOM 129  C CB  . GLU A 1 23  ? 2.371   25.762  -16.204 1.00 88.25  ? 541 GLU A CB  1 
ATOM 130  C CG  . GLU A 1 23  ? 2.693   26.902  -15.249 1.00 88.93  ? 541 GLU A CG  1 
ATOM 131  C CD  . GLU A 1 23  ? 3.863   27.743  -15.704 1.00 90.08  ? 541 GLU A CD  1 
ATOM 132  O OE1 . GLU A 1 23  ? 3.848   28.235  -16.857 1.00 90.65  ? 541 GLU A OE1 1 
ATOM 133  O OE2 . GLU A 1 23  ? 4.796   27.919  -14.897 1.00 89.88  ? 541 GLU A OE2 1 
ATOM 134  N N   . GLU A 1 24  ? 1.423   22.799  -17.113 1.00 83.63  ? 542 GLU A N   1 
ATOM 135  C CA  . GLU A 1 24  ? 0.325   21.913  -17.512 1.00 82.73  ? 542 GLU A CA  1 
ATOM 136  C C   . GLU A 1 24  ? 0.063   20.839  -16.423 1.00 80.55  ? 542 GLU A C   1 
ATOM 137  O O   . GLU A 1 24  ? -1.080  20.424  -16.197 1.00 80.84  ? 542 GLU A O   1 
ATOM 138  C CB  . GLU A 1 24  ? 0.630   21.196  -18.835 1.00 85.49  ? 542 GLU A CB  1 
ATOM 139  C CG  . GLU A 1 24  ? -0.327  20.024  -19.113 1.00 89.62  ? 542 GLU A CG  1 
ATOM 140  C CD  . GLU A 1 24  ? 0.134   19.114  -20.232 1.00 91.98  ? 542 GLU A CD  1 
ATOM 141  O OE1 . GLU A 1 24  ? -0.453  18.016  -20.386 1.00 92.40  ? 542 GLU A OE1 1 
ATOM 142  O OE2 . GLU A 1 24  ? 1.078   19.496  -20.958 1.00 92.64  ? 542 GLU A OE2 1 
ATOM 143  N N   . ILE A 1 25  ? 1.122   20.388  -15.757 1.00 76.71  ? 543 ILE A N   1 
ATOM 144  C CA  . ILE A 1 25  ? 0.983   19.363  -14.722 1.00 73.87  ? 543 ILE A CA  1 
ATOM 145  C C   . ILE A 1 25  ? 0.009   19.775  -13.602 1.00 74.18  ? 543 ILE A C   1 
ATOM 146  O O   . ILE A 1 25  ? -0.538  18.927  -12.875 1.00 73.85  ? 543 ILE A O   1 
ATOM 147  C CB  . ILE A 1 25  ? 2.359   19.020  -14.114 1.00 70.19  ? 543 ILE A CB  1 
ATOM 148  C CG1 . ILE A 1 25  ? 3.173   18.183  -15.107 1.00 66.66  ? 543 ILE A CG1 1 
ATOM 149  C CG2 . ILE A 1 25  ? 2.178   18.297  -12.790 1.00 67.54  ? 543 ILE A CG2 1 
ATOM 150  C CD1 . ILE A 1 25  ? 4.654   18.136  -14.793 1.00 64.33  ? 543 ILE A CD1 1 
ATOM 151  N N   . ASP A 1 26  ? -0.212  21.082  -13.485 1.00 73.43  ? 544 ASP A N   1 
ATOM 152  C CA  . ASP A 1 26  ? -1.107  21.610  -12.472 1.00 73.82  ? 544 ASP A CA  1 
ATOM 153  C C   . ASP A 1 26  ? -2.538  21.413  -12.942 1.00 72.03  ? 544 ASP A C   1 
ATOM 154  O O   . ASP A 1 26  ? -3.425  21.114  -12.148 1.00 70.02  ? 544 ASP A O   1 
ATOM 155  C CB  . ASP A 1 26  ? -0.811  23.099  -12.230 1.00 77.88  ? 544 ASP A CB  1 
ATOM 156  C CG  . ASP A 1 26  ? 0.546   23.342  -11.556 1.00 81.15  ? 544 ASP A CG  1 
ATOM 157  O OD1 . ASP A 1 26  ? 1.011   24.504  -11.568 1.00 83.71  ? 544 ASP A OD1 1 
ATOM 158  O OD2 . ASP A 1 26  ? 1.144   22.388  -11.010 1.00 82.84  ? 544 ASP A OD2 1 
ATOM 159  N N   . ILE A 1 27  ? -2.753  21.565  -14.247 1.00 70.67  ? 545 ILE A N   1 
ATOM 160  C CA  . ILE A 1 27  ? -4.095  21.401  -14.816 1.00 69.08  ? 545 ILE A CA  1 
ATOM 161  C C   . ILE A 1 27  ? -4.444  19.934  -14.841 1.00 66.46  ? 545 ILE A C   1 
ATOM 162  O O   . ILE A 1 27  ? -5.591  19.569  -14.570 1.00 63.61  ? 545 ILE A O   1 
ATOM 163  C CB  . ILE A 1 27  ? -4.210  21.951  -16.249 1.00 69.91  ? 545 ILE A CB  1 
ATOM 164  C CG1 . ILE A 1 27  ? -3.103  22.984  -16.517 1.00 71.47  ? 545 ILE A CG1 1 
ATOM 165  C CG2 . ILE A 1 27  ? -5.589  22.556  -16.440 1.00 67.08  ? 545 ILE A CG2 1 
ATOM 166  C CD1 . ILE A 1 27  ? -2.938  24.096  -15.449 1.00 70.76  ? 545 ILE A CD1 1 
ATOM 167  N N   . GLU A 1 28  ? -3.439  19.106  -15.158 1.00 65.82  ? 546 GLU A N   1 
ATOM 168  C CA  . GLU A 1 28  ? -3.603  17.642  -15.190 1.00 67.24  ? 546 GLU A CA  1 
ATOM 169  C C   . GLU A 1 28  ? -3.920  17.023  -13.816 1.00 66.07  ? 546 GLU A C   1 
ATOM 170  O O   . GLU A 1 28  ? -4.771  16.121  -13.722 1.00 63.91  ? 546 GLU A O   1 
ATOM 171  C CB  . GLU A 1 28  ? -2.368  16.972  -15.812 1.00 68.48  ? 546 GLU A CB  1 
ATOM 172  C CG  . GLU A 1 28  ? -2.397  16.981  -17.356 1.00 70.44  ? 546 GLU A CG  1 
ATOM 173  C CD  . GLU A 1 28  ? -3.667  16.355  -17.934 1.00 68.12  ? 546 GLU A CD  1 
ATOM 174  O OE1 . GLU A 1 28  ? -3.923  16.492  -19.147 1.00 68.15  ? 546 GLU A OE1 1 
ATOM 175  O OE2 . GLU A 1 28  ? -4.408  15.723  -17.167 1.00 66.94  ? 546 GLU A OE2 1 
ATOM 176  N N   . LEU A 1 29  ? -3.226  17.502  -12.777 1.00 66.17  ? 547 LEU A N   1 
ATOM 177  C CA  . LEU A 1 29  ? -3.468  17.064  -11.411 1.00 68.83  ? 547 LEU A CA  1 
ATOM 178  C C   . LEU A 1 29  ? -4.822  17.631  -10.996 1.00 70.41  ? 547 LEU A C   1 
ATOM 179  O O   . LEU A 1 29  ? -5.559  17.007  -10.229 1.00 71.27  ? 547 LEU A O   1 
ATOM 180  C CB  . LEU A 1 29  ? -2.394  17.576  -10.447 1.00 70.29  ? 547 LEU A CB  1 
ATOM 181  C CG  . LEU A 1 29  ? -1.210  16.637  -10.183 1.00 72.12  ? 547 LEU A CG  1 
ATOM 182  C CD1 . LEU A 1 29  ? -0.494  17.092  -8.930  1.00 71.84  ? 547 LEU A CD1 1 
ATOM 183  C CD2 . LEU A 1 29  ? -1.683  15.203  -9.992  1.00 72.58  ? 547 LEU A CD2 1 
ATOM 184  N N   . ALA A 1 30  ? -5.149  18.817  -11.516 1.00 72.96  ? 548 ALA A N   1 
ATOM 185  C CA  . ALA A 1 30  ? -6.413  19.479  -11.235 1.00 73.04  ? 548 ALA A CA  1 
ATOM 186  C C   . ALA A 1 30  ? -7.530  18.521  -11.613 1.00 74.14  ? 548 ALA A C   1 
ATOM 187  O O   . ALA A 1 30  ? -8.267  18.069  -10.740 1.00 74.45  ? 548 ALA A O   1 
ATOM 188  C CB  . ALA A 1 30  ? -6.518  20.747  -12.041 1.00 72.12  ? 548 ALA A CB  1 
ATOM 189  N N   . ARG A 1 31  ? -7.638  18.196  -12.907 1.00 75.79  ? 549 ARG A N   1 
ATOM 190  C CA  . ARG A 1 31  ? -8.675  17.281  -13.403 1.00 77.43  ? 549 ARG A CA  1 
ATOM 191  C C   . ARG A 1 31  ? -8.489  15.802  -13.080 1.00 78.22  ? 549 ARG A C   1 
ATOM 192  O O   . ARG A 1 31  ? -9.101  14.942  -13.718 1.00 78.73  ? 549 ARG A O   1 
ATOM 193  C CB  . ARG A 1 31  ? -8.866  17.434  -14.910 1.00 77.42  ? 549 ARG A CB  1 
ATOM 194  C CG  . ARG A 1 31  ? -7.660  17.914  -15.666 1.00 80.44  ? 549 ARG A CG  1 
ATOM 195  C CD  . ARG A 1 31  ? -7.790  17.488  -17.111 1.00 84.55  ? 549 ARG A CD  1 
ATOM 196  N NE  . ARG A 1 31  ? -7.005  18.290  -18.051 1.00 85.75  ? 549 ARG A NE  1 
ATOM 197  C CZ  . ARG A 1 31  ? -7.257  19.564  -18.356 1.00 86.17  ? 549 ARG A CZ  1 
ATOM 198  N NH1 . ARG A 1 31  ? -8.280  20.211  -17.792 1.00 86.32  ? 549 ARG A NH1 1 
ATOM 199  N NH2 . ARG A 1 31  ? -6.495  20.185  -19.247 1.00 83.72  ? 549 ARG A NH2 1 
ATOM 200  N N   . LEU A 1 32  ? -7.645  15.520  -12.089 1.00 78.16  ? 550 LEU A N   1 
ATOM 201  C CA  . LEU A 1 32  ? -7.368  14.161  -11.585 1.00 79.23  ? 550 LEU A CA  1 
ATOM 202  C C   . LEU A 1 32  ? -6.720  13.135  -12.520 1.00 78.75  ? 550 LEU A C   1 
ATOM 203  O O   . LEU A 1 32  ? -6.934  11.924  -12.359 1.00 77.99  ? 550 LEU A O   1 
ATOM 204  C CB  . LEU A 1 32  ? -8.646  13.541  -10.981 1.00 80.52  ? 550 LEU A CB  1 
ATOM 205  C CG  . LEU A 1 32  ? -9.376  14.296  -9.855  1.00 81.04  ? 550 LEU A CG  1 
ATOM 206  C CD1 . LEU A 1 32  ? -10.687 13.596  -9.575  1.00 80.22  ? 550 LEU A CD1 1 
ATOM 207  C CD2 . LEU A 1 32  ? -8.516  14.398  -8.596  1.00 79.72  ? 550 LEU A CD2 1 
ATOM 208  N N   . ARG A 1 33  ? -5.914  13.610  -13.473 1.00 77.89  ? 551 ARG A N   1 
ATOM 209  C CA  . ARG A 1 33  ? -5.223  12.719  -14.399 1.00 76.02  ? 551 ARG A CA  1 
ATOM 210  C C   . ARG A 1 33  ? -3.811  12.451  -13.848 1.00 73.54  ? 551 ARG A C   1 
ATOM 211  O O   . ARG A 1 33  ? -2.821  13.044  -14.297 1.00 69.84  ? 551 ARG A O   1 
ATOM 212  C CB  . ARG A 1 33  ? -5.126  13.377  -15.768 1.00 78.61  ? 551 ARG A CB  1 
ATOM 213  C CG  . ARG A 1 33  ? -6.369  14.110  -16.201 1.00 78.25  ? 551 ARG A CG  1 
ATOM 214  C CD  . ARG A 1 33  ? -7.075  13.404  -17.338 1.00 78.52  ? 551 ARG A CD  1 
ATOM 215  N NE  . ARG A 1 33  ? -7.900  14.349  -18.086 1.00 81.06  ? 551 ARG A NE  1 
ATOM 216  C CZ  . ARG A 1 33  ? -7.533  14.945  -19.221 1.00 81.65  ? 551 ARG A CZ  1 
ATOM 217  N NH1 . ARG A 1 33  ? -6.337  14.678  -19.758 1.00 81.15  ? 551 ARG A NH1 1 
ATOM 218  N NH2 . ARG A 1 33  ? -8.353  15.822  -19.800 1.00 79.54  ? 551 ARG A NH2 1 
ATOM 219  N N   . PHE A 1 34  ? -3.739  11.548  -12.873 1.00 72.75  ? 552 PHE A N   1 
ATOM 220  C CA  . PHE A 1 34  ? -2.479  11.192  -12.226 1.00 71.48  ? 552 PHE A CA  1 
ATOM 221  C C   . PHE A 1 34  ? -1.495  10.514  -13.188 1.00 69.17  ? 552 PHE A C   1 
ATOM 222  O O   . PHE A 1 34  ? -0.288  10.745  -13.111 1.00 66.19  ? 552 PHE A O   1 
ATOM 223  C CB  . PHE A 1 34  ? -2.767  10.336  -10.992 1.00 73.65  ? 552 PHE A CB  1 
ATOM 224  C CG  . PHE A 1 34  ? -3.617  11.040  -9.966  1.00 76.56  ? 552 PHE A CG  1 
ATOM 225  C CD1 . PHE A 1 34  ? -3.129  12.149  -9.278  1.00 78.39  ? 552 PHE A CD1 1 
ATOM 226  C CD2 . PHE A 1 34  ? -4.910  10.605  -9.691  1.00 77.71  ? 552 PHE A CD2 1 
ATOM 227  C CE1 . PHE A 1 34  ? -3.913  12.815  -8.334  1.00 79.14  ? 552 PHE A CE1 1 
ATOM 228  C CE2 . PHE A 1 34  ? -5.702  11.267  -8.745  1.00 78.88  ? 552 PHE A CE2 1 
ATOM 229  C CZ  . PHE A 1 34  ? -5.196  12.374  -8.069  1.00 80.12  ? 552 PHE A CZ  1 
ATOM 230  N N   . GLU A 1 35  ? -2.001  9.697   -14.103 1.00 68.39  ? 553 GLU A N   1 
ATOM 231  C CA  . GLU A 1 35  ? -1.120  9.078   -15.080 1.00 69.22  ? 553 GLU A CA  1 
ATOM 232  C C   . GLU A 1 35  ? -0.467  10.158  -15.952 1.00 68.41  ? 553 GLU A C   1 
ATOM 233  O O   . GLU A 1 35  ? 0.749   10.197  -16.097 1.00 67.63  ? 553 GLU A O   1 
ATOM 234  C CB  . GLU A 1 35  ? -1.905  8.132   -15.976 1.00 73.31  ? 553 GLU A CB  1 
ATOM 235  C CG  . GLU A 1 35  ? -1.071  7.473   -17.054 1.00 78.98  ? 553 GLU A CG  1 
ATOM 236  C CD  . GLU A 1 35  ? -1.906  6.600   -17.956 1.00 82.05  ? 553 GLU A CD  1 
ATOM 237  O OE1 . GLU A 1 35  ? -2.646  7.148   -18.814 1.00 82.34  ? 553 GLU A OE1 1 
ATOM 238  O OE2 . GLU A 1 35  ? -1.832  5.363   -17.787 1.00 82.84  ? 553 GLU A OE2 1 
ATOM 239  N N   . SER A 1 36  ? -1.280  11.035  -16.536 1.00 67.97  ? 554 SER A N   1 
ATOM 240  C CA  . SER A 1 36  ? -0.753  12.086  -17.398 1.00 66.71  ? 554 SER A CA  1 
ATOM 241  C C   . SER A 1 36  ? 0.288   12.891  -16.627 1.00 65.83  ? 554 SER A C   1 
ATOM 242  O O   . SER A 1 36  ? 1.372   13.209  -17.149 1.00 64.69  ? 554 SER A O   1 
ATOM 243  C CB  . SER A 1 36  ? -1.880  13.010  -17.852 1.00 66.79  ? 554 SER A CB  1 
ATOM 244  O OG  . SER A 1 36  ? -1.375  14.017  -18.716 1.00 70.03  ? 554 SER A OG  1 
ATOM 245  N N   . ALA A 1 37  ? -0.072  13.226  -15.384 1.00 65.08  ? 555 ALA A N   1 
ATOM 246  C CA  . ALA A 1 37  ? 0.777   13.995  -14.485 1.00 61.64  ? 555 ALA A CA  1 
ATOM 247  C C   . ALA A 1 37  ? 2.152   13.374  -14.445 1.00 60.47  ? 555 ALA A C   1 
ATOM 248  O O   . ALA A 1 37  ? 3.118   14.020  -14.824 1.00 59.44  ? 555 ALA A O   1 
ATOM 249  C CB  . ALA A 1 37  ? 0.180   14.025  -13.087 1.00 63.77  ? 555 ALA A CB  1 
ATOM 250  N N   . VAL A 1 38  ? 2.243   12.124  -13.997 1.00 59.27  ? 556 VAL A N   1 
ATOM 251  C CA  . VAL A 1 38  ? 3.535   11.458  -13.926 1.00 58.05  ? 556 VAL A CA  1 
ATOM 252  C C   . VAL A 1 38  ? 4.248   11.369  -15.283 1.00 59.68  ? 556 VAL A C   1 
ATOM 253  O O   . VAL A 1 38  ? 5.427   11.726  -15.386 1.00 58.96  ? 556 VAL A O   1 
ATOM 254  C CB  . VAL A 1 38  ? 3.418   10.051  -13.339 1.00 55.38  ? 556 VAL A CB  1 
ATOM 255  C CG1 . VAL A 1 38  ? 4.739   9.351   -13.470 1.00 53.90  ? 556 VAL A CG1 1 
ATOM 256  C CG2 . VAL A 1 38  ? 3.051   10.124  -11.908 1.00 55.17  ? 556 VAL A CG2 1 
ATOM 257  N N   . GLU A 1 39  ? 3.543   10.899  -16.313 1.00 61.40  ? 557 GLU A N   1 
ATOM 258  C CA  . GLU A 1 39  ? 4.124   10.789  -17.653 1.00 64.70  ? 557 GLU A CA  1 
ATOM 259  C C   . GLU A 1 39  ? 4.748   12.117  -18.110 1.00 64.23  ? 557 GLU A C   1 
ATOM 260  O O   . GLU A 1 39  ? 5.893   12.168  -18.568 1.00 65.64  ? 557 GLU A O   1 
ATOM 261  C CB  . GLU A 1 39  ? 3.076   10.340  -18.686 1.00 70.13  ? 557 GLU A CB  1 
ATOM 262  C CG  . GLU A 1 39  ? 2.631   8.879   -18.573 1.00 78.34  ? 557 GLU A CG  1 
ATOM 263  C CD  . GLU A 1 39  ? 1.956   8.359   -19.849 1.00 81.39  ? 557 GLU A CD  1 
ATOM 264  O OE1 . GLU A 1 39  ? 1.487   7.195   -19.858 1.00 82.50  ? 557 GLU A OE1 1 
ATOM 265  O OE2 . GLU A 1 39  ? 1.902   9.112   -20.846 1.00 83.45  ? 557 GLU A OE2 1 
ATOM 266  N N   . THR A 1 40  ? 4.027   13.217  -17.994 1.00 63.06  ? 558 THR A N   1 
ATOM 267  C CA  . THR A 1 40  ? 4.653   14.438  -18.440 1.00 62.29  ? 558 THR A CA  1 
ATOM 268  C C   . THR A 1 40  ? 5.870   14.751  -17.569 1.00 63.38  ? 558 THR A C   1 
ATOM 269  O O   . THR A 1 40  ? 6.956   14.967  -18.112 1.00 60.78  ? 558 THR A O   1 
ATOM 270  C CB  . THR A 1 40  ? 3.683   15.632  -18.431 1.00 60.40  ? 558 THR A CB  1 
ATOM 271  O OG1 . THR A 1 40  ? 2.468   15.285  -19.101 1.00 59.07  ? 558 THR A OG1 1 
ATOM 272  C CG2 . THR A 1 40  ? 4.308   16.788  -19.146 1.00 57.59  ? 558 THR A CG2 1 
ATOM 273  N N   . LEU A 1 41  ? 5.695   14.741  -16.240 1.00 63.88  ? 559 LEU A N   1 
ATOM 274  C CA  . LEU A 1 41  ? 6.768   15.052  -15.285 1.00 64.02  ? 559 LEU A CA  1 
ATOM 275  C C   . LEU A 1 41  ? 8.087   14.349  -15.562 1.00 65.57  ? 559 LEU A C   1 
ATOM 276  O O   . LEU A 1 41  ? 9.149   14.966  -15.471 1.00 67.07  ? 559 LEU A O   1 
ATOM 277  C CB  . LEU A 1 41  ? 6.353   14.725  -13.853 1.00 62.61  ? 559 LEU A CB  1 
ATOM 278  C CG  . LEU A 1 41  ? 7.434   14.973  -12.791 1.00 59.77  ? 559 LEU A CG  1 
ATOM 279  C CD1 . LEU A 1 41  ? 7.644   16.442  -12.612 1.00 58.35  ? 559 LEU A CD1 1 
ATOM 280  C CD2 . LEU A 1 41  ? 7.024   14.378  -11.480 1.00 59.09  ? 559 LEU A CD2 1 
ATOM 281  N N   . LEU A 1 42  ? 8.022   13.056  -15.872 1.00 65.16  ? 560 LEU A N   1 
ATOM 282  C CA  . LEU A 1 42  ? 9.212   12.282  -16.188 1.00 65.05  ? 560 LEU A CA  1 
ATOM 283  C C   . LEU A 1 42  ? 9.788   12.704  -17.559 1.00 67.68  ? 560 LEU A C   1 
ATOM 284  O O   . LEU A 1 42  ? 11.003  12.619  -17.784 1.00 68.62  ? 560 LEU A O   1 
ATOM 285  C CB  . LEU A 1 42  ? 8.879   10.786  -16.204 1.00 61.35  ? 560 LEU A CB  1 
ATOM 286  C CG  . LEU A 1 42  ? 8.314   10.125  -14.933 1.00 59.12  ? 560 LEU A CG  1 
ATOM 287  C CD1 . LEU A 1 42  ? 7.896   8.687   -15.260 1.00 51.79  ? 560 LEU A CD1 1 
ATOM 288  C CD2 . LEU A 1 42  ? 9.329   10.234  -13.741 1.00 53.54  ? 560 LEU A CD2 1 
ATOM 289  N N   . ASP A 1 43  ? 8.928   13.144  -18.483 1.00 70.83  ? 561 ASP A N   1 
ATOM 290  C CA  . ASP A 1 43  ? 9.404   13.578  -19.797 1.00 72.74  ? 561 ASP A CA  1 
ATOM 291  C C   . ASP A 1 43  ? 10.157  14.894  -19.585 1.00 73.65  ? 561 ASP A C   1 
ATOM 292  O O   . ASP A 1 43  ? 11.300  15.043  -20.007 1.00 72.65  ? 561 ASP A O   1 
ATOM 293  C CB  . ASP A 1 43  ? 8.228   13.778  -20.771 1.00 74.65  ? 561 ASP A CB  1 
ATOM 294  C CG  . ASP A 1 43  ? 8.656   13.741  -22.252 1.00 75.98  ? 561 ASP A CG  1 
ATOM 295  O OD1 . ASP A 1 43  ? 9.469   14.580  -22.683 1.00 76.03  ? 561 ASP A OD1 1 
ATOM 296  O OD2 . ASP A 1 43  ? 8.167   12.872  -23.000 1.00 76.94  ? 561 ASP A OD2 1 
ATOM 297  N N   . ILE A 1 44  ? 9.530   15.849  -18.915 1.00 75.69  ? 562 ILE A N   1 
ATOM 298  C CA  . ILE A 1 44  ? 10.196  17.123  -18.682 1.00 78.69  ? 562 ILE A CA  1 
ATOM 299  C C   . ILE A 1 44  ? 11.538  16.928  -17.943 1.00 81.43  ? 562 ILE A C   1 
ATOM 300  O O   . ILE A 1 44  ? 12.456  17.731  -18.144 1.00 82.11  ? 562 ILE A O   1 
ATOM 301  C CB  . ILE A 1 44  ? 9.258   18.081  -17.892 1.00 77.17  ? 562 ILE A CB  1 
ATOM 302  C CG1 . ILE A 1 44  ? 8.027   18.391  -18.740 1.00 74.78  ? 562 ILE A CG1 1 
ATOM 303  C CG2 . ILE A 1 44  ? 9.975   19.367  -17.497 1.00 74.84  ? 562 ILE A CG2 1 
ATOM 304  C CD1 . ILE A 1 44  ? 6.982   19.218  -18.033 1.00 74.75  ? 562 ILE A CD1 1 
ATOM 305  N N   . GLU A 1 45  ? 11.668  15.877  -17.117 1.00 83.88  ? 563 GLU A N   1 
ATOM 306  C CA  . GLU A 1 45  ? 12.917  15.504  -16.447 1.00 85.69  ? 563 GLU A CA  1 
ATOM 307  C C   . GLU A 1 45  ? 13.833  14.615  -17.262 1.00 87.19  ? 563 GLU A C   1 
ATOM 308  O O   . GLU A 1 45  ? 15.055  14.728  -17.142 1.00 86.60  ? 563 GLU A O   1 
ATOM 309  C CB  . GLU A 1 45  ? 12.631  14.760  -15.233 1.00 85.54  ? 563 GLU A CB  1 
ATOM 310  C CG  . GLU A 1 45  ? 11.832  15.630  -14.374 1.00 85.73  ? 563 GLU A CG  1 
ATOM 311  C CD  . GLU A 1 45  ? 11.592  14.810  -13.163 1.00 85.95  ? 563 GLU A CD  1 
ATOM 312  O OE1 . GLU A 1 45  ? 11.679  15.338  -12.031 1.00 84.92  ? 563 GLU A OE1 1 
ATOM 313  O OE2 . GLU A 1 45  ? 11.289  13.602  -13.320 1.00 85.78  ? 563 GLU A OE2 1 
ATOM 314  N N   . SER A 1 46  ? 13.327  13.723  -18.100 1.00 90.38  ? 564 SER A N   1 
ATOM 315  C CA  . SER A 1 46  ? 14.347  13.004  -18.832 1.00 93.28  ? 564 SER A CA  1 
ATOM 316  C C   . SER A 1 46  ? 14.926  13.961  -19.843 1.00 95.04  ? 564 SER A C   1 
ATOM 317  O O   . SER A 1 46  ? 16.122  13.921  -20.098 1.00 97.31  ? 564 SER A O   1 
ATOM 318  C CB  . SER A 1 46  ? 13.871  11.691  -19.450 1.00 93.53  ? 564 SER A CB  1 
ATOM 319  O OG  . SER A 1 46  ? 14.859  10.673  -19.325 1.00 93.80  ? 564 SER A OG  1 
ATOM 320  N N   . GLN A 1 47  ? 14.128  14.799  -20.332 1.00 95.99  ? 565 GLN A N   1 
ATOM 321  C CA  . GLN A 1 47  ? 14.497  15.803  -21.252 1.00 96.29  ? 565 GLN A CA  1 
ATOM 322  C C   . GLN A 1 47  ? 15.494  16.837  -20.710 1.00 96.17  ? 565 GLN A C   1 
ATOM 323  O O   . GLN A 1 47  ? 16.495  17.172  -21.318 1.00 95.19  ? 565 GLN A O   1 
ATOM 324  C CB  . GLN A 1 47  ? 13.197  16.506  -21.647 1.00 96.81  ? 565 GLN A CB  1 
ATOM 325  C CG  . GLN A 1 47  ? 13.271  17.209  -22.969 1.00 98.26  ? 565 GLN A CG  1 
ATOM 326  C CD  . GLN A 1 47  ? 12.009  17.007  -23.751 1.00 99.75  ? 565 GLN A CD  1 
ATOM 327  O OE1 . GLN A 1 47  ? 11.554  15.890  -23.955 1.00 100.00 ? 565 GLN A OE1 1 
ATOM 328  N NE2 . GLN A 1 47  ? 11.274  17.967  -24.301 1.00 100.00 ? 565 GLN A NE2 1 
ATOM 329  N N   . LEU A 1 48  ? 15.116  17.328  -19.490 1.00 97.49  ? 566 LEU A N   1 
ATOM 330  C CA  . LEU A 1 48  ? 15.850  18.321  -18.683 1.00 98.45  ? 566 LEU A CA  1 
ATOM 331  C C   . LEU A 1 48  ? 17.243  17.827  -18.343 1.00 99.00  ? 566 LEU A C   1 
ATOM 332  O O   . LEU A 1 48  ? 18.119  18.607  -17.984 1.00 99.06  ? 566 LEU A O   1 
ATOM 333  C CB  . LEU A 1 48  ? 15.096  18.645  -17.405 1.00 98.77  ? 566 LEU A CB  1 
ATOM 334  C CG  . LEU A 1 48  ? 15.671  19.833  -16.614 1.00 99.69  ? 566 LEU A CG  1 
ATOM 335  C CD1 . LEU A 1 48  ? 15.259  21.154  -17.247 1.00 99.54  ? 566 LEU A CD1 1 
ATOM 336  C CD2 . LEU A 1 48  ? 15.242  19.772  -15.169 1.00 100.00 ? 566 LEU A CD2 1 
ATOM 337  N N   . GLU A 1 49  ? 17.439  16.519  -18.452 1.00 99.64  ? 567 GLU A N   1 
ATOM 338  C CA  . GLU A 1 49  ? 18.725  15.925  -18.143 1.00 99.63  ? 567 GLU A CA  1 
ATOM 339  C C   . GLU A 1 49  ? 19.701  16.106  -19.291 1.00 99.51  ? 567 GLU A C   1 
ATOM 340  O O   . GLU A 1 49  ? 20.885  16.341  -19.068 1.00 99.03  ? 567 GLU A O   1 
ATOM 341  C CB  . GLU A 1 49  ? 18.556  14.444  -17.831 1.00 100.00 ? 567 GLU A CB  1 
ATOM 342  C CG  . GLU A 1 49  ? 19.770  13.826  -17.172 1.00 100.00 ? 567 GLU A CG  1 
ATOM 343  C CD  . GLU A 1 49  ? 19.426  12.551  -16.439 1.00 100.00 ? 567 GLU A CD  1 
ATOM 344  O OE1 . GLU A 1 49  ? 18.556  12.605  -15.540 1.00 100.00 ? 567 GLU A OE1 1 
ATOM 345  O OE2 . GLU A 1 49  ? 20.020  11.501  -16.758 1.00 100.00 ? 567 GLU A OE2 1 
ATOM 346  N N   . ASP A 1 50  ? 19.198  15.998  -20.517 1.00 99.60  ? 568 ASP A N   1 
ATOM 347  C CA  . ASP A 1 50  ? 20.035  16.165  -21.700 1.00 100.00 ? 568 ASP A CA  1 
ATOM 348  C C   . ASP A 1 50  ? 20.576  17.591  -21.841 1.00 99.76  ? 568 ASP A C   1 
ATOM 349  O O   . ASP A 1 50  ? 21.758  17.789  -22.114 1.00 100.00 ? 568 ASP A O   1 
ATOM 350  C CB  . ASP A 1 50  ? 19.261  15.783  -22.969 1.00 100.00 ? 568 ASP A CB  1 
ATOM 351  C CG  . ASP A 1 50  ? 19.084  14.283  -23.120 1.00 100.00 ? 568 ASP A CG  1 
ATOM 352  O OD1 . ASP A 1 50  ? 18.531  13.848  -24.155 1.00 100.00 ? 568 ASP A OD1 1 
ATOM 353  O OD2 . ASP A 1 50  ? 19.501  13.539  -22.204 1.00 100.00 ? 568 ASP A OD2 1 
ATOM 354  N N   . LEU A 1 51  ? 19.719  18.585  -21.639 1.00 100.00 ? 569 LEU A N   1 
ATOM 355  C CA  . LEU A 1 51  ? 20.119  19.987  -21.772 1.00 100.00 ? 569 LEU A CA  1 
ATOM 356  C C   . LEU A 1 51  ? 21.146  20.478  -20.747 1.00 100.00 ? 569 LEU A C   1 
ATOM 357  O O   . LEU A 1 51  ? 21.664  21.588  -20.873 1.00 99.77  ? 569 LEU A O   1 
ATOM 358  C CB  . LEU A 1 51  ? 18.884  20.878  -21.694 1.00 100.00 ? 569 LEU A CB  1 
ATOM 359  C CG  . LEU A 1 51  ? 17.729  20.463  -22.593 1.00 100.00 ? 569 LEU A CG  1 
ATOM 360  C CD1 . LEU A 1 51  ? 16.565  21.400  -22.357 1.00 100.00 ? 569 LEU A CD1 1 
ATOM 361  C CD2 . LEU A 1 51  ? 18.171  20.487  -24.048 1.00 99.96  ? 569 LEU A CD2 1 
ATOM 362  N N   . SER A 1 52  ? 21.432  19.663  -19.736 1.00 100.00 ? 570 SER A N   1 
ATOM 363  C CA  . SER A 1 52  ? 22.398  20.037  -18.708 1.00 100.00 ? 570 SER A CA  1 
ATOM 364  C C   . SER A 1 52  ? 23.729  19.339  -18.948 1.00 99.32  ? 570 SER A C   1 
ATOM 365  O O   . SER A 1 52  ? 24.100  19.070  -20.090 1.00 97.83  ? 570 SER A O   1 
ATOM 366  C CB  . SER A 1 52  ? 21.867  19.670  -17.323 1.00 100.00 ? 570 SER A CB  1 
ATOM 367  O OG  . SER A 1 52  ? 21.602  18.283  -17.232 1.00 100.00 ? 570 SER A OG  1 
ATOM 368  N N   . LEU A 1 60  ? 21.755  28.300  -18.509 1.00 86.11  ? 578 LEU A N   1 
ATOM 369  C CA  . LEU A 1 60  ? 21.672  27.448  -17.319 1.00 88.17  ? 578 LEU A CA  1 
ATOM 370  C C   . LEU A 1 60  ? 20.731  28.065  -16.294 1.00 87.28  ? 578 LEU A C   1 
ATOM 371  O O   . LEU A 1 60  ? 20.038  27.353  -15.567 1.00 85.86  ? 578 LEU A O   1 
ATOM 372  C CB  . LEU A 1 60  ? 23.058  27.261  -16.687 1.00 90.16  ? 578 LEU A CB  1 
ATOM 373  C CG  . LEU A 1 60  ? 23.128  26.223  -15.564 1.00 90.42  ? 578 LEU A CG  1 
ATOM 374  C CD1 . LEU A 1 60  ? 23.062  24.829  -16.168 1.00 90.15  ? 578 LEU A CD1 1 
ATOM 375  C CD2 . LEU A 1 60  ? 24.409  26.393  -14.767 1.00 90.97  ? 578 LEU A CD2 1 
ATOM 376  N N   . MET A 1 61  ? 20.749  29.396  -16.235 1.00 88.29  ? 579 MET A N   1 
ATOM 377  C CA  . MET A 1 61  ? 19.882  30.176  -15.356 1.00 88.63  ? 579 MET A CA  1 
ATOM 378  C C   . MET A 1 61  ? 18.488  29.617  -15.546 1.00 89.33  ? 579 MET A C   1 
ATOM 379  O O   . MET A 1 61  ? 17.853  29.161  -14.593 1.00 88.69  ? 579 MET A O   1 
ATOM 380  C CB  . MET A 1 61  ? 19.875  31.649  -15.783 1.00 88.75  ? 579 MET A CB  1 
ATOM 381  C CG  . MET A 1 61  ? 21.035  32.494  -15.274 1.00 89.68  ? 579 MET A CG  1 
ATOM 382  S SD  . MET A 1 61  ? 20.486  33.553  -13.924 1.00 90.47  ? 579 MET A SD  1 
ATOM 383  C CE  . MET A 1 61  ? 20.360  32.308  -12.616 1.00 89.85  ? 579 MET A CE  1 
ATOM 384  N N   . LEU A 1 62  ? 18.027  29.646  -16.798 1.00 90.81  ? 580 LEU A N   1 
ATOM 385  C CA  . LEU A 1 62  ? 16.699  29.150  -17.141 1.00 91.07  ? 580 LEU A CA  1 
ATOM 386  C C   . LEU A 1 62  ? 16.528  27.682  -16.742 1.00 91.06  ? 580 LEU A C   1 
ATOM 387  O O   . LEU A 1 62  ? 15.487  27.312  -16.180 1.00 91.67  ? 580 LEU A O   1 
ATOM 388  C CB  . LEU A 1 62  ? 16.419  29.335  -18.645 1.00 90.79  ? 580 LEU A CB  1 
ATOM 389  C CG  . LEU A 1 62  ? 14.966  29.092  -19.113 1.00 91.57  ? 580 LEU A CG  1 
ATOM 390  C CD1 . LEU A 1 62  ? 14.003  30.000  -18.356 1.00 89.60  ? 580 LEU A CD1 1 
ATOM 391  C CD2 . LEU A 1 62  ? 14.849  29.334  -20.610 1.00 90.79  ? 580 LEU A CD2 1 
ATOM 392  N N   . LEU A 1 63  ? 17.545  26.856  -17.013 1.00 90.95  ? 581 LEU A N   1 
ATOM 393  C CA  . LEU A 1 63  ? 17.488  25.432  -16.674 1.00 90.03  ? 581 LEU A CA  1 
ATOM 394  C C   . LEU A 1 63  ? 17.214  25.233  -15.178 1.00 89.20  ? 581 LEU A C   1 
ATOM 395  O O   . LEU A 1 63  ? 16.160  24.710  -14.804 1.00 88.83  ? 581 LEU A O   1 
ATOM 396  C CB  . LEU A 1 63  ? 18.792  24.725  -17.053 1.00 90.21  ? 581 LEU A CB  1 
ATOM 397  C CG  . LEU A 1 63  ? 18.668  23.201  -17.188 1.00 89.43  ? 581 LEU A CG  1 
ATOM 398  C CD1 . LEU A 1 63  ? 17.914  22.887  -18.467 1.00 87.72  ? 581 LEU A CD1 1 
ATOM 399  C CD2 . LEU A 1 63  ? 20.035  22.545  -17.220 1.00 90.41  ? 581 LEU A CD2 1 
ATOM 400  N N   . ASN A 1 64  ? 18.161  25.647  -14.335 1.00 88.32  ? 582 ASN A N   1 
ATOM 401  C CA  . ASN A 1 64  ? 18.018  25.528  -12.883 1.00 86.83  ? 582 ASN A CA  1 
ATOM 402  C C   . ASN A 1 64  ? 16.667  26.077  -12.457 1.00 84.41  ? 582 ASN A C   1 
ATOM 403  O O   . ASN A 1 64  ? 16.057  25.594  -11.510 1.00 84.16  ? 582 ASN A O   1 
ATOM 404  C CB  . ASN A 1 64  ? 19.118  26.309  -12.154 1.00 90.04  ? 582 ASN A CB  1 
ATOM 405  C CG  . ASN A 1 64  ? 20.512  25.752  -12.413 1.00 94.37  ? 582 ASN A CG  1 
ATOM 406  O OD1 . ASN A 1 64  ? 20.797  24.584  -12.125 1.00 96.30  ? 582 ASN A OD1 1 
ATOM 407  N ND2 . ASN A 1 64  ? 21.394  26.594  -12.949 1.00 96.36  ? 582 ASN A ND2 1 
ATOM 408  N N   . LEU A 1 65  ? 16.199  27.095  -13.166 1.00 82.38  ? 583 LEU A N   1 
ATOM 409  C CA  . LEU A 1 65  ? 14.922  27.715  -12.857 1.00 80.09  ? 583 LEU A CA  1 
ATOM 410  C C   . LEU A 1 65  ? 13.748  26.766  -13.127 1.00 79.38  ? 583 LEU A C   1 
ATOM 411  O O   . LEU A 1 65  ? 12.821  26.702  -12.321 1.00 79.76  ? 583 LEU A O   1 
ATOM 412  C CB  . LEU A 1 65  ? 14.761  28.991  -13.681 1.00 80.17  ? 583 LEU A CB  1 
ATOM 413  C CG  . LEU A 1 65  ? 14.047  30.160  -13.004 1.00 80.07  ? 583 LEU A CG  1 
ATOM 414  C CD1 . LEU A 1 65  ? 13.543  31.112  -14.082 1.00 78.50  ? 583 LEU A CD1 1 
ATOM 415  C CD2 . LEU A 1 65  ? 12.885  29.656  -12.127 1.00 79.27  ? 583 LEU A CD2 1 
ATOM 416  N N   . ILE A 1 66  ? 13.785  26.043  -14.259 1.00 77.69  ? 584 ILE A N   1 
ATOM 417  C CA  . ILE A 1 66  ? 12.729  25.091  -14.632 1.00 76.10  ? 584 ILE A CA  1 
ATOM 418  C C   . ILE A 1 66  ? 12.855  23.846  -13.782 1.00 76.85  ? 584 ILE A C   1 
ATOM 419  O O   . ILE A 1 66  ? 11.854  23.231  -13.397 1.00 75.24  ? 584 ILE A O   1 
ATOM 420  C CB  . ILE A 1 66  ? 12.834  24.647  -16.100 1.00 75.21  ? 584 ILE A CB  1 
ATOM 421  C CG1 . ILE A 1 66  ? 12.759  25.855  -17.029 1.00 74.97  ? 584 ILE A CG1 1 
ATOM 422  C CG2 . ILE A 1 66  ? 11.705  23.693  -16.434 1.00 73.38  ? 584 ILE A CG2 1 
ATOM 423  C CD1 . ILE A 1 66  ? 12.841  25.483  -18.485 1.00 72.26  ? 584 ILE A CD1 1 
ATOM 424  N N   . SER A 1 67  ? 14.101  23.475  -13.510 1.00 78.67  ? 585 SER A N   1 
ATOM 425  C CA  . SER A 1 67  ? 14.438  22.309  -12.701 1.00 79.56  ? 585 SER A CA  1 
ATOM 426  C C   . SER A 1 67  ? 13.755  22.412  -11.330 1.00 79.02  ? 585 SER A C   1 
ATOM 427  O O   . SER A 1 67  ? 13.234  21.427  -10.796 1.00 79.97  ? 585 SER A O   1 
ATOM 428  C CB  . SER A 1 67  ? 15.964  22.245  -12.546 1.00 79.47  ? 585 SER A CB  1 
ATOM 429  O OG  . SER A 1 67  ? 16.399  20.977  -12.106 1.00 81.04  ? 585 SER A OG  1 
ATOM 430  N N   . LEU A 1 68  ? 13.765  23.619  -10.774 1.00 76.85  ? 586 LEU A N   1 
ATOM 431  C CA  . LEU A 1 68  ? 13.145  23.885  -9.494  1.00 75.49  ? 586 LEU A CA  1 
ATOM 432  C C   . LEU A 1 68  ? 11.624  23.804  -9.575  1.00 75.33  ? 586 LEU A C   1 
ATOM 433  O O   . LEU A 1 68  ? 10.961  23.394  -8.605  1.00 74.66  ? 586 LEU A O   1 
ATOM 434  C CB  . LEU A 1 68  ? 13.546  25.269  -8.950  1.00 77.29  ? 586 LEU A CB  1 
ATOM 435  C CG  . LEU A 1 68  ? 14.962  25.562  -8.427  1.00 76.10  ? 586 LEU A CG  1 
ATOM 436  C CD1 . LEU A 1 68  ? 14.975  26.960  -7.853  1.00 74.94  ? 586 LEU A CD1 1 
ATOM 437  C CD2 . LEU A 1 68  ? 15.365  24.573  -7.359  1.00 74.75  ? 586 LEU A CD2 1 
ATOM 438  N N   . LYS A 1 69  ? 11.057  24.190  -10.714 1.00 76.73  ? 587 LYS A N   1 
ATOM 439  C CA  . LYS A 1 69  ? 9.608   24.117  -10.860 1.00 77.61  ? 587 LYS A CA  1 
ATOM 440  C C   . LYS A 1 69  ? 9.190   22.651  -10.906 1.00 77.66  ? 587 LYS A C   1 
ATOM 441  O O   . LYS A 1 69  ? 8.133   22.285  -10.389 1.00 76.63  ? 587 LYS A O   1 
ATOM 442  C CB  . LYS A 1 69  ? 9.157   24.859  -12.124 1.00 78.27  ? 587 LYS A CB  1 
ATOM 443  C CG  . LYS A 1 69  ? 9.480   26.357  -12.094 1.00 77.55  ? 587 LYS A CG  1 
ATOM 444  C CD  . LYS A 1 69  ? 9.144   27.093  -13.405 1.00 78.67  ? 587 LYS A CD  1 
ATOM 445  C CE  . LYS A 1 69  ? 7.649   27.337  -13.580 1.00 77.40  ? 587 LYS A CE  1 
ATOM 446  N NZ  . LYS A 1 69  ? 7.355   28.450  -14.521 1.00 70.86  ? 587 LYS A NZ  1 
ATOM 447  N N   . ILE A 1 70  ? 10.046  21.801  -11.483 1.00 79.12  ? 588 ILE A N   1 
ATOM 448  C CA  . ILE A 1 70  ? 9.753   20.360  -11.591 1.00 81.04  ? 588 ILE A CA  1 
ATOM 449  C C   . ILE A 1 70  ? 9.697   19.675  -10.217 1.00 80.53  ? 588 ILE A C   1 
ATOM 450  O O   . ILE A 1 70  ? 8.755   18.894  -9.939  1.00 79.80  ? 588 ILE A O   1 
ATOM 451  C CB  . ILE A 1 70  ? 10.775  19.649  -12.503 1.00 84.35  ? 588 ILE A CB  1 
ATOM 452  C CG1 . ILE A 1 70  ? 10.851  20.376  -13.848 1.00 88.04  ? 588 ILE A CG1 1 
ATOM 453  C CG2 . ILE A 1 70  ? 10.330  18.233  -12.775 1.00 85.29  ? 588 ILE A CG2 1 
ATOM 454  C CD1 . ILE A 1 70  ? 11.866  19.815  -14.803 1.00 89.05  ? 588 ILE A CD1 1 
ATOM 455  N N   . GLU A 1 71  ? 10.683  19.971  -9.356  1.00 80.29  ? 589 GLU A N   1 
ATOM 456  C CA  . GLU A 1 71  ? 10.712  19.396  -8.010  1.00 79.56  ? 589 GLU A CA  1 
ATOM 457  C C   . GLU A 1 71  ? 9.415   19.763  -7.347  1.00 78.39  ? 589 GLU A C   1 
ATOM 458  O O   . GLU A 1 71  ? 8.750   18.921  -6.727  1.00 75.95  ? 589 GLU A O   1 
ATOM 459  C CB  . GLU A 1 71  ? 11.892  19.925  -7.202  1.00 82.02  ? 589 GLU A CB  1 
ATOM 460  C CG  . GLU A 1 71  ? 13.107  19.018  -7.307  1.00 86.64  ? 589 GLU A CG  1 
ATOM 461  C CD  . GLU A 1 71  ? 12.721  17.529  -7.302  1.00 87.91  ? 589 GLU A CD  1 
ATOM 462  O OE1 . GLU A 1 71  ? 11.937  17.110  -6.413  1.00 86.53  ? 589 GLU A OE1 1 
ATOM 463  O OE2 . GLU A 1 71  ? 13.201  16.780  -8.187  1.00 87.01  ? 589 GLU A OE2 1 
ATOM 464  N N   . GLN A 1 72  ? 9.050   21.032  -7.516  1.00 79.19  ? 590 GLN A N   1 
ATOM 465  C CA  . GLN A 1 72  ? 7.798   21.560  -6.978  1.00 80.30  ? 590 GLN A CA  1 
ATOM 466  C C   . GLN A 1 72  ? 6.638   20.631  -7.396  1.00 77.99  ? 590 GLN A C   1 
ATOM 467  O O   . GLN A 1 72  ? 5.971   20.018  -6.542  1.00 76.07  ? 590 GLN A O   1 
ATOM 468  C CB  . GLN A 1 72  ? 7.552   22.976  -7.519  1.00 85.07  ? 590 GLN A CB  1 
ATOM 469  C CG  . GLN A 1 72  ? 7.406   24.062  -6.459  1.00 92.36  ? 590 GLN A CG  1 
ATOM 470  C CD  . GLN A 1 72  ? 8.671   24.268  -5.648  1.00 97.42  ? 590 GLN A CD  1 
ATOM 471  O OE1 . GLN A 1 72  ? 9.756   24.428  -6.205  1.00 100.00 ? 590 GLN A OE1 1 
ATOM 472  N NE2 . GLN A 1 72  ? 8.536   24.275  -4.326  1.00 97.71  ? 590 GLN A NE2 1 
ATOM 473  N N   . ARG A 1 73  ? 6.412   20.519  -8.706  1.00 76.14  ? 591 ARG A N   1 
ATOM 474  C CA  . ARG A 1 73  ? 5.328   19.679  -9.191  1.00 74.76  ? 591 ARG A CA  1 
ATOM 475  C C   . ARG A 1 73  ? 5.532   18.220  -8.832  1.00 73.01  ? 591 ARG A C   1 
ATOM 476  O O   . ARG A 1 73  ? 4.583   17.534  -8.434  1.00 70.69  ? 591 ARG A O   1 
ATOM 477  C CB  . ARG A 1 73  ? 5.125   19.846  -10.702 1.00 75.63  ? 591 ARG A CB  1 
ATOM 478  C CG  . ARG A 1 73  ? 4.199   21.026  -11.066 1.00 77.20  ? 591 ARG A CG  1 
ATOM 479  C CD  . ARG A 1 73  ? 4.871   22.371  -10.778 1.00 79.97  ? 591 ARG A CD  1 
ATOM 480  N NE  . ARG A 1 73  ? 4.075   23.541  -11.153 1.00 80.78  ? 591 ARG A NE  1 
ATOM 481  C CZ  . ARG A 1 73  ? 4.576   24.771  -11.261 1.00 81.51  ? 591 ARG A CZ  1 
ATOM 482  N NH1 . ARG A 1 73  ? 5.863   24.994  -11.029 1.00 80.83  ? 591 ARG A NH1 1 
ATOM 483  N NH2 . ARG A 1 73  ? 3.795   25.785  -11.595 1.00 83.02  ? 591 ARG A NH2 1 
ATOM 484  N N   . ARG A 1 74  ? 6.765   17.740  -8.955  1.00 72.44  ? 592 ARG A N   1 
ATOM 485  C CA  . ARG A 1 74  ? 7.027   16.355  -8.599  1.00 72.12  ? 592 ARG A CA  1 
ATOM 486  C C   . ARG A 1 74  ? 6.468   16.128  -7.202  1.00 72.30  ? 592 ARG A C   1 
ATOM 487  O O   . ARG A 1 74  ? 5.709   15.198  -6.959  1.00 71.07  ? 592 ARG A O   1 
ATOM 488  C CB  . ARG A 1 74  ? 8.526   16.064  -8.594  1.00 71.80  ? 592 ARG A CB  1 
ATOM 489  C CG  . ARG A 1 74  ? 8.825   14.667  -8.102  1.00 71.97  ? 592 ARG A CG  1 
ATOM 490  C CD  . ARG A 1 74  ? 10.275  14.279  -8.287  1.00 72.53  ? 592 ARG A CD  1 
ATOM 491  N NE  . ARG A 1 74  ? 10.400  12.827  -8.413  1.00 73.13  ? 592 ARG A NE  1 
ATOM 492  C CZ  . ARG A 1 74  ? 10.334  12.163  -9.563  1.00 72.33  ? 592 ARG A CZ  1 
ATOM 493  N NH1 . ARG A 1 74  ? 10.166  12.809  -10.699 1.00 74.26  ? 592 ARG A NH1 1 
ATOM 494  N NH2 . ARG A 1 74  ? 10.391  10.846  -9.575  1.00 71.78  ? 592 ARG A NH2 1 
ATOM 495  N N   . GLU A 1 75  ? 6.847   17.004  -6.280  1.00 73.36  ? 593 GLU A N   1 
ATOM 496  C CA  . GLU A 1 75  ? 6.382   16.885  -4.913  1.00 74.52  ? 593 GLU A CA  1 
ATOM 497  C C   . GLU A 1 75  ? 4.859   16.823  -4.903  1.00 73.58  ? 593 GLU A C   1 
ATOM 498  O O   . GLU A 1 75  ? 4.268   15.852  -4.416  1.00 72.36  ? 593 GLU A O   1 
ATOM 499  C CB  . GLU A 1 75  ? 6.883   18.068  -4.075  1.00 76.66  ? 593 GLU A CB  1 
ATOM 500  C CG  . GLU A 1 75  ? 6.885   17.794  -2.580  1.00 79.84  ? 593 GLU A CG  1 
ATOM 501  C CD  . GLU A 1 75  ? 5.498   17.461  -2.035  1.00 83.52  ? 593 GLU A CD  1 
ATOM 502  O OE1 . GLU A 1 75  ? 4.626   18.366  -2.008  1.00 85.41  ? 593 GLU A OE1 1 
ATOM 503  O OE2 . GLU A 1 75  ? 5.274   16.293  -1.637  1.00 84.99  ? 593 GLU A OE2 1 
ATOM 504  N N   . ALA A 1 76  ? 4.237   17.864  -5.455  1.00 74.42  ? 594 ALA A N   1 
ATOM 505  C CA  . ALA A 1 76  ? 2.784   17.985  -5.516  1.00 74.68  ? 594 ALA A CA  1 
ATOM 506  C C   . ALA A 1 76  ? 2.091   16.704  -5.930  1.00 73.42  ? 594 ALA A C   1 
ATOM 507  O O   . ALA A 1 76  ? 1.069   16.343  -5.350  1.00 73.07  ? 594 ALA A O   1 
ATOM 508  C CB  . ALA A 1 76  ? 2.407   19.099  -6.460  1.00 77.52  ? 594 ALA A CB  1 
ATOM 509  N N   . ILE A 1 77  ? 2.646   16.027  -6.939  1.00 72.17  ? 595 ILE A N   1 
ATOM 510  C CA  . ILE A 1 77  ? 2.093   14.765  -7.442  1.00 69.45  ? 595 ILE A CA  1 
ATOM 511  C C   . ILE A 1 77  ? 2.090   13.688  -6.361  1.00 70.41  ? 595 ILE A C   1 
ATOM 512  O O   . ILE A 1 77  ? 1.083   12.986  -6.212  1.00 72.26  ? 595 ILE A O   1 
ATOM 513  C CB  . ILE A 1 77  ? 2.870   14.242  -8.669  1.00 67.19  ? 595 ILE A CB  1 
ATOM 514  C CG1 . ILE A 1 77  ? 2.721   15.218  -9.835  1.00 65.28  ? 595 ILE A CG1 1 
ATOM 515  C CG2 . ILE A 1 77  ? 2.313   12.906  -9.109  1.00 66.98  ? 595 ILE A CG2 1 
ATOM 516  C CD1 . ILE A 1 77  ? 3.599   14.881  -11.068 1.00 63.46  ? 595 ILE A CD1 1 
ATOM 517  N N   . SER A 1 78  ? 3.199   13.565  -5.614  1.00 70.69  ? 596 SER A N   1 
ATOM 518  C CA  . SER A 1 78  ? 3.330   12.584  -4.508  1.00 70.42  ? 596 SER A CA  1 
ATOM 519  C C   . SER A 1 78  ? 2.245   12.781  -3.448  1.00 69.31  ? 596 SER A C   1 
ATOM 520  O O   . SER A 1 78  ? 1.503   11.837  -3.108  1.00 68.84  ? 596 SER A O   1 
ATOM 521  C CB  . SER A 1 78  ? 4.699   12.703  -3.848  1.00 71.47  ? 596 SER A CB  1 
ATOM 522  O OG  . SER A 1 78  ? 5.683   12.163  -4.697  1.00 71.41  ? 596 SER A OG  1 
ATOM 523  N N   . SER A 1 79  ? 2.174   14.018  -2.941  1.00 68.98  ? 597 SER A N   1 
ATOM 524  C CA  . SER A 1 79  ? 1.170   14.431  -1.956  1.00 68.07  ? 597 SER A CA  1 
ATOM 525  C C   . SER A 1 79  ? -0.200  13.905  -2.387  1.00 67.05  ? 597 SER A C   1 
ATOM 526  O O   . SER A 1 79  ? -0.906  13.239  -1.600  1.00 64.47  ? 597 SER A O   1 
ATOM 527  C CB  . SER A 1 79  ? 1.138   15.948  -1.867  1.00 69.05  ? 597 SER A CB  1 
ATOM 528  O OG  . SER A 1 79  ? 0.097   16.366  -1.021  1.00 71.21  ? 597 SER A OG  1 
ATOM 529  N N   . LYS A 1 80  ? -0.561  14.181  -3.651  1.00 66.76  ? 598 LYS A N   1 
ATOM 530  C CA  . LYS A 1 80  ? -1.845  13.716  -4.217  1.00 68.23  ? 598 LYS A CA  1 
ATOM 531  C C   . LYS A 1 80  ? -2.003  12.187  -4.181  1.00 65.44  ? 598 LYS A C   1 
ATOM 532  O O   . LYS A 1 80  ? -2.950  11.644  -3.548  1.00 61.70  ? 598 LYS A O   1 
ATOM 533  C CB  . LYS A 1 80  ? -2.015  14.212  -5.655  1.00 73.39  ? 598 LYS A CB  1 
ATOM 534  C CG  . LYS A 1 80  ? -2.533  15.647  -5.759  1.00 80.35  ? 598 LYS A CG  1 
ATOM 535  C CD  . LYS A 1 80  ? -3.920  15.796  -5.129  1.00 81.79  ? 598 LYS A CD  1 
ATOM 536  C CE  . LYS A 1 80  ? -4.621  17.070  -5.600  1.00 82.78  ? 598 LYS A CE  1 
ATOM 537  N NZ  . LYS A 1 80  ? -3.850  18.298  -5.278  1.00 84.68  ? 598 LYS A NZ  1 
ATOM 538  N N   . LEU A 1 81  ? -1.066  11.512  -4.858  1.00 63.88  ? 599 LEU A N   1 
ATOM 539  C CA  . LEU A 1 81  ? -1.027  10.052  -4.932  1.00 63.33  ? 599 LEU A CA  1 
ATOM 540  C C   . LEU A 1 81  ? -1.160  9.388   -3.555  1.00 61.75  ? 599 LEU A C   1 
ATOM 541  O O   . LEU A 1 81  ? -1.949  8.436   -3.368  1.00 60.97  ? 599 LEU A O   1 
ATOM 542  C CB  . LEU A 1 81  ? 0.274   9.621   -5.597  1.00 64.13  ? 599 LEU A CB  1 
ATOM 543  C CG  . LEU A 1 81  ? 0.142   9.315   -7.092  1.00 66.05  ? 599 LEU A CG  1 
ATOM 544  C CD1 . LEU A 1 81  ? -0.894  10.243  -7.718  1.00 65.39  ? 599 LEU A CD1 1 
ATOM 545  C CD2 . LEU A 1 81  ? 1.530   9.425   -7.773  1.00 65.24  ? 599 LEU A CD2 1 
ATOM 546  N N   . SER A 1 82  ? -0.376  9.914   -2.609  1.00 59.09  ? 600 SER A N   1 
ATOM 547  C CA  . SER A 1 82  ? -0.353  9.442   -1.231  1.00 57.73  ? 600 SER A CA  1 
ATOM 548  C C   . SER A 1 82  ? -1.726  9.550   -0.626  1.00 58.61  ? 600 SER A C   1 
ATOM 549  O O   . SER A 1 82  ? -2.284  8.545   -0.140  1.00 56.46  ? 600 SER A O   1 
ATOM 550  C CB  . SER A 1 82  ? 0.620   10.268  -0.388  1.00 55.77  ? 600 SER A CB  1 
ATOM 551  O OG  . SER A 1 82  ? 1.950   10.088  -0.827  1.00 56.46  ? 600 SER A OG  1 
ATOM 552  N N   . GLN A 1 83  ? -2.254  10.786  -0.643  1.00 61.95  ? 601 GLN A N   1 
ATOM 553  C CA  . GLN A 1 83  ? -3.568  11.093  -0.093  1.00 62.75  ? 601 GLN A CA  1 
ATOM 554  C C   . GLN A 1 83  ? -4.553  10.211  -0.801  1.00 60.41  ? 601 GLN A C   1 
ATOM 555  O O   . GLN A 1 83  ? -5.379  9.570   -0.148  1.00 60.15  ? 601 GLN A O   1 
ATOM 556  C CB  . GLN A 1 83  ? -3.898  12.577  -0.282  1.00 69.52  ? 601 GLN A CB  1 
ATOM 557  C CG  . GLN A 1 83  ? -3.017  13.489  0.571   1.00 78.59  ? 601 GLN A CG  1 
ATOM 558  C CD  . GLN A 1 83  ? -3.311  14.965  0.378   1.00 83.31  ? 601 GLN A CD  1 
ATOM 559  O OE1 . GLN A 1 83  ? -2.696  15.819  1.017   1.00 84.66  ? 601 GLN A OE1 1 
ATOM 560  N NE2 . GLN A 1 83  ? -4.249  15.273  -0.507  1.00 85.81  ? 601 GLN A NE2 1 
ATOM 561  N N   . SER A 1 84  ? -4.424  10.142  -2.134  1.00 58.40  ? 602 SER A N   1 
ATOM 562  C CA  . SER A 1 84  ? -5.309  9.315   -2.954  1.00 55.91  ? 602 SER A CA  1 
ATOM 563  C C   . SER A 1 84  ? -5.250  7.868   -2.490  1.00 57.79  ? 602 SER A C   1 
ATOM 564  O O   . SER A 1 84  ? -6.251  7.325   -2.051  1.00 59.61  ? 602 SER A O   1 
ATOM 565  C CB  . SER A 1 84  ? -4.929  9.394   -4.431  1.00 54.05  ? 602 SER A CB  1 
ATOM 566  O OG  . SER A 1 84  ? -5.823  8.606   -5.197  1.00 52.14  ? 602 SER A OG  1 
ATOM 567  N N   . ILE A 1 85  ? -4.077  7.239   -2.583  1.00 59.08  ? 603 ILE A N   1 
ATOM 568  C CA  . ILE A 1 85  ? -3.935  5.858   -2.156  1.00 59.87  ? 603 ILE A CA  1 
ATOM 569  C C   . ILE A 1 85  ? -4.612  5.688   -0.785  1.00 62.95  ? 603 ILE A C   1 
ATOM 570  O O   . ILE A 1 85  ? -5.523  4.878   -0.621  1.00 63.42  ? 603 ILE A O   1 
ATOM 571  C CB  . ILE A 1 85  ? -2.398  5.449   -2.076  1.00 58.24  ? 603 ILE A CB  1 
ATOM 572  C CG1 . ILE A 1 85  ? -1.861  5.179   -3.491  1.00 58.94  ? 603 ILE A CG1 1 
ATOM 573  C CG2 . ILE A 1 85  ? -2.190  4.228   -1.137  1.00 54.64  ? 603 ILE A CG2 1 
ATOM 574  C CD1 . ILE A 1 85  ? -0.344  4.827   -3.606  1.00 54.89  ? 603 ILE A CD1 1 
ATOM 575  N N   . LEU A 1 86  ? -4.172  6.477   0.190   1.00 66.66  ? 604 LEU A N   1 
ATOM 576  C CA  . LEU A 1 86  ? -4.676  6.406   1.559   1.00 69.88  ? 604 LEU A CA  1 
ATOM 577  C C   . LEU A 1 86  ? -6.183  6.370   1.751   1.00 72.63  ? 604 LEU A C   1 
ATOM 578  O O   . LEU A 1 86  ? -6.661  6.024   2.840   1.00 72.71  ? 604 LEU A O   1 
ATOM 579  C CB  . LEU A 1 86  ? -4.120  7.585   2.359   1.00 70.54  ? 604 LEU A CB  1 
ATOM 580  C CG  . LEU A 1 86  ? -3.149  7.306   3.496   1.00 70.94  ? 604 LEU A CG  1 
ATOM 581  C CD1 . LEU A 1 86  ? -2.645  5.859   3.409   1.00 72.51  ? 604 LEU A CD1 1 
ATOM 582  C CD2 . LEU A 1 86  ? -2.001  8.337   3.420   1.00 69.19  ? 604 LEU A CD2 1 
ATOM 583  N N   . SER A 1 87  ? -6.935  6.728   0.719   1.00 75.40  ? 605 SER A N   1 
ATOM 584  C CA  . SER A 1 87  ? -8.374  6.770   0.866   1.00 77.16  ? 605 SER A CA  1 
ATOM 585  C C   . SER A 1 87  ? -9.182  6.092   -0.214  1.00 80.01  ? 605 SER A C   1 
ATOM 586  O O   . SER A 1 87  ? -10.344 6.414   -0.400  1.00 80.76  ? 605 SER A O   1 
ATOM 587  C CB  . SER A 1 87  ? -8.807  8.226   0.993   1.00 75.22  ? 605 SER A CB  1 
ATOM 588  O OG  . SER A 1 87  ? -8.135  9.039   0.047   1.00 70.75  ? 605 SER A OG  1 
ATOM 589  N N   . SER A 1 88  ? -8.581  5.151   -0.924  1.00 83.32  ? 606 SER A N   1 
ATOM 590  C CA  . SER A 1 88  ? -9.297  4.453   -1.986  1.00 86.90  ? 606 SER A CA  1 
ATOM 591  C C   . SER A 1 88  ? -10.325 3.484   -1.387  1.00 88.63  ? 606 SER A C   1 
ATOM 592  O O   . SER A 1 88  ? -10.102 2.905   -0.332  1.00 88.23  ? 606 SER A O   1 
ATOM 593  C CB  . SER A 1 88  ? -8.308  3.697   -2.887  1.00 88.09  ? 606 SER A CB  1 
ATOM 594  O OG  . SER A 1 88  ? -7.453  2.853   -2.137  1.00 90.13  ? 606 SER A OG  1 
ATOM 595  N N   . ASN A 1 89  ? -11.471 3.339   -2.042  1.00 91.13  ? 607 ASN A N   1 
ATOM 596  C CA  . ASN A 1 89  ? -12.481 2.418   -1.547  1.00 92.88  ? 607 ASN A CA  1 
ATOM 597  C C   . ASN A 1 89  ? -12.217 1.138   -2.286  1.00 93.86  ? 607 ASN A C   1 
ATOM 598  O O   . ASN A 1 89  ? -11.742 0.176   -1.705  1.00 95.61  ? 607 ASN A O   1 
ATOM 599  C CB  . ASN A 1 89  ? -13.890 2.899   -1.877  1.00 94.36  ? 607 ASN A CB  1 
ATOM 600  C CG  . ASN A 1 89  ? -14.139 4.300   -1.413  1.00 95.87  ? 607 ASN A CG  1 
ATOM 601  O OD1 . ASN A 1 89  ? -13.769 4.666   -0.300  1.00 96.93  ? 607 ASN A OD1 1 
ATOM 602  N ND2 . ASN A 1 89  ? -14.778 5.101   -2.258  1.00 96.51  ? 607 ASN A ND2 1 
ATOM 603  N N   . GLU A 1 90  ? -12.501 1.156   -3.585  1.00 94.12  ? 608 GLU A N   1 
ATOM 604  C CA  . GLU A 1 90  ? -12.308 0.000   -4.451  1.00 94.10  ? 608 GLU A CA  1 
ATOM 605  C C   . GLU A 1 90  ? -10.852 -0.174  -4.855  1.00 92.72  ? 608 GLU A C   1 
ATOM 606  O O   . GLU A 1 90  ? -10.085 0.786   -4.900  1.00 93.40  ? 608 GLU A O   1 
ATOM 607  C CB  . GLU A 1 90  ? -13.150 0.130   -5.717  1.00 95.82  ? 608 GLU A CB  1 
ATOM 608  C CG  . GLU A 1 90  ? -12.632 1.175   -6.684  1.00 98.24  ? 608 GLU A CG  1 
ATOM 609  C CD  . GLU A 1 90  ? -13.364 1.150   -8.005  1.00 100.00 ? 608 GLU A CD  1 
ATOM 610  O OE1 . GLU A 1 90  ? -12.980 1.919   -8.911  1.00 100.00 ? 608 GLU A OE1 1 
ATOM 611  O OE2 . GLU A 1 90  ? -14.323 0.359   -8.138  1.00 100.00 ? 608 GLU A OE2 1 
ATOM 612  N N   . ILE A 1 91  ? -10.490 -1.413  -5.163  1.00 89.92  ? 609 ILE A N   1 
ATOM 613  C CA  . ILE A 1 91  ? -9.140  -1.754  -5.571  1.00 87.27  ? 609 ILE A CA  1 
ATOM 614  C C   . ILE A 1 91  ? -8.677  -0.917  -6.766  1.00 86.95  ? 609 ILE A C   1 
ATOM 615  O O   . ILE A 1 91  ? -7.560  -0.401  -6.770  1.00 86.45  ? 609 ILE A O   1 
ATOM 616  C CB  . ILE A 1 91  ? -9.056  -3.284  -5.894  1.00 85.31  ? 609 ILE A CB  1 
ATOM 617  C CG1 . ILE A 1 91  ? -7.743  -3.642  -6.610  1.00 83.03  ? 609 ILE A CG1 1 
ATOM 618  C CG2 . ILE A 1 91  ? -10.272 -3.690  -6.728  1.00 85.91  ? 609 ILE A CG2 1 
ATOM 619  C CD1 . ILE A 1 91  ? -6.473  -3.293  -5.871  1.00 80.43  ? 609 ILE A CD1 1 
ATOM 620  N N   . VAL A 1 92  ? -9.537  -0.772  -7.768  1.00 86.78  ? 610 VAL A N   1 
ATOM 621  C CA  . VAL A 1 92  ? -9.188  -0.003  -8.965  1.00 86.39  ? 610 VAL A CA  1 
ATOM 622  C C   . VAL A 1 92  ? -8.518  1.349   -8.656  1.00 86.76  ? 610 VAL A C   1 
ATOM 623  O O   . VAL A 1 92  ? -7.554  1.716   -9.330  1.00 86.12  ? 610 VAL A O   1 
ATOM 624  C CB  . VAL A 1 92  ? -10.432 0.180   -9.862  1.00 84.43  ? 610 VAL A CB  1 
ATOM 625  C CG1 . VAL A 1 92  ? -10.094 1.003   -11.086 1.00 83.07  ? 610 VAL A CG1 1 
ATOM 626  C CG2 . VAL A 1 92  ? -10.925 -1.174  -10.279 1.00 83.29  ? 610 VAL A CG2 1 
ATOM 627  N N   . HIS A 1 93  ? -9.028  2.081   -7.655  1.00 87.05  ? 611 HIS A N   1 
ATOM 628  C CA  . HIS A 1 93  ? -8.433  3.352   -7.226  1.00 86.91  ? 611 HIS A CA  1 
ATOM 629  C C   . HIS A 1 93  ? -7.076  3.006   -6.625  1.00 84.37  ? 611 HIS A C   1 
ATOM 630  O O   . HIS A 1 93  ? -6.039  3.434   -7.117  1.00 82.30  ? 611 HIS A O   1 
ATOM 631  C CB  . HIS A 1 93  ? -9.290  4.033   -6.156  1.00 92.00  ? 611 HIS A CB  1 
ATOM 632  C CG  . HIS A 1 93  ? -10.501 4.719   -6.700  1.00 98.68  ? 611 HIS A CG  1 
ATOM 633  N ND1 . HIS A 1 93  ? -10.426 5.718   -7.646  1.00 100.00 ? 611 HIS A ND1 1 
ATOM 634  C CD2 . HIS A 1 93  ? -11.818 4.549   -6.433  1.00 100.00 ? 611 HIS A CD2 1 
ATOM 635  C CE1 . HIS A 1 93  ? -11.645 6.134   -7.941  1.00 100.00 ? 611 HIS A CE1 1 
ATOM 636  N NE2 . HIS A 1 93  ? -12.507 5.440   -7.219  1.00 100.00 ? 611 HIS A NE2 1 
ATOM 637  N N   . LEU A 1 94  ? -7.102  2.213   -5.554  1.00 83.21  ? 612 LEU A N   1 
ATOM 638  C CA  . LEU A 1 94  ? -5.892  1.775   -4.874  1.00 81.94  ? 612 LEU A CA  1 
ATOM 639  C C   . LEU A 1 94  ? -4.865  1.239   -5.895  1.00 80.72  ? 612 LEU A C   1 
ATOM 640  O O   . LEU A 1 94  ? -3.670  1.569   -5.838  1.00 81.83  ? 612 LEU A O   1 
ATOM 641  C CB  . LEU A 1 94  ? -6.243  0.701   -3.853  1.00 82.23  ? 612 LEU A CB  1 
ATOM 642  C CG  . LEU A 1 94  ? -5.107  0.291   -2.923  1.00 84.22  ? 612 LEU A CG  1 
ATOM 643  C CD1 . LEU A 1 94  ? -4.696  1.494   -2.090  1.00 83.68  ? 612 LEU A CD1 1 
ATOM 644  C CD2 . LEU A 1 94  ? -5.538  -0.883  -2.042  1.00 82.91  ? 612 LEU A CD2 1 
ATOM 645  N N   . LYS A 1 95  ? -5.343  0.434   -6.837  1.00 78.03  ? 613 LYS A N   1 
ATOM 646  C CA  . LYS A 1 95  ? -4.504  -0.138  -7.893  1.00 77.00  ? 613 LYS A CA  1 
ATOM 647  C C   . LYS A 1 95  ? -3.626  0.879   -8.651  1.00 74.87  ? 613 LYS A C   1 
ATOM 648  O O   . LYS A 1 95  ? -2.409  0.885   -8.504  1.00 74.16  ? 613 LYS A O   1 
ATOM 649  C CB  . LYS A 1 95  ? -5.390  -0.880  -8.896  1.00 79.37  ? 613 LYS A CB  1 
ATOM 650  C CG  . LYS A 1 95  ? -4.678  -1.365  -10.141 1.00 81.64  ? 613 LYS A CG  1 
ATOM 651  C CD  . LYS A 1 95  ? -3.874  -2.610  -9.878  1.00 84.22  ? 613 LYS A CD  1 
ATOM 652  C CE  . LYS A 1 95  ? -3.407  -3.221  -11.190 1.00 85.70  ? 613 LYS A CE  1 
ATOM 653  N NZ  . LYS A 1 95  ? -2.924  -4.626  -11.024 1.00 85.79  ? 613 LYS A NZ  1 
ATOM 654  N N   . SER A 1 96  ? -4.244  1.728   -9.468  1.00 73.91  ? 614 SER A N   1 
ATOM 655  C CA  . SER A 1 96  ? -3.510  2.718   -10.256 1.00 72.21  ? 614 SER A CA  1 
ATOM 656  C C   . SER A 1 96  ? -2.715  3.711   -9.410  1.00 70.86  ? 614 SER A C   1 
ATOM 657  O O   . SER A 1 96  ? -1.523  3.941   -9.652  1.00 71.47  ? 614 SER A O   1 
ATOM 658  C CB  . SER A 1 96  ? -4.480  3.479   -11.141 1.00 73.21  ? 614 SER A CB  1 
ATOM 659  O OG  . SER A 1 96  ? -5.510  4.037   -10.357 1.00 73.70  ? 614 SER A OG  1 
ATOM 660  N N   . GLY A 1 97  ? -3.387  4.316   -8.437  1.00 67.78  ? 615 GLY A N   1 
ATOM 661  C CA  . GLY A 1 97  ? -2.723  5.256   -7.567  1.00 64.76  ? 615 GLY A CA  1 
ATOM 662  C C   . GLY A 1 97  ? -1.400  4.667   -7.137  1.00 63.25  ? 615 GLY A C   1 
ATOM 663  O O   . GLY A 1 97  ? -0.356  5.331   -7.229  1.00 61.38  ? 615 GLY A O   1 
ATOM 664  N N   . THR A 1 98  ? -1.447  3.411   -6.675  1.00 61.43  ? 616 THR A N   1 
ATOM 665  C CA  . THR A 1 98  ? -0.241  2.720   -6.225  1.00 61.58  ? 616 THR A CA  1 
ATOM 666  C C   . THR A 1 98  ? 0.805   2.650   -7.352  1.00 59.75  ? 616 THR A C   1 
ATOM 667  O O   . THR A 1 98  ? 1.995   2.911   -7.124  1.00 56.37  ? 616 THR A O   1 
ATOM 668  C CB  . THR A 1 98  ? -0.566  1.310   -5.697  1.00 65.35  ? 616 THR A CB  1 
ATOM 669  O OG1 . THR A 1 98  ? -1.452  1.423   -4.577  1.00 67.64  ? 616 THR A OG1 1 
ATOM 670  C CG2 . THR A 1 98  ? 0.707   0.604   -5.245  1.00 65.90  ? 616 THR A CG2 1 
ATOM 671  N N   . GLU A 1 99  ? 0.335   2.340   -8.562  1.00 60.79  ? 617 GLU A N   1 
ATOM 672  C CA  . GLU A 1 99  ? 1.191   2.272   -9.735  1.00 63.37  ? 617 GLU A CA  1 
ATOM 673  C C   . GLU A 1 99  ? 1.805   3.654   -10.054 1.00 64.62  ? 617 GLU A C   1 
ATOM 674  O O   . GLU A 1 99  ? 3.039   3.798   -10.158 1.00 65.36  ? 617 GLU A O   1 
ATOM 675  C CB  . GLU A 1 99  ? 0.389   1.797   -10.939 1.00 65.46  ? 617 GLU A CB  1 
ATOM 676  C CG  . GLU A 1 99  ? -0.383  0.529   -10.734 1.00 68.92  ? 617 GLU A CG  1 
ATOM 677  C CD  . GLU A 1 99  ? -1.069  0.081   -12.009 1.00 73.61  ? 617 GLU A CD  1 
ATOM 678  O OE1 . GLU A 1 99  ? -0.365  -0.257  -12.988 1.00 75.22  ? 617 GLU A OE1 1 
ATOM 679  O OE2 . GLU A 1 99  ? -2.318  0.077   -12.042 1.00 76.08  ? 617 GLU A OE2 1 
ATOM 680  N N   . ASN A 1 100 ? 0.954   4.669   -10.218 1.00 64.15  ? 618 ASN A N   1 
ATOM 681  C CA  . ASN A 1 100 ? 1.487   5.988   -10.523 1.00 65.78  ? 618 ASN A CA  1 
ATOM 682  C C   . ASN A 1 100 ? 2.464   6.445   -9.472  1.00 65.43  ? 618 ASN A C   1 
ATOM 683  O O   . ASN A 1 100 ? 3.431   7.147   -9.785  1.00 64.20  ? 618 ASN A O   1 
ATOM 684  C CB  . ASN A 1 100 ? 0.379   7.013   -10.686 1.00 66.61  ? 618 ASN A CB  1 
ATOM 685  C CG  . ASN A 1 100 ? -0.281  6.890   -12.007 1.00 69.41  ? 618 ASN A CG  1 
ATOM 686  O OD1 . ASN A 1 100 ? 0.343   7.104   -13.050 1.00 71.26  ? 618 ASN A OD1 1 
ATOM 687  N ND2 . ASN A 1 100 ? -1.546  6.512   -11.995 1.00 71.60  ? 618 ASN A ND2 1 
ATOM 688  N N   . MET A 1 101 ? 2.210   6.059   -8.226  1.00 65.29  ? 619 MET A N   1 
ATOM 689  C CA  . MET A 1 101 ? 3.107   6.432   -7.167  1.00 66.15  ? 619 MET A CA  1 
ATOM 690  C C   . MET A 1 101 ? 4.411   5.712   -7.461  1.00 67.69  ? 619 MET A C   1 
ATOM 691  O O   . MET A 1 101 ? 5.490   6.224   -7.167  1.00 67.81  ? 619 MET A O   1 
ATOM 692  C CB  . MET A 1 101 ? 2.568   5.993   -5.817  1.00 67.58  ? 619 MET A CB  1 
ATOM 693  C CG  . MET A 1 101 ? 3.598   6.111   -4.708  1.00 69.36  ? 619 MET A CG  1 
ATOM 694  S SD  . MET A 1 101 ? 4.009   7.799   -4.282  1.00 69.07  ? 619 MET A SD  1 
ATOM 695  C CE  . MET A 1 101 ? 3.264   7.842   -2.621  1.00 70.44  ? 619 MET A CE  1 
ATOM 696  N N   . ILE A 1 102 ? 4.302   4.520   -8.050  1.00 68.36  ? 620 ILE A N   1 
ATOM 697  C CA  . ILE A 1 102 ? 5.470   3.708   -8.396  1.00 67.36  ? 620 ILE A CA  1 
ATOM 698  C C   . ILE A 1 102 ? 6.199   4.289   -9.601  1.00 68.40  ? 620 ILE A C   1 
ATOM 699  O O   . ILE A 1 102 ? 7.388   4.577   -9.518  1.00 69.13  ? 620 ILE A O   1 
ATOM 700  C CB  . ILE A 1 102 ? 5.068   2.241   -8.718  1.00 65.38  ? 620 ILE A CB  1 
ATOM 701  C CG1 . ILE A 1 102 ? 4.704   1.487   -7.429  1.00 63.10  ? 620 ILE A CG1 1 
ATOM 702  C CG2 . ILE A 1 102 ? 6.238   1.520   -9.431  1.00 66.30  ? 620 ILE A CG2 1 
ATOM 703  C CD1 . ILE A 1 102 ? 3.953   0.183   -7.675  1.00 58.81  ? 620 ILE A CD1 1 
ATOM 704  N N   . LYS A 1 103 ? 5.481   4.453   -10.717 1.00 68.29  ? 621 LYS A N   1 
ATOM 705  C CA  . LYS A 1 103 ? 6.060   5.011   -11.952 1.00 67.35  ? 621 LYS A CA  1 
ATOM 706  C C   . LYS A 1 103 ? 6.854   6.277   -11.647 1.00 66.01  ? 621 LYS A C   1 
ATOM 707  O O   . LYS A 1 103 ? 7.876   6.562   -12.261 1.00 65.83  ? 621 LYS A O   1 
ATOM 708  C CB  . LYS A 1 103 ? 4.966   5.320   -12.971 1.00 67.99  ? 621 LYS A CB  1 
ATOM 709  C CG  . LYS A 1 103 ? 5.536   5.697   -14.322 1.00 71.38  ? 621 LYS A CG  1 
ATOM 710  C CD  . LYS A 1 103 ? 4.489   5.730   -15.436 1.00 76.03  ? 621 LYS A CD  1 
ATOM 711  C CE  . LYS A 1 103 ? 3.931   4.344   -15.754 1.00 76.22  ? 621 LYS A CE  1 
ATOM 712  N NZ  . LYS A 1 103 ? 2.943   4.405   -16.878 1.00 75.72  ? 621 LYS A NZ  1 
ATOM 713  N N   . LEU A 1 104 ? 6.361   7.033   -10.681 1.00 65.97  ? 622 LEU A N   1 
ATOM 714  C CA  . LEU A 1 104 ? 7.026   8.232   -10.244 1.00 65.57  ? 622 LEU A CA  1 
ATOM 715  C C   . LEU A 1 104 ? 8.378   7.812   -9.726  1.00 66.19  ? 622 LEU A C   1 
ATOM 716  O O   . LEU A 1 104 ? 9.300   8.605   -9.710  1.00 66.87  ? 622 LEU A O   1 
ATOM 717  C CB  . LEU A 1 104 ? 6.260   8.887   -9.101  1.00 62.45  ? 622 LEU A CB  1 
ATOM 718  C CG  . LEU A 1 104 ? 5.330   10.093  -9.300  1.00 63.02  ? 622 LEU A CG  1 
ATOM 719  C CD1 . LEU A 1 104 ? 4.847   10.470  -7.905  1.00 62.32  ? 622 LEU A CD1 1 
ATOM 720  C CD2 . LEU A 1 104 ? 6.011   11.309  -9.972  1.00 60.83  ? 622 LEU A CD2 1 
ATOM 721  N N   . GLY A 1 105 ? 8.481   6.558   -9.293  1.00 67.55  ? 623 GLY A N   1 
ATOM 722  C CA  . GLY A 1 105 ? 9.727   6.049   -8.741  1.00 70.56  ? 623 GLY A CA  1 
ATOM 723  C C   . GLY A 1 105 ? 9.734   6.078   -7.214  1.00 73.54  ? 623 GLY A C   1 
ATOM 724  O O   . GLY A 1 105 ? 10.744  6.385   -6.579  1.00 73.47  ? 623 GLY A O   1 
ATOM 725  N N   . LEU A 1 106 ? 8.591   5.777   -6.616  1.00 75.41  ? 624 LEU A N   1 
ATOM 726  C CA  . LEU A 1 106 ? 8.464   5.765   -5.163  1.00 77.22  ? 624 LEU A CA  1 
ATOM 727  C C   . LEU A 1 106 ? 7.723   4.477   -4.814  1.00 77.68  ? 624 LEU A C   1 
ATOM 728  O O   . LEU A 1 106 ? 6.627   4.493   -4.237  1.00 78.26  ? 624 LEU A O   1 
ATOM 729  C CB  . LEU A 1 106 ? 7.667   6.984   -4.702  1.00 76.62  ? 624 LEU A CB  1 
ATOM 730  C CG  . LEU A 1 106 ? 8.348   8.354   -4.710  1.00 74.64  ? 624 LEU A CG  1 
ATOM 731  C CD1 . LEU A 1 106 ? 8.935   8.658   -6.062  1.00 74.39  ? 624 LEU A CD1 1 
ATOM 732  C CD2 . LEU A 1 106 ? 7.328   9.414   -4.327  1.00 76.13  ? 624 LEU A CD2 1 
ATOM 733  N N   . PRO A 1 107 ? 8.324   3.334   -5.172  1.00 77.90  ? 625 PRO A N   1 
ATOM 734  C CA  . PRO A 1 107 ? 7.764   1.999   -4.931  1.00 77.74  ? 625 PRO A CA  1 
ATOM 735  C C   . PRO A 1 107 ? 7.595   1.629   -3.457  1.00 76.30  ? 625 PRO A C   1 
ATOM 736  O O   . PRO A 1 107 ? 6.581   1.045   -3.065  1.00 75.93  ? 625 PRO A O   1 
ATOM 737  C CB  . PRO A 1 107 ? 8.748   1.095   -5.659  1.00 78.64  ? 625 PRO A CB  1 
ATOM 738  C CG  . PRO A 1 107 ? 10.056  1.814   -5.438  1.00 77.38  ? 625 PRO A CG  1 
ATOM 739  C CD  . PRO A 1 107 ? 9.694   3.239   -5.715  1.00 77.55  ? 625 PRO A CD  1 
ATOM 740  N N   . GLU A 1 108 ? 8.589   1.970   -2.645  1.00 76.25  ? 626 GLU A N   1 
ATOM 741  C CA  . GLU A 1 108 ? 8.509   1.667   -1.232  1.00 77.02  ? 626 GLU A CA  1 
ATOM 742  C C   . GLU A 1 108 ? 7.411   2.494   -0.588  1.00 77.39  ? 626 GLU A C   1 
ATOM 743  O O   . GLU A 1 108 ? 6.583   1.944   0.159   1.00 76.40  ? 626 GLU A O   1 
ATOM 744  C CB  . GLU A 1 108 ? 9.847   1.916   -0.536  1.00 80.01  ? 626 GLU A CB  1 
ATOM 745  C CG  . GLU A 1 108 ? 10.793  0.723   -0.555  1.00 83.34  ? 626 GLU A CG  1 
ATOM 746  C CD  . GLU A 1 108 ? 12.012  0.938   0.321   1.00 84.87  ? 626 GLU A CD  1 
ATOM 747  O OE1 . GLU A 1 108 ? 11.828  1.300   1.504   1.00 85.83  ? 626 GLU A OE1 1 
ATOM 748  O OE2 . GLU A 1 108 ? 13.150  0.742   -0.165  1.00 85.22  ? 626 GLU A OE2 1 
ATOM 749  N N   . GLN A 1 109 ? 7.390   3.803   -0.875  1.00 78.80  ? 627 GLN A N   1 
ATOM 750  C CA  . GLN A 1 109 ? 6.364   4.708   -0.318  1.00 79.00  ? 627 GLN A CA  1 
ATOM 751  C C   . GLN A 1 109 ? 4.972   4.281   -0.792  1.00 75.17  ? 627 GLN A C   1 
ATOM 752  O O   . GLN A 1 109 ? 3.986   4.409   -0.068  1.00 71.68  ? 627 GLN A O   1 
ATOM 753  C CB  . GLN A 1 109 ? 6.640   6.170   -0.715  1.00 84.53  ? 627 GLN A CB  1 
ATOM 754  C CG  . GLN A 1 109 ? 5.574   7.161   -0.216  1.00 92.20  ? 627 GLN A CG  1 
ATOM 755  C CD  . GLN A 1 109 ? 5.984   8.629   -0.339  1.00 96.02  ? 627 GLN A CD  1 
ATOM 756  O OE1 . GLN A 1 109 ? 5.158   9.530   -0.176  1.00 97.94  ? 627 GLN A OE1 1 
ATOM 757  N NE2 . GLN A 1 109 ? 7.262   8.872   -0.614  1.00 96.31  ? 627 GLN A NE2 1 
ATOM 758  N N   . ALA A 1 110 ? 4.907   3.757   -2.012  1.00 72.43  ? 628 ALA A N   1 
ATOM 759  C CA  . ALA A 1 110 ? 3.650   3.272   -2.558  1.00 70.46  ? 628 ALA A CA  1 
ATOM 760  C C   . ALA A 1 110 ? 3.214   1.976   -1.837  1.00 70.71  ? 628 ALA A C   1 
ATOM 761  O O   . ALA A 1 110 ? 2.037   1.848   -1.441  1.00 70.91  ? 628 ALA A O   1 
ATOM 762  C CB  . ALA A 1 110 ? 3.791   3.037   -4.044  1.00 66.84  ? 628 ALA A CB  1 
ATOM 763  N N   . LEU A 1 111 ? 4.151   1.026   -1.675  1.00 68.57  ? 629 LEU A N   1 
ATOM 764  C CA  . LEU A 1 111 ? 3.866   -0.213  -0.976  1.00 65.70  ? 629 LEU A CA  1 
ATOM 765  C C   . LEU A 1 111 ? 3.498   0.150   0.464   1.00 65.59  ? 629 LEU A C   1 
ATOM 766  O O   . LEU A 1 111 ? 2.429   -0.259  0.954   1.00 64.13  ? 629 LEU A O   1 
ATOM 767  C CB  . LEU A 1 111 ? 5.099   -1.119  -0.983  1.00 67.50  ? 629 LEU A CB  1 
ATOM 768  C CG  . LEU A 1 111 ? 5.108   -2.346  -0.065  1.00 68.07  ? 629 LEU A CG  1 
ATOM 769  C CD1 . LEU A 1 111 ? 3.990   -3.310  -0.420  1.00 68.63  ? 629 LEU A CD1 1 
ATOM 770  C CD2 . LEU A 1 111 ? 6.443   -3.026  -0.191  1.00 67.84  ? 629 LEU A CD2 1 
ATOM 771  N N   . ASP A 1 112 ? 4.385   0.922   1.124   1.00 66.53  ? 630 ASP A N   1 
ATOM 772  C CA  . ASP A 1 112 ? 4.191   1.366   2.504   1.00 68.59  ? 630 ASP A CA  1 
ATOM 773  C C   . ASP A 1 112 ? 2.802   1.967   2.708   1.00 69.00  ? 630 ASP A C   1 
ATOM 774  O O   . ASP A 1 112 ? 2.082   1.540   3.602   1.00 68.51  ? 630 ASP A O   1 
ATOM 775  C CB  . ASP A 1 112 ? 5.242   2.394   2.906   1.00 73.75  ? 630 ASP A CB  1 
ATOM 776  C CG  . ASP A 1 112 ? 5.272   2.634   4.408   1.00 79.43  ? 630 ASP A CG  1 
ATOM 777  O OD1 . ASP A 1 112 ? 5.699   1.714   5.141   1.00 83.73  ? 630 ASP A OD1 1 
ATOM 778  O OD2 . ASP A 1 112 ? 4.866   3.725   4.863   1.00 81.47  ? 630 ASP A OD2 1 
ATOM 779  N N   . LEU A 1 113 ? 2.415   2.943   1.883   1.00 69.86  ? 631 LEU A N   1 
ATOM 780  C CA  . LEU A 1 113 ? 1.076   3.566   1.977   1.00 69.99  ? 631 LEU A CA  1 
ATOM 781  C C   . LEU A 1 113 ? -0.050  2.570   1.690   1.00 69.96  ? 631 LEU A C   1 
ATOM 782  O O   . LEU A 1 113 ? -1.032  2.507   2.424   1.00 70.50  ? 631 LEU A O   1 
ATOM 783  C CB  . LEU A 1 113 ? 0.927   4.723   0.974   1.00 70.59  ? 631 LEU A CB  1 
ATOM 784  C CG  . LEU A 1 113 ? 1.496   6.090   1.322   1.00 69.92  ? 631 LEU A CG  1 
ATOM 785  C CD1 . LEU A 1 113 ? 1.443   7.029   0.126   1.00 66.02  ? 631 LEU A CD1 1 
ATOM 786  C CD2 . LEU A 1 113 ? 0.715   6.616   2.499   1.00 68.03  ? 631 LEU A CD2 1 
ATOM 787  N N   . PHE A 1 114 ? 0.107   1.823   0.598   1.00 69.93  ? 632 PHE A N   1 
ATOM 788  C CA  . PHE A 1 114 ? -0.862  0.822   0.135   1.00 69.76  ? 632 PHE A CA  1 
ATOM 789  C C   . PHE A 1 114 ? -1.239  -0.201  1.197   1.00 68.93  ? 632 PHE A C   1 
ATOM 790  O O   . PHE A 1 114 ? -2.387  -0.604  1.297   1.00 68.73  ? 632 PHE A O   1 
ATOM 791  C CB  . PHE A 1 114 ? -0.281  0.099   -1.095  1.00 70.19  ? 632 PHE A CB  1 
ATOM 792  C CG  . PHE A 1 114 ? -1.009  -1.152  -1.483  1.00 69.42  ? 632 PHE A CG  1 
ATOM 793  C CD1 . PHE A 1 114 ? -2.065  -1.106  -2.371  1.00 70.79  ? 632 PHE A CD1 1 
ATOM 794  C CD2 . PHE A 1 114 ? -0.604  -2.385  -0.986  1.00 68.83  ? 632 PHE A CD2 1 
ATOM 795  C CE1 . PHE A 1 114 ? -2.717  -2.283  -2.770  1.00 70.99  ? 632 PHE A CE1 1 
ATOM 796  C CE2 . PHE A 1 114 ? -1.241  -3.559  -1.370  1.00 69.54  ? 632 PHE A CE2 1 
ATOM 797  C CZ  . PHE A 1 114 ? -2.300  -3.511  -2.266  1.00 69.77  ? 632 PHE A CZ  1 
ATOM 798  N N   . LEU A 1 115 ? -0.255  -0.623  1.981   1.00 67.88  ? 633 LEU A N   1 
ATOM 799  C CA  . LEU A 1 115 ? -0.489  -1.611  3.010   1.00 66.33  ? 633 LEU A CA  1 
ATOM 800  C C   . LEU A 1 115 ? -1.239  -0.989  4.175   1.00 65.86  ? 633 LEU A C   1 
ATOM 801  O O   . LEU A 1 115 ? -2.061  -1.646  4.800   1.00 65.29  ? 633 LEU A O   1 
ATOM 802  C CB  . LEU A 1 115 ? 0.854   -2.217  3.447   1.00 65.74  ? 633 LEU A CB  1 
ATOM 803  C CG  . LEU A 1 115 ? 1.521   -3.133  2.411   1.00 63.48  ? 633 LEU A CG  1 
ATOM 804  C CD1 . LEU A 1 115 ? 2.849   -3.666  2.923   1.00 60.00  ? 633 LEU A CD1 1 
ATOM 805  C CD2 . LEU A 1 115 ? 0.555   -4.289  2.097   1.00 64.22  ? 633 LEU A CD2 1 
ATOM 806  N N   . GLN A 1 116 ? -0.958  0.285   4.450   1.00 66.02  ? 634 GLN A N   1 
ATOM 807  C CA  . GLN A 1 116 ? -1.625  1.024   5.529   1.00 65.56  ? 634 GLN A CA  1 
ATOM 808  C C   . GLN A 1 116 ? -3.143  1.079   5.213   1.00 63.98  ? 634 GLN A C   1 
ATOM 809  O O   . GLN A 1 116 ? -3.998  0.924   6.104   1.00 61.72  ? 634 GLN A O   1 
ATOM 810  C CB  . GLN A 1 116 ? -1.037  2.441   5.631   1.00 67.93  ? 634 GLN A CB  1 
ATOM 811  C CG  . GLN A 1 116 ? -1.192  3.084   7.003   1.00 74.48  ? 634 GLN A CG  1 
ATOM 812  C CD  . GLN A 1 116 ? -1.070  4.610   6.970   1.00 79.05  ? 634 GLN A CD  1 
ATOM 813  O OE1 . GLN A 1 116 ? -0.067  5.161   6.487   1.00 77.95  ? 634 GLN A OE1 1 
ATOM 814  N NE2 . GLN A 1 116 ? -2.097  5.302   7.490   1.00 79.21  ? 634 GLN A NE2 1 
ATOM 815  N N   . ASN A 1 117 ? -3.455  1.301   3.932   1.00 63.36  ? 635 ASN A N   1 
ATOM 816  C CA  . ASN A 1 117 ? -4.827  1.338   3.446   1.00 63.72  ? 635 ASN A CA  1 
ATOM 817  C C   . ASN A 1 117 ? -5.483  -0.010  3.804   1.00 64.07  ? 635 ASN A C   1 
ATOM 818  O O   . ASN A 1 117 ? -6.583  -0.035  4.394   1.00 63.90  ? 635 ASN A O   1 
ATOM 819  C CB  . ASN A 1 117 ? -4.831  1.561   1.931   1.00 66.90  ? 635 ASN A CB  1 
ATOM 820  C CG  . ASN A 1 117 ? -6.233  1.738   1.353   1.00 68.84  ? 635 ASN A CG  1 
ATOM 821  O OD1 . ASN A 1 117 ? -6.878  0.782   0.925   1.00 68.96  ? 635 ASN A OD1 1 
ATOM 822  N ND2 . ASN A 1 117 ? -6.701  2.972   1.332   1.00 69.38  ? 635 ASN A ND2 1 
ATOM 823  N N   . ARG A 1 118 ? -4.805  -1.120  3.477   1.00 65.46  ? 636 ARG A N   1 
ATOM 824  C CA  . ARG A 1 118 ? -5.323  -2.458  3.786   1.00 65.90  ? 636 ARG A CA  1 
ATOM 825  C C   . ARG A 1 118 ? -5.475  -2.594  5.283   1.00 66.24  ? 636 ARG A C   1 
ATOM 826  O O   . ARG A 1 118 ? -6.468  -3.148  5.755   1.00 67.20  ? 636 ARG A O   1 
ATOM 827  C CB  . ARG A 1 118 ? -4.404  -3.568  3.275   1.00 66.61  ? 636 ARG A CB  1 
ATOM 828  C CG  . ARG A 1 118 ? -4.169  -3.574  1.775   1.00 67.97  ? 636 ARG A CG  1 
ATOM 829  C CD  . ARG A 1 118 ? -5.303  -2.929  1.024   1.00 69.48  ? 636 ARG A CD  1 
ATOM 830  N NE  . ARG A 1 118 ? -6.536  -3.669  1.180   1.00 73.00  ? 636 ARG A NE  1 
ATOM 831  C CZ  . ARG A 1 118 ? -6.976  -4.561  0.304   1.00 77.75  ? 636 ARG A CZ  1 
ATOM 832  N NH1 . ARG A 1 118 ? -6.278  -4.828  -0.806  1.00 75.68  ? 636 ARG A NH1 1 
ATOM 833  N NH2 . ARG A 1 118 ? -8.127  -5.179  0.535   1.00 81.40  ? 636 ARG A NH2 1 
ATOM 834  N N   . SER A 1 119 ? -4.497  -2.084  6.031   1.00 65.29  ? 637 SER A N   1 
ATOM 835  C CA  . SER A 1 119 ? -4.559  -2.129  7.490   1.00 66.47  ? 637 SER A CA  1 
ATOM 836  C C   . SER A 1 119 ? -5.858  -1.449  7.946   1.00 67.48  ? 637 SER A C   1 
ATOM 837  O O   . SER A 1 119 ? -6.702  -2.087  8.568   1.00 65.95  ? 637 SER A O   1 
ATOM 838  C CB  . SER A 1 119 ? -3.376  -1.397  8.116   1.00 68.38  ? 637 SER A CB  1 
ATOM 839  O OG  . SER A 1 119 ? -2.151  -1.958  7.706   1.00 74.44  ? 637 SER A OG  1 
ATOM 840  N N   . ASN A 1 120 ? -6.019  -0.162  7.619   1.00 69.66  ? 638 ASN A N   1 
ATOM 841  C CA  . ASN A 1 120 ? -7.210  0.573   8.005   1.00 71.03  ? 638 ASN A CA  1 
ATOM 842  C C   . ASN A 1 120 ? -8.473  -0.163  7.596   1.00 72.04  ? 638 ASN A C   1 
ATOM 843  O O   . ASN A 1 120 ? -9.406  -0.301  8.405   1.00 71.33  ? 638 ASN A O   1 
ATOM 844  C CB  . ASN A 1 120 ? -7.186  1.959   7.397   1.00 72.80  ? 638 ASN A CB  1 
ATOM 845  C CG  . ASN A 1 120 ? -5.991  2.748   7.839   1.00 74.95  ? 638 ASN A CG  1 
ATOM 846  O OD1 . ASN A 1 120 ? -5.367  2.436   8.849   1.00 76.16  ? 638 ASN A OD1 1 
ATOM 847  N ND2 . ASN A 1 120 ? -5.668  3.789   7.095   1.00 76.80  ? 638 ASN A ND2 1 
ATOM 848  N N   . PHE A 1 121 ? -8.517  -0.646  6.351   1.00 72.79  ? 639 PHE A N   1 
ATOM 849  C CA  . PHE A 1 121 ? -9.693  -1.392  5.897   1.00 74.59  ? 639 PHE A CA  1 
ATOM 850  C C   . PHE A 1 121 ? -10.038 -2.431  6.973   1.00 76.00  ? 639 PHE A C   1 
ATOM 851  O O   . PHE A 1 121 ? -11.207 -2.689  7.269   1.00 76.39  ? 639 PHE A O   1 
ATOM 852  C CB  . PHE A 1 121 ? -9.410  -2.117  4.580   1.00 74.82  ? 639 PHE A CB  1 
ATOM 853  C CG  . PHE A 1 121 ? -10.482 -3.122  4.189   1.00 76.42  ? 639 PHE A CG  1 
ATOM 854  C CD1 . PHE A 1 121 ? -11.616 -2.725  3.488   1.00 76.62  ? 639 PHE A CD1 1 
ATOM 855  C CD2 . PHE A 1 121 ? -10.342 -4.476  4.511   1.00 77.08  ? 639 PHE A CD2 1 
ATOM 856  C CE1 . PHE A 1 121 ? -12.583 -3.655  3.114   1.00 75.72  ? 639 PHE A CE1 1 
ATOM 857  C CE2 . PHE A 1 121 ? -11.308 -5.407  4.140   1.00 76.60  ? 639 PHE A CE2 1 
ATOM 858  C CZ  . PHE A 1 121 ? -12.423 -4.996  3.442   1.00 76.72  ? 639 PHE A CZ  1 
ATOM 859  N N   . ILE A 1 122 ? -8.993  -3.027  7.542   1.00 76.83  ? 640 ILE A N   1 
ATOM 860  C CA  . ILE A 1 122 ? -9.133  -4.045  8.558   1.00 75.81  ? 640 ILE A CA  1 
ATOM 861  C C   . ILE A 1 122 ? -9.616  -3.459  9.877   1.00 76.57  ? 640 ILE A C   1 
ATOM 862  O O   . ILE A 1 122 ? -10.515 -3.997  10.486  1.00 75.62  ? 640 ILE A O   1 
ATOM 863  C CB  . ILE A 1 122 ? -7.778  -4.813  8.720   1.00 74.00  ? 640 ILE A CB  1 
ATOM 864  C CG1 . ILE A 1 122 ? -7.502  -5.621  7.447   1.00 70.09  ? 640 ILE A CG1 1 
ATOM 865  C CG2 . ILE A 1 122 ? -7.799  -5.699  9.974   1.00 72.77  ? 640 ILE A CG2 1 
ATOM 866  C CD1 . ILE A 1 122 ? -6.244  -6.451  7.480   1.00 67.41  ? 640 ILE A CD1 1 
ATOM 867  N N   . GLN A 1 123 ? -9.036  -2.357  10.315  1.00 79.88  ? 641 GLN A N   1 
ATOM 868  C CA  . GLN A 1 123 ? -9.476  -1.758  11.562  1.00 83.99  ? 641 GLN A CA  1 
ATOM 869  C C   . GLN A 1 123 ? -10.965 -1.450  11.477  1.00 84.91  ? 641 GLN A C   1 
ATOM 870  O O   . GLN A 1 123 ? -11.781 -1.985  12.239  1.00 84.38  ? 641 GLN A O   1 
ATOM 871  C CB  . GLN A 1 123 ? -8.715  -0.459  11.829  1.00 87.59  ? 641 GLN A CB  1 
ATOM 872  C CG  . GLN A 1 123 ? -7.451  -0.621  12.646  1.00 92.97  ? 641 GLN A CG  1 
ATOM 873  C CD  . GLN A 1 123 ? -7.731  -0.966  14.095  1.00 96.57  ? 641 GLN A CD  1 
ATOM 874  O OE1 . GLN A 1 123 ? -6.815  -1.009  14.917  1.00 98.96  ? 641 GLN A OE1 1 
ATOM 875  N NE2 . GLN A 1 123 ? -8.998  -1.215  14.418  1.00 96.35  ? 641 GLN A NE2 1 
ATOM 876  N N   . ASP A 1 124 ? -11.301 -0.582  10.531  1.00 84.73  ? 642 ASP A N   1 
ATOM 877  C CA  . ASP A 1 124 ? -12.664 -0.174  10.325  1.00 84.88  ? 642 ASP A CA  1 
ATOM 878  C C   . ASP A 1 124 ? -13.670 -1.317  10.274  1.00 85.08  ? 642 ASP A C   1 
ATOM 879  O O   . ASP A 1 124 ? -14.689 -1.243  10.961  1.00 86.34  ? 642 ASP A O   1 
ATOM 880  C CB  . ASP A 1 124 ? -12.749 0.700   9.084   1.00 86.67  ? 642 ASP A CB  1 
ATOM 881  C CG  . ASP A 1 124 ? -12.050 2.033   9.281   1.00 88.27  ? 642 ASP A CG  1 
ATOM 882  O OD1 . ASP A 1 124 ? -12.258 2.642   10.354  1.00 89.38  ? 642 ASP A OD1 1 
ATOM 883  O OD2 . ASP A 1 124 ? -11.300 2.475   8.378   1.00 88.45  ? 642 ASP A OD2 1 
ATOM 884  N N   . LEU A 1 125 ? -13.402 -2.367  9.494   1.00 84.88  ? 643 LEU A N   1 
ATOM 885  C CA  . LEU A 1 125 ? -14.314 -3.525  9.413   1.00 84.41  ? 643 LEU A CA  1 
ATOM 886  C C   . LEU A 1 125 ? -14.496 -4.212  10.785  1.00 85.26  ? 643 LEU A C   1 
ATOM 887  O O   . LEU A 1 125 ? -15.620 -4.579  11.178  1.00 84.29  ? 643 LEU A O   1 
ATOM 888  C CB  . LEU A 1 125 ? -13.801 -4.577  8.406   1.00 82.55  ? 643 LEU A CB  1 
ATOM 889  C CG  . LEU A 1 125 ? -14.322 -4.807  6.969   1.00 81.04  ? 643 LEU A CG  1 
ATOM 890  C CD1 . LEU A 1 125 ? -15.705 -5.397  6.973   1.00 78.13  ? 643 LEU A CD1 1 
ATOM 891  C CD2 . LEU A 1 125 ? -14.280 -3.503  6.197   1.00 81.57  ? 643 LEU A CD2 1 
ATOM 892  N N   . ILE A 1 126 ? -13.398 -4.386  11.517  1.00 85.37  ? 644 ILE A N   1 
ATOM 893  C CA  . ILE A 1 126 ? -13.484 -5.042  12.822  1.00 85.17  ? 644 ILE A CA  1 
ATOM 894  C C   . ILE A 1 126 ? -14.316 -4.251  13.806  1.00 83.51  ? 644 ILE A C   1 
ATOM 895  O O   . ILE A 1 126 ? -14.982 -4.835  14.656  1.00 81.64  ? 644 ILE A O   1 
ATOM 896  C CB  . ILE A 1 126 ? -12.081 -5.311  13.413  1.00 85.59  ? 644 ILE A CB  1 
ATOM 897  C CG1 . ILE A 1 126 ? -11.536 -6.622  12.839  1.00 84.69  ? 644 ILE A CG1 1 
ATOM 898  C CG2 . ILE A 1 126 ? -12.138 -5.364  14.938  1.00 86.50  ? 644 ILE A CG2 1 
ATOM 899  C CD1 . ILE A 1 126 ? -10.081 -6.859  13.138  1.00 84.44  ? 644 ILE A CD1 1 
ATOM 900  N N   . LEU A 1 127 ? -14.268 -2.926  13.693  1.00 84.02  ? 645 LEU A N   1 
ATOM 901  C CA  . LEU A 1 127 ? -15.048 -2.064  14.570  1.00 85.08  ? 645 LEU A CA  1 
ATOM 902  C C   . LEU A 1 127 ? -16.517 -2.281  14.272  1.00 85.99  ? 645 LEU A C   1 
ATOM 903  O O   . LEU A 1 127 ? -17.331 -2.383  15.185  1.00 87.20  ? 645 LEU A O   1 
ATOM 904  C CB  . LEU A 1 127 ? -14.679 -0.597  14.361  1.00 83.78  ? 645 LEU A CB  1 
ATOM 905  C CG  . LEU A 1 127 ? -13.623 -0.079  15.343  1.00 84.03  ? 645 LEU A CG  1 
ATOM 906  C CD1 . LEU A 1 127 ? -12.421 -1.013  15.361  1.00 83.85  ? 645 LEU A CD1 1 
ATOM 907  C CD2 . LEU A 1 127 ? -13.210 1.328   14.954  1.00 83.67  ? 645 LEU A CD2 1 
ATOM 908  N N   . GLN A 1 128 ? -16.838 -2.391  12.987  1.00 86.50  ? 646 GLN A N   1 
ATOM 909  C CA  . GLN A 1 128 ? -18.209 -2.603  12.526  1.00 86.71  ? 646 GLN A CA  1 
ATOM 910  C C   . GLN A 1 128 ? -18.863 -3.915  12.941  1.00 85.63  ? 646 GLN A C   1 
ATOM 911  O O   . GLN A 1 128 ? -19.573 -4.515  12.143  1.00 86.16  ? 646 GLN A O   1 
ATOM 912  C CB  . GLN A 1 128 ? -18.261 -2.506  10.999  1.00 87.75  ? 646 GLN A CB  1 
ATOM 913  C CG  . GLN A 1 128 ? -18.116 -1.107  10.457  1.00 89.29  ? 646 GLN A CG  1 
ATOM 914  C CD  . GLN A 1 128 ? -19.387 -0.298  10.609  1.00 91.33  ? 646 GLN A CD  1 
ATOM 915  O OE1 . GLN A 1 128 ? -19.886 -0.085  11.721  1.00 93.42  ? 646 GLN A OE1 1 
ATOM 916  N NE2 . GLN A 1 128 ? -19.925 0.158   9.485   1.00 91.12  ? 646 GLN A NE2 1 
ATOM 917  N N   . ILE A 1 129 ? -18.658 -4.366  14.169  1.00 85.55  ? 647 ILE A N   1 
ATOM 918  C CA  . ILE A 1 129 ? -19.265 -5.632  14.585  1.00 86.14  ? 647 ILE A CA  1 
ATOM 919  C C   . ILE A 1 129 ? -20.018 -5.478  15.905  1.00 87.91  ? 647 ILE A C   1 
ATOM 920  O O   . ILE A 1 129 ? -19.415 -5.423  16.989  1.00 89.26  ? 647 ILE A O   1 
ATOM 921  C CB  . ILE A 1 129 ? -18.202 -6.772  14.759  1.00 85.05  ? 647 ILE A CB  1 
ATOM 922  C CG1 . ILE A 1 129 ? -17.082 -6.646  13.701  1.00 84.96  ? 647 ILE A CG1 1 
ATOM 923  C CG2 . ILE A 1 129 ? -18.887 -8.122  14.617  1.00 84.61  ? 647 ILE A CG2 1 
ATOM 924  C CD1 . ILE A 1 129 ? -15.818 -7.483  13.969  1.00 82.47  ? 647 ILE A CD1 1 
ATOM 925  N N   . VAL A 1 132 ? -18.567 -7.797  20.401  1.00 100.00 ? 650 VAL A N   1 
ATOM 926  C CA  . VAL A 1 132 ? -18.599 -9.177  20.870  1.00 100.00 ? 650 VAL A CA  1 
ATOM 927  C C   . VAL A 1 132 ? -20.016 -9.627  21.192  1.00 100.00 ? 650 VAL A C   1 
ATOM 928  O O   . VAL A 1 132 ? -20.486 -9.484  22.327  1.00 100.00 ? 650 VAL A O   1 
ATOM 929  C CB  . VAL A 1 132 ? -17.721 -9.376  22.136  1.00 100.00 ? 650 VAL A CB  1 
ATOM 930  C CG1 . VAL A 1 132 ? -17.948 -10.776 22.726  1.00 99.17  ? 650 VAL A CG1 1 
ATOM 931  C CG2 . VAL A 1 132 ? -16.245 -9.189  21.781  1.00 100.00 ? 650 VAL A CG2 1 
ATOM 932  N N   . ASP A 1 133 ? -20.697 -10.164 20.184  1.00 100.00 ? 651 ASP A N   1 
ATOM 933  C CA  . ASP A 1 133 ? -22.048 -10.653 20.376  1.00 100.00 ? 651 ASP A CA  1 
ATOM 934  C C   . ASP A 1 133 ? -21.931 -11.928 21.199  1.00 99.97  ? 651 ASP A C   1 
ATOM 935  O O   . ASP A 1 133 ? -22.463 -12.027 22.299  1.00 100.00 ? 651 ASP A O   1 
ATOM 936  C CB  . ASP A 1 133 ? -22.712 -10.949 19.030  1.00 99.27  ? 651 ASP A CB  1 
ATOM 937  C CG  . ASP A 1 133 ? -22.767 -9.733  18.129  1.00 100.00 ? 651 ASP A CG  1 
ATOM 938  O OD1 . ASP A 1 133 ? -23.158 -8.647  18.606  1.00 100.00 ? 651 ASP A OD1 1 
ATOM 939  O OD2 . ASP A 1 133 ? -22.424 -9.864  16.938  1.00 100.00 ? 651 ASP A OD2 1 
ATOM 940  N N   . ASN A 1 134 ? -21.245 -12.935 20.657  1.00 100.00 ? 652 ASN A N   1 
ATOM 941  C CA  . ASN A 1 134 ? -20.995 -14.228 21.299  1.00 100.00 ? 652 ASN A CA  1 
ATOM 942  C C   . ASN A 1 134 ? -19.562 -14.716 20.923  1.00 100.00 ? 652 ASN A C   1 
ATOM 943  O O   . ASN A 1 134 ? -19.109 -14.480 19.794  1.00 100.00 ? 652 ASN A O   1 
ATOM 944  C CB  . ASN A 1 134 ? -22.111 -15.198 20.916  1.00 99.62  ? 652 ASN A CB  1 
ATOM 945  C CG  . ASN A 1 134 ? -23.417 -14.476 20.587  1.00 100.00 ? 652 ASN A CG  1 
ATOM 946  O OD1 . ASN A 1 134 ? -24.029 -13.867 21.461  1.00 100.00 ? 652 ASN A OD1 1 
ATOM 947  N ND2 . ASN A 1 134 ? -23.818 -14.566 19.323  1.00 100.00 ? 652 ASN A ND2 1 
ATOM 948  N N   . PRO A 1 135 ? -18.866 -15.377 21.883  1.00 100.00 ? 653 PRO A N   1 
ATOM 949  C CA  . PRO A 1 135 ? -17.426 -15.790 21.798  1.00 100.00 ? 653 PRO A CA  1 
ATOM 950  C C   . PRO A 1 135 ? -16.890 -16.384 20.531  1.00 99.67  ? 653 PRO A C   1 
ATOM 951  O O   . PRO A 1 135 ? -15.787 -16.020 20.101  1.00 99.23  ? 653 PRO A O   1 
ATOM 952  C CB  . PRO A 1 135 ? -17.321 -16.656 23.032  1.00 100.00 ? 653 PRO A CB  1 
ATOM 953  C CG  . PRO A 1 135 ? -17.773 -15.635 23.999  1.00 100.00 ? 653 PRO A CG  1 
ATOM 954  C CD  . PRO A 1 135 ? -18.943 -14.988 23.303  1.00 100.00 ? 653 PRO A CD  1 
ATOM 955  N N   . THR A 1 136 ? -17.608 -17.314 19.954  1.00 99.79  ? 654 THR A N   1 
ATOM 956  C CA  . THR A 1 136 ? -17.044 -17.945 18.804  1.00 100.00 ? 654 THR A CA  1 
ATOM 957  C C   . THR A 1 136 ? -17.450 -17.171 17.537  1.00 100.00 ? 654 THR A C   1 
ATOM 958  O O   . THR A 1 136 ? -16.742 -17.207 16.539  1.00 99.74  ? 654 THR A O   1 
ATOM 959  C CB  . THR A 1 136 ? -17.483 -19.420 18.757  1.00 100.00 ? 654 THR A CB  1 
ATOM 960  O OG1 . THR A 1 136 ? -16.326 -20.240 18.983  1.00 100.00 ? 654 THR A OG1 1 
ATOM 961  C CG2 . THR A 1 136 ? -18.093 -19.773 17.405  1.00 99.52  ? 654 THR A CG2 1 
ATOM 962  N N   . ASN A 1 137 ? -18.604 -16.481 17.597  1.00 100.00 ? 655 ASN A N   1 
ATOM 963  C CA  . ASN A 1 137 ? -19.121 -15.725 16.450  1.00 99.72  ? 655 ASN A CA  1 
ATOM 964  C C   . ASN A 1 137 ? -18.278 -14.506 16.275  1.00 98.58  ? 655 ASN A C   1 
ATOM 965  O O   . ASN A 1 137 ? -18.305 -13.852 15.244  1.00 100.00 ? 655 ASN A O   1 
ATOM 966  C CB  . ASN A 1 137 ? -20.575 -15.277 16.654  1.00 100.00 ? 655 ASN A CB  1 
ATOM 967  C CG  . ASN A 1 137 ? -21.597 -16.399 16.549  1.00 100.00 ? 655 ASN A CG  1 
ATOM 968  O OD1 . ASN A 1 137 ? -21.636 -17.113 15.543  1.00 100.00 ? 655 ASN A OD1 1 
ATOM 969  N ND2 . ASN A 1 137 ? -22.415 -16.573 17.585  1.00 100.00 ? 655 ASN A ND2 1 
ATOM 970  N N   . TYR A 1 138 ? -17.558 -14.201 17.298  1.00 96.36  ? 656 TYR A N   1 
ATOM 971  C CA  . TYR A 1 138 ? -16.701 -13.049 17.268  1.00 93.42  ? 656 TYR A CA  1 
ATOM 972  C C   . TYR A 1 138 ? -15.345 -13.420 16.706  1.00 93.09  ? 656 TYR A C   1 
ATOM 973  O O   . TYR A 1 138 ? -14.880 -12.862 15.708  1.00 91.93  ? 656 TYR A O   1 
ATOM 974  C CB  . TYR A 1 138 ? -16.589 -12.519 18.699  1.00 90.58  ? 656 TYR A CB  1 
ATOM 975  C CG  . TYR A 1 138 ? -15.861 -11.219 18.684  1.00 87.33  ? 656 TYR A CG  1 
ATOM 976  C CD1 . TYR A 1 138 ? -16.523 -10.058 18.271  1.00 87.50  ? 656 TYR A CD1 1 
ATOM 977  C CD2 . TYR A 1 138 ? -14.518 -11.135 19.008  1.00 85.82  ? 656 TYR A CD2 1 
ATOM 978  C CE1 . TYR A 1 138 ? -15.863 -8.837  18.167  1.00 85.68  ? 656 TYR A CE1 1 
ATOM 979  C CE2 . TYR A 1 138 ? -13.840 -9.919  18.907  1.00 85.05  ? 656 TYR A CE2 1 
ATOM 980  C CZ  . TYR A 1 138 ? -14.523 -8.774  18.481  1.00 84.57  ? 656 TYR A CZ  1 
ATOM 981  O OH  . TYR A 1 138 ? -13.866 -7.572  18.383  1.00 84.48  ? 656 TYR A OH  1 
ATOM 982  N N   . LEU A 1 139 ? -14.723 -14.362 17.364  1.00 93.11  ? 657 LEU A N   1 
ATOM 983  C CA  . LEU A 1 139 ? -13.402 -14.844 16.977  1.00 91.04  ? 657 LEU A CA  1 
ATOM 984  C C   . LEU A 1 139 ? -13.337 -15.247 15.491  1.00 90.85  ? 657 LEU A C   1 
ATOM 985  O O   . LEU A 1 139 ? -12.392 -14.879 14.785  1.00 89.77  ? 657 LEU A O   1 
ATOM 986  C CB  . LEU A 1 139 ? -13.025 -16.020 17.874  1.00 90.05  ? 657 LEU A CB  1 
ATOM 987  C CG  . LEU A 1 139 ? -11.567 -16.065 18.317  1.00 90.52  ? 657 LEU A CG  1 
ATOM 988  C CD1 . LEU A 1 139 ? -11.143 -14.749 18.967  1.00 91.12  ? 657 LEU A CD1 1 
ATOM 989  C CD2 . LEU A 1 139 ? -11.414 -17.200 19.288  1.00 90.81  ? 657 LEU A CD2 1 
ATOM 990  N N   . THR A 1 140 ? -14.342 -15.990 15.020  1.00 90.40  ? 658 THR A N   1 
ATOM 991  C CA  . THR A 1 140 ? -14.401 -16.432 13.621  1.00 89.44  ? 658 THR A CA  1 
ATOM 992  C C   . THR A 1 140 ? -14.603 -15.273 12.655  1.00 88.55  ? 658 THR A C   1 
ATOM 993  O O   . THR A 1 140 ? -13.875 -15.155 11.677  1.00 88.62  ? 658 THR A O   1 
ATOM 994  C CB  . THR A 1 140 ? -15.534 -17.458 13.393  1.00 90.70  ? 658 THR A CB  1 
ATOM 995  O OG1 . THR A 1 140 ? -15.156 -18.714 13.967  1.00 92.09  ? 658 THR A OG1 1 
ATOM 996  C CG2 . THR A 1 140 ? -15.812 -17.642 11.902  1.00 89.34  ? 658 THR A CG2 1 
ATOM 997  N N   . GLN A 1 141 ? -15.599 -14.428 12.909  1.00 87.83  ? 659 GLN A N   1 
ATOM 998  C CA  . GLN A 1 141 ? -15.830 -13.284 12.037  1.00 87.20  ? 659 GLN A CA  1 
ATOM 999  C C   . GLN A 1 141 ? -14.521 -12.504 11.992  1.00 86.12  ? 659 GLN A C   1 
ATOM 1000 O O   . GLN A 1 141 ? -14.092 -12.070 10.929  1.00 84.87  ? 659 GLN A O   1 
ATOM 1001 C CB  . GLN A 1 141 ? -16.962 -12.389 12.572  1.00 89.61  ? 659 GLN A CB  1 
ATOM 1002 C CG  . GLN A 1 141 ? -17.205 -11.122 11.742  1.00 93.79  ? 659 GLN A CG  1 
ATOM 1003 C CD  . GLN A 1 141 ? -17.794 -11.405 10.362  1.00 96.59  ? 659 GLN A CD  1 
ATOM 1004 O OE1 . GLN A 1 141 ? -17.488 -10.713 9.380   1.00 96.49  ? 659 GLN A OE1 1 
ATOM 1005 N NE2 . GLN A 1 141 ? -18.654 -12.413 10.286  1.00 97.77  ? 659 GLN A NE2 1 
ATOM 1006 N N   . LEU A 1 142 ? -13.875 -12.363 13.148  1.00 85.83  ? 660 LEU A N   1 
ATOM 1007 C CA  . LEU A 1 142 ? -12.608 -11.644 13.261  1.00 84.14  ? 660 LEU A CA  1 
ATOM 1008 C C   . LEU A 1 142 ? -11.527 -12.212 12.314  1.00 84.88  ? 660 LEU A C   1 
ATOM 1009 O O   . LEU A 1 142 ? -10.892 -11.468 11.553  1.00 84.99  ? 660 LEU A O   1 
ATOM 1010 C CB  . LEU A 1 142 ? -12.127 -11.700 14.714  1.00 81.04  ? 660 LEU A CB  1 
ATOM 1011 C CG  . LEU A 1 142 ? -11.494 -10.433 15.313  1.00 79.05  ? 660 LEU A CG  1 
ATOM 1012 C CD1 . LEU A 1 142 ? -12.540 -9.334  15.351  1.00 78.80  ? 660 LEU A CD1 1 
ATOM 1013 C CD2 . LEU A 1 142 ? -10.965 -10.697 16.729  1.00 77.98  ? 660 LEU A CD2 1 
ATOM 1014 N N   . ALA A 1 143 ? -11.325 -13.530 12.367  1.00 84.75  ? 661 ALA A N   1 
ATOM 1015 C CA  . ALA A 1 143 ? -10.343 -14.207 11.521  1.00 83.25  ? 661 ALA A CA  1 
ATOM 1016 C C   . ALA A 1 143 ? -10.634 -13.923 10.047  1.00 82.49  ? 661 ALA A C   1 
ATOM 1017 O O   . ALA A 1 143 ? -9.773  -13.434 9.324   1.00 82.20  ? 661 ALA A O   1 
ATOM 1018 C CB  . ALA A 1 143 ? -10.362 -15.714 11.785  1.00 84.21  ? 661 ALA A CB  1 
ATOM 1019 N N   . VAL A 1 144 ? -11.841 -14.248 9.596   1.00 82.14  ? 662 VAL A N   1 
ATOM 1020 C CA  . VAL A 1 144 ? -12.214 -13.979 8.217   1.00 82.15  ? 662 VAL A CA  1 
ATOM 1021 C C   . VAL A 1 144 ? -11.667 -12.591 7.884   1.00 82.16  ? 662 VAL A C   1 
ATOM 1022 O O   . VAL A 1 144 ? -10.643 -12.482 7.208   1.00 84.13  ? 662 VAL A O   1 
ATOM 1023 C CB  . VAL A 1 144 ? -13.743 -14.019 8.047   1.00 81.88  ? 662 VAL A CB  1 
ATOM 1024 C CG1 . VAL A 1 144 ? -14.153 -13.325 6.766   1.00 80.88  ? 662 VAL A CG1 1 
ATOM 1025 C CG2 . VAL A 1 144 ? -14.196 -15.461 8.012   1.00 81.92  ? 662 VAL A CG2 1 
ATOM 1026 N N   . ILE A 1 145 ? -12.329 -11.545 8.376   1.00 80.11  ? 663 ILE A N   1 
ATOM 1027 C CA  . ILE A 1 145 ? -11.882 -10.177 8.164   1.00 79.18  ? 663 ILE A CA  1 
ATOM 1028 C C   . ILE A 1 145 ? -10.362 -10.110 7.933   1.00 77.29  ? 663 ILE A C   1 
ATOM 1029 O O   . ILE A 1 145 ? -9.903  -9.853  6.819   1.00 77.26  ? 663 ILE A O   1 
ATOM 1030 C CB  . ILE A 1 145 ? -12.235 -9.288  9.395   1.00 81.89  ? 663 ILE A CB  1 
ATOM 1031 C CG1 . ILE A 1 145 ? -13.726 -8.916  9.381   1.00 83.68  ? 663 ILE A CG1 1 
ATOM 1032 C CG2 . ILE A 1 145 ? -11.366 -8.037  9.416   1.00 82.58  ? 663 ILE A CG2 1 
ATOM 1033 C CD1 . ILE A 1 145 ? -14.154 -8.138  8.162   1.00 85.22  ? 663 ILE A CD1 1 
ATOM 1034 N N   . ARG A 1 146 ? -9.587  -10.356 8.990   1.00 75.31  ? 664 ARG A N   1 
ATOM 1035 C CA  . ARG A 1 146 ? -8.129  -10.312 8.928   1.00 72.91  ? 664 ARG A CA  1 
ATOM 1036 C C   . ARG A 1 146 ? -7.529  -11.086 7.747   1.00 72.36  ? 664 ARG A C   1 
ATOM 1037 O O   . ARG A 1 146 ? -7.227  -10.517 6.697   1.00 71.59  ? 664 ARG A O   1 
ATOM 1038 C CB  . ARG A 1 146 ? -7.568  -10.842 10.239  1.00 73.14  ? 664 ARG A CB  1 
ATOM 1039 C CG  . ARG A 1 146 ? -6.103  -10.656 10.399  1.00 72.95  ? 664 ARG A CG  1 
ATOM 1040 C CD  . ARG A 1 146 ? -5.773  -9.228  10.723  1.00 74.61  ? 664 ARG A CD  1 
ATOM 1041 N NE  . ARG A 1 146 ? -6.303  -8.769  12.009  1.00 76.99  ? 664 ARG A NE  1 
ATOM 1042 C CZ  . ARG A 1 146 ? -5.861  -7.672  12.627  1.00 76.96  ? 664 ARG A CZ  1 
ATOM 1043 N NH1 . ARG A 1 146 ? -4.892  -6.958  12.068  1.00 76.28  ? 664 ARG A NH1 1 
ATOM 1044 N NH2 . ARG A 1 146 ? -6.384  -7.268  13.784  1.00 76.32  ? 664 ARG A NH2 1 
ATOM 1045 N N   . PHE A 1 147 ? -7.363  -12.390 7.924   1.00 73.30  ? 665 PHE A N   1 
ATOM 1046 C CA  . PHE A 1 147 ? -6.769  -13.280 6.919   1.00 74.17  ? 665 PHE A CA  1 
ATOM 1047 C C   . PHE A 1 147 ? -7.329  -13.163 5.489   1.00 73.51  ? 665 PHE A C   1 
ATOM 1048 O O   . PHE A 1 147 ? -6.649  -13.483 4.520   1.00 71.94  ? 665 PHE A O   1 
ATOM 1049 C CB  . PHE A 1 147 ? -6.869  -14.725 7.431   1.00 75.62  ? 665 PHE A CB  1 
ATOM 1050 C CG  . PHE A 1 147 ? -6.249  -14.920 8.786   1.00 75.26  ? 665 PHE A CG  1 
ATOM 1051 C CD1 . PHE A 1 147 ? -4.869  -14.853 8.950   1.00 75.99  ? 665 PHE A CD1 1 
ATOM 1052 C CD2 . PHE A 1 147 ? -7.049  -15.131 9.908   1.00 76.39  ? 665 PHE A CD2 1 
ATOM 1053 C CE1 . PHE A 1 147 ? -4.294  -14.993 10.214  1.00 77.58  ? 665 PHE A CE1 1 
ATOM 1054 C CE2 . PHE A 1 147 ? -6.497  -15.271 11.178  1.00 75.99  ? 665 PHE A CE2 1 
ATOM 1055 C CZ  . PHE A 1 147 ? -5.121  -15.202 11.334  1.00 77.94  ? 665 PHE A CZ  1 
ATOM 1056 N N   . GLN A 1 148 ? -8.567  -12.712 5.366   1.00 72.94  ? 666 GLN A N   1 
ATOM 1057 C CA  . GLN A 1 148 ? -9.181  -12.518 4.063   1.00 73.78  ? 666 GLN A CA  1 
ATOM 1058 C C   . GLN A 1 148 ? -8.578  -11.277 3.383   1.00 71.51  ? 666 GLN A C   1 
ATOM 1059 O O   . GLN A 1 148 ? -8.486  -11.212 2.150   1.00 70.48  ? 666 GLN A O   1 
ATOM 1060 C CB  . GLN A 1 148 ? -10.692 -12.316 4.221   1.00 79.63  ? 666 GLN A CB  1 
ATOM 1061 C CG  . GLN A 1 148 ? -11.531 -13.576 4.117   1.00 86.36  ? 666 GLN A CG  1 
ATOM 1062 C CD  . GLN A 1 148 ? -11.691 -14.045 2.687   1.00 90.26  ? 666 GLN A CD  1 
ATOM 1063 O OE1 . GLN A 1 148 ? -10.749 -14.554 2.074   1.00 90.19  ? 666 GLN A OE1 1 
ATOM 1064 N NE2 . GLN A 1 148 ? -12.888 -13.864 2.140   1.00 92.82  ? 666 GLN A NE2 1 
ATOM 1065 N N   . THR A 1 149 ? -8.175  -10.285 4.181   1.00 70.13  ? 667 THR A N   1 
ATOM 1066 C CA  . THR A 1 149 ? -7.602  -9.071  3.615   1.00 68.27  ? 667 THR A CA  1 
ATOM 1067 C C   . THR A 1 149 ? -6.111  -9.293  3.482   1.00 69.91  ? 667 THR A C   1 
ATOM 1068 O O   . THR A 1 149 ? -5.467  -8.693  2.609   1.00 69.31  ? 667 THR A O   1 
ATOM 1069 C CB  . THR A 1 149 ? -7.854  -7.783  4.468   1.00 64.98  ? 667 THR A CB  1 
ATOM 1070 O OG1 . THR A 1 149 ? -9.156  -7.797  5.057   1.00 60.11  ? 667 THR A OG1 1 
ATOM 1071 C CG2 . THR A 1 149 ? -7.801  -6.573  3.568   1.00 62.69  ? 667 THR A CG2 1 
ATOM 1072 N N   . ILE A 1 150 ? -5.560  -10.164 4.323   1.00 72.19  ? 668 ILE A N   1 
ATOM 1073 C CA  . ILE A 1 150 ? -4.136  -10.472 4.232   1.00 75.82  ? 668 ILE A CA  1 
ATOM 1074 C C   . ILE A 1 150 ? -3.878  -11.244 2.931   1.00 77.77  ? 668 ILE A C   1 
ATOM 1075 O O   . ILE A 1 150 ? -2.924  -10.942 2.204   1.00 79.47  ? 668 ILE A O   1 
ATOM 1076 C CB  . ILE A 1 150 ? -3.650  -11.323 5.431   1.00 75.69  ? 668 ILE A CB  1 
ATOM 1077 C CG1 . ILE A 1 150 ? -4.039  -10.636 6.744   1.00 76.49  ? 668 ILE A CG1 1 
ATOM 1078 C CG2 . ILE A 1 150 ? -2.128  -11.507 5.363   1.00 74.01  ? 668 ILE A CG2 1 
ATOM 1079 C CD1 . ILE A 1 150 ? -3.661  -11.413 7.979   1.00 75.02  ? 668 ILE A CD1 1 
ATOM 1080 N N   . LYS A 1 151 ? -4.738  -12.224 2.626   1.00 79.46  ? 669 LYS A N   1 
ATOM 1081 C CA  . LYS A 1 151 ? -4.596  -13.030 1.405   1.00 80.70  ? 669 LYS A CA  1 
ATOM 1082 C C   . LYS A 1 151 ? -4.779  -12.191 0.134   1.00 80.57  ? 669 LYS A C   1 
ATOM 1083 O O   . LYS A 1 151 ? -3.932  -12.245 -0.764  1.00 80.45  ? 669 LYS A O   1 
ATOM 1084 C CB  . LYS A 1 151 ? -5.588  -14.203 1.388   1.00 82.14  ? 669 LYS A CB  1 
ATOM 1085 C CG  . LYS A 1 151 ? -5.340  -15.160 0.236   1.00 84.33  ? 669 LYS A CG  1 
ATOM 1086 C CD  . LYS A 1 151 ? -6.390  -16.238 0.122   1.00 85.34  ? 669 LYS A CD  1 
ATOM 1087 C CE  . LYS A 1 151 ? -6.141  -17.060 -1.136  1.00 85.40  ? 669 LYS A CE  1 
ATOM 1088 N NZ  . LYS A 1 151 ? -7.201  -18.072 -1.383  1.00 83.39  ? 669 LYS A NZ  1 
ATOM 1089 N N   . LYS A 1 152 ? -5.881  -11.432 0.078   1.00 80.96  ? 670 LYS A N   1 
ATOM 1090 C CA  . LYS A 1 152 ? -6.231  -10.548 -1.046  1.00 81.68  ? 670 LYS A CA  1 
ATOM 1091 C C   . LYS A 1 152 ? -5.145  -9.482  -1.300  1.00 82.35  ? 670 LYS A C   1 
ATOM 1092 O O   . LYS A 1 152 ? -4.780  -9.221  -2.456  1.00 81.51  ? 670 LYS A O   1 
ATOM 1093 C CB  . LYS A 1 152 ? -7.561  -9.858  -0.747  1.00 82.33  ? 670 LYS A CB  1 
ATOM 1094 C CG  . LYS A 1 152 ? -8.068  -8.923  -1.828  1.00 83.53  ? 670 LYS A CG  1 
ATOM 1095 C CD  . LYS A 1 152 ? -8.815  -7.734  -1.210  1.00 83.70  ? 670 LYS A CD  1 
ATOM 1096 C CE  . LYS A 1 152 ? -9.844  -8.174  -0.165  1.00 83.81  ? 670 LYS A CE  1 
ATOM 1097 N NZ  . LYS A 1 152 ? -10.493 -7.032  0.545   1.00 82.98  ? 670 LYS A NZ  1 
ATOM 1098 N N   . THR A 1 153 ? -4.638  -8.871  -0.222  1.00 82.72  ? 671 THR A N   1 
ATOM 1099 C CA  . THR A 1 153 ? -3.590  -7.849  -0.316  1.00 83.03  ? 671 THR A CA  1 
ATOM 1100 C C   . THR A 1 153 ? -2.284  -8.434  -0.878  1.00 83.79  ? 671 THR A C   1 
ATOM 1101 O O   . THR A 1 153 ? -1.471  -7.706  -1.451  1.00 84.73  ? 671 THR A O   1 
ATOM 1102 C CB  . THR A 1 153 ? -3.321  -7.183  1.071   1.00 82.49  ? 671 THR A CB  1 
ATOM 1103 O OG1 . THR A 1 153 ? -4.490  -6.472  1.485   1.00 83.15  ? 671 THR A OG1 1 
ATOM 1104 C CG2 . THR A 1 153 ? -2.162  -6.185  1.002   1.00 82.30  ? 671 THR A CG2 1 
ATOM 1105 N N   . VAL A 1 154 ? -2.079  -9.740  -0.710  1.00 84.36  ? 672 VAL A N   1 
ATOM 1106 C CA  . VAL A 1 154 ? -0.890  -10.400 -1.231  1.00 84.35  ? 672 VAL A CA  1 
ATOM 1107 C C   . VAL A 1 154 ? -1.147  -10.696 -2.713  1.00 85.45  ? 672 VAL A C   1 
ATOM 1108 O O   . VAL A 1 154 ? -0.254  -10.540 -3.543  1.00 85.29  ? 672 VAL A O   1 
ATOM 1109 C CB  . VAL A 1 154 ? -0.577  -11.718 -0.438  1.00 83.73  ? 672 VAL A CB  1 
ATOM 1110 C CG1 . VAL A 1 154 ? 0.516   -12.552 -1.159  1.00 81.43  ? 672 VAL A CG1 1 
ATOM 1111 C CG2 . VAL A 1 154 ? -0.119  -11.366 0.988   1.00 82.17  ? 672 VAL A CG2 1 
ATOM 1112 N N   . GLU A 1 155 ? -2.374  -11.093 -3.049  1.00 86.10  ? 673 GLU A N   1 
ATOM 1113 C CA  . GLU A 1 155 ? -2.736  -11.389 -4.436  1.00 87.20  ? 673 GLU A CA  1 
ATOM 1114 C C   . GLU A 1 155 ? -2.753  -10.124 -5.311  1.00 88.02  ? 673 GLU A C   1 
ATOM 1115 O O   . GLU A 1 155 ? -2.501  -10.201 -6.511  1.00 89.23  ? 673 GLU A O   1 
ATOM 1116 C CB  . GLU A 1 155 ? -4.098  -12.080 -4.483  1.00 87.39  ? 673 GLU A CB  1 
ATOM 1117 C CG  . GLU A 1 155 ? -4.179  -13.273 -3.553  1.00 89.23  ? 673 GLU A CG  1 
ATOM 1118 C CD  . GLU A 1 155 ? -5.557  -13.930 -3.501  1.00 90.54  ? 673 GLU A CD  1 
ATOM 1119 O OE1 . GLU A 1 155 ? -6.555  -13.242 -3.166  1.00 89.91  ? 673 GLU A OE1 1 
ATOM 1120 O OE2 . GLU A 1 155 ? -5.625  -15.150 -3.784  1.00 90.62  ? 673 GLU A OE2 1 
ATOM 1121 N N   . ASP A 1 156 ? -3.065  -8.969  -4.713  1.00 88.03  ? 674 ASP A N   1 
ATOM 1122 C CA  . ASP A 1 156 ? -3.065  -7.693  -5.435  1.00 86.78  ? 674 ASP A CA  1 
ATOM 1123 C C   . ASP A 1 156 ? -1.635  -7.164  -5.471  1.00 85.85  ? 674 ASP A C   1 
ATOM 1124 O O   . ASP A 1 156 ? -1.264  -6.456  -6.398  1.00 86.19  ? 674 ASP A O   1 
ATOM 1125 C CB  . ASP A 1 156 ? -3.962  -6.640  -4.759  1.00 87.76  ? 674 ASP A CB  1 
ATOM 1126 C CG  . ASP A 1 156 ? -5.432  -6.779  -5.126  1.00 90.62  ? 674 ASP A CG  1 
ATOM 1127 O OD1 . ASP A 1 156 ? -5.736  -7.294  -6.228  1.00 92.52  ? 674 ASP A OD1 1 
ATOM 1128 O OD2 . ASP A 1 156 ? -6.288  -6.350  -4.314  1.00 91.43  ? 674 ASP A OD2 1 
ATOM 1129 N N   . PHE A 1 157 ? -0.847  -7.494  -4.446  1.00 85.44  ? 675 PHE A N   1 
ATOM 1130 C CA  . PHE A 1 157 ? 0.549   -7.072  -4.357  1.00 84.87  ? 675 PHE A CA  1 
ATOM 1131 C C   . PHE A 1 157 ? 1.296   -7.822  -5.428  1.00 86.59  ? 675 PHE A C   1 
ATOM 1132 O O   . PHE A 1 157 ? 2.366   -7.386  -5.883  1.00 86.66  ? 675 PHE A O   1 
ATOM 1133 C CB  . PHE A 1 157 ? 1.155   -7.435  -3.011  1.00 83.65  ? 675 PHE A CB  1 
ATOM 1134 C CG  . PHE A 1 157 ? 2.656   -7.398  -2.995  1.00 83.82  ? 675 PHE A CG  1 
ATOM 1135 C CD1 . PHE A 1 157 ? 3.337   -6.250  -2.605  1.00 84.46  ? 675 PHE A CD1 1 
ATOM 1136 C CD2 . PHE A 1 157 ? 3.395   -8.500  -3.417  1.00 84.30  ? 675 PHE A CD2 1 
ATOM 1137 C CE1 . PHE A 1 157 ? 4.747   -6.196  -2.639  1.00 84.48  ? 675 PHE A CE1 1 
ATOM 1138 C CE2 . PHE A 1 157 ? 4.800   -8.454  -3.455  1.00 85.16  ? 675 PHE A CE2 1 
ATOM 1139 C CZ  . PHE A 1 157 ? 5.477   -7.295  -3.066  1.00 84.04  ? 675 PHE A CZ  1 
ATOM 1140 N N   . GLN A 1 158 ? 0.750   -8.970  -5.826  1.00 88.54  ? 676 GLN A N   1 
ATOM 1141 C CA  . GLN A 1 158 ? 1.406   -9.734  -6.876  1.00 90.61  ? 676 GLN A CA  1 
ATOM 1142 C C   . GLN A 1 158 ? 1.153   -9.093  -8.236  1.00 90.68  ? 676 GLN A C   1 
ATOM 1143 O O   . GLN A 1 158 ? 2.094   -8.831  -8.959  1.00 88.87  ? 676 GLN A O   1 
ATOM 1144 C CB  . GLN A 1 158 ? 0.951   -11.190 -6.857  1.00 92.24  ? 676 GLN A CB  1 
ATOM 1145 C CG  . GLN A 1 158 ? 1.429   -11.910 -5.624  1.00 94.44  ? 676 GLN A CG  1 
ATOM 1146 C CD  . GLN A 1 158 ? 1.208   -13.395 -5.693  1.00 96.49  ? 676 GLN A CD  1 
ATOM 1147 O OE1 . GLN A 1 158 ? 0.088   -13.868 -5.916  1.00 96.44  ? 676 GLN A OE1 1 
ATOM 1148 N NE2 . GLN A 1 158 ? 2.280   -14.149 -5.495  1.00 96.01  ? 676 GLN A NE2 1 
ATOM 1149 N N   . ASP A 1 159 ? -0.102  -8.797  -8.565  1.00 93.61  ? 677 ASP A N   1 
ATOM 1150 C CA  . ASP A 1 159 ? -0.418  -8.193  -9.863  1.00 96.84  ? 677 ASP A CA  1 
ATOM 1151 C C   . ASP A 1 159 ? 0.001   -6.719  -9.994  1.00 96.72  ? 677 ASP A C   1 
ATOM 1152 O O   . ASP A 1 159 ? -0.175  -6.112  -11.053 1.00 98.01  ? 677 ASP A O   1 
ATOM 1153 C CB  . ASP A 1 159 ? -1.920  -8.333  -10.159 1.00 98.48  ? 677 ASP A CB  1 
ATOM 1154 C CG  . ASP A 1 159 ? -2.241  -8.211  -11.648 1.00 100.00 ? 677 ASP A CG  1 
ATOM 1155 O OD1 . ASP A 1 159 ? -1.708  -9.020  -12.441 1.00 99.22  ? 677 ASP A OD1 1 
ATOM 1156 O OD2 . ASP A 1 159 ? -3.027  -7.314  -12.023 1.00 100.00 ? 677 ASP A OD2 1 
ATOM 1157 N N   . ILE A 1 160 ? 0.562   -6.146  -8.932  1.00 95.60  ? 678 ILE A N   1 
ATOM 1158 C CA  . ILE A 1 160 ? 0.988   -4.744  -8.966  1.00 94.42  ? 678 ILE A CA  1 
ATOM 1159 C C   . ILE A 1 160 ? 2.497   -4.580  -8.742  1.00 94.60  ? 678 ILE A C   1 
ATOM 1160 O O   . ILE A 1 160 ? 3.187   -4.067  -9.615  1.00 94.78  ? 678 ILE A O   1 
ATOM 1161 C CB  . ILE A 1 160 ? 0.223   -3.872  -7.914  1.00 93.04  ? 678 ILE A CB  1 
ATOM 1162 C CG1 . ILE A 1 160 ? -1.285  -3.923  -8.178  1.00 92.31  ? 678 ILE A CG1 1 
ATOM 1163 C CG2 . ILE A 1 160 ? 0.690   -2.430  -7.987  1.00 91.51  ? 678 ILE A CG2 1 
ATOM 1164 C CD1 . ILE A 1 160 ? -2.115  -3.166  -7.156  1.00 91.40  ? 678 ILE A CD1 1 
ATOM 1165 N N   . PHE A 1 161 ? 3.011   -5.018  -7.592  1.00 94.82  ? 679 PHE A N   1 
ATOM 1166 C CA  . PHE A 1 161 ? 4.442   -4.886  -7.312  1.00 95.63  ? 679 PHE A CA  1 
ATOM 1167 C C   . PHE A 1 161 ? 5.305   -6.008  -7.912  1.00 97.34  ? 679 PHE A C   1 
ATOM 1168 O O   . PHE A 1 161 ? 6.318   -6.412  -7.330  1.00 97.38  ? 679 PHE A O   1 
ATOM 1169 C CB  . PHE A 1 161 ? 4.690   -4.816  -5.804  1.00 93.54  ? 679 PHE A CB  1 
ATOM 1170 C CG  . PHE A 1 161 ? 4.082   -3.613  -5.134  1.00 91.48  ? 679 PHE A CG  1 
ATOM 1171 C CD1 . PHE A 1 161 ? 2.719   -3.577  -4.826  1.00 90.83  ? 679 PHE A CD1 1 
ATOM 1172 C CD2 . PHE A 1 161 ? 4.870   -2.520  -4.799  1.00 90.69  ? 679 PHE A CD2 1 
ATOM 1173 C CE1 . PHE A 1 161 ? 2.154   -2.466  -4.194  1.00 90.08  ? 679 PHE A CE1 1 
ATOM 1174 C CE2 . PHE A 1 161 ? 4.309   -1.408  -4.169  1.00 90.36  ? 679 PHE A CE2 1 
ATOM 1175 C CZ  . PHE A 1 161 ? 2.948   -1.384  -3.867  1.00 90.05  ? 679 PHE A CZ  1 
ATOM 1176 N N   . LYS A 1 162 ? 4.913   -6.492  -9.085  1.00 98.90  ? 680 LYS A N   1 
ATOM 1177 C CA  . LYS A 1 162 ? 5.637   -7.556  -9.775  1.00 99.41  ? 680 LYS A CA  1 
ATOM 1178 C C   . LYS A 1 162 ? 7.005   -7.094  -10.288 1.00 99.70  ? 680 LYS A C   1 
ATOM 1179 O O   . LYS A 1 162 ? 7.139   -5.981  -10.792 1.00 99.90  ? 680 LYS A O   1 
ATOM 1180 C CB  . LYS A 1 162 ? 4.795   -8.055  -10.947 1.00 99.94  ? 680 LYS A CB  1 
ATOM 1181 C CG  . LYS A 1 162 ? 4.179   -6.920  -11.754 1.00 100.00 ? 680 LYS A CG  1 
ATOM 1182 C CD  . LYS A 1 162 ? 3.544   -7.401  -13.061 1.00 100.00 ? 680 LYS A CD  1 
ATOM 1183 C CE  . LYS A 1 162 ? 2.345   -8.311  -12.834 1.00 100.00 ? 680 LYS A CE  1 
ATOM 1184 N NZ  . LYS A 1 162 ? 1.704   -8.712  -14.120 1.00 100.00 ? 680 LYS A NZ  1 
ATOM 1185 N N   . GLU A 1 163 ? 8.014   -7.954  -10.158 1.00 98.77  ? 681 GLU A N   1 
ATOM 1186 C CA  . GLU A 1 163 ? 9.365   -7.646  -10.615 1.00 97.39  ? 681 GLU A CA  1 
ATOM 1187 C C   . GLU A 1 163 ? 9.911   -6.472  -9.862  1.00 96.43  ? 681 GLU A C   1 
ATOM 1188 O O   . GLU A 1 163 ? 10.805  -5.790  -10.353 1.00 94.80  ? 681 GLU A O   1 
ATOM 1189 C CB  . GLU A 1 163 ? 9.380   -7.282  -12.096 1.00 97.85  ? 681 GLU A CB  1 
ATOM 1190 C CG  . GLU A 1 163 ? 8.719   -8.270  -13.021 1.00 98.94  ? 681 GLU A CG  1 
ATOM 1191 C CD  . GLU A 1 163 ? 9.034   -7.969  -14.475 1.00 100.00 ? 681 GLU A CD  1 
ATOM 1192 O OE1 . GLU A 1 163 ? 8.806   -6.820  -14.917 1.00 100.00 ? 681 GLU A OE1 1 
ATOM 1193 O OE2 . GLU A 1 163 ? 9.516   -8.881  -15.180 1.00 100.00 ? 681 GLU A OE2 1 
ATOM 1194 N N   . LEU A 1 164 ? 9.389   -6.231  -8.667  1.00 97.21  ? 682 LEU A N   1 
ATOM 1195 C CA  . LEU A 1 164 ? 9.834   -5.074  -7.902  1.00 98.62  ? 682 LEU A CA  1 
ATOM 1196 C C   . LEU A 1 164 ? 11.104  -5.286  -7.093  1.00 98.02  ? 682 LEU A C   1 
ATOM 1197 O O   . LEU A 1 164 ? 11.810  -4.329  -6.759  1.00 98.28  ? 682 LEU A O   1 
ATOM 1198 C CB  . LEU A 1 164 ? 8.692   -4.568  -7.005  1.00 99.60  ? 682 LEU A CB  1 
ATOM 1199 C CG  . LEU A 1 164 ? 7.754   -3.475  -7.571  1.00 100.00 ? 682 LEU A CG  1 
ATOM 1200 C CD1 . LEU A 1 164 ? 8.412   -2.113  -7.446  1.00 100.00 ? 682 LEU A CD1 1 
ATOM 1201 C CD2 . LEU A 1 164 ? 7.408   -3.755  -9.027  1.00 99.85  ? 682 LEU A CD2 1 
ATOM 1202 N N   . GLY A 1 165 ? 11.407  -6.538  -6.788  1.00 97.42  ? 683 GLY A N   1 
ATOM 1203 C CA  . GLY A 1 165 ? 12.607  -6.802  -6.024  1.00 97.14  ? 683 GLY A CA  1 
ATOM 1204 C C   . GLY A 1 165 ? 12.379  -7.660  -4.805  1.00 96.55  ? 683 GLY A C   1 
ATOM 1205 O O   . GLY A 1 165 ? 11.242  -7.988  -4.468  1.00 95.44  ? 683 GLY A O   1 
ATOM 1206 N N   . ALA A 1 166 ? 13.475  -8.013  -4.142  1.00 97.32  ? 684 ALA A N   1 
ATOM 1207 C CA  . ALA A 1 166 ? 13.429  -8.855  -2.958  1.00 96.95  ? 684 ALA A CA  1 
ATOM 1208 C C   . ALA A 1 166 ? 13.063  -8.070  -1.709  1.00 96.63  ? 684 ALA A C   1 
ATOM 1209 O O   . ALA A 1 166 ? 12.263  -8.533  -0.894  1.00 96.35  ? 684 ALA A O   1 
ATOM 1210 C CB  . ALA A 1 166 ? 14.768  -9.538  -2.767  1.00 95.46  ? 684 ALA A CB  1 
ATOM 1211 N N   . LYS A 1 167 ? 13.643  -6.885  -1.559  1.00 95.43  ? 685 LYS A N   1 
ATOM 1212 C CA  . LYS A 1 167 ? 13.354  -6.072  -0.389  1.00 94.57  ? 685 LYS A CA  1 
ATOM 1213 C C   . LYS A 1 167 ? 11.886  -5.685  -0.327  1.00 93.41  ? 685 LYS A C   1 
ATOM 1214 O O   . LYS A 1 167 ? 11.191  -6.044  0.622   1.00 93.92  ? 685 LYS A O   1 
ATOM 1215 C CB  . LYS A 1 167 ? 14.208  -4.813  -0.385  1.00 93.98  ? 685 LYS A CB  1 
ATOM 1216 C CG  . LYS A 1 167 ? 14.032  -3.926  0.850   1.00 92.19  ? 685 LYS A CG  1 
ATOM 1217 C CD  . LYS A 1 167 ? 14.922  -2.694  0.718   1.00 93.69  ? 685 LYS A CD  1 
ATOM 1218 C CE  . LYS A 1 167 ? 14.947  -1.815  1.957   1.00 94.63  ? 685 LYS A CE  1 
ATOM 1219 N NZ  . LYS A 1 167 ? 15.784  -2.346  3.080   1.00 94.08  ? 685 LYS A NZ  1 
ATOM 1220 N N   . ILE A 1 168 ? 11.414  -4.950  -1.332  1.00 91.38  ? 686 ILE A N   1 
ATOM 1221 C CA  . ILE A 1 168 ? 10.016  -4.529  -1.362  1.00 89.19  ? 686 ILE A CA  1 
ATOM 1222 C C   . ILE A 1 168 ? 9.124   -5.727  -1.035  1.00 86.39  ? 686 ILE A C   1 
ATOM 1223 O O   . ILE A 1 168 ? 8.089   -5.579  -0.363  1.00 84.04  ? 686 ILE A O   1 
ATOM 1224 C CB  . ILE A 1 168 ? 9.626   -3.928  -2.761  1.00 90.57  ? 686 ILE A CB  1 
ATOM 1225 C CG1 . ILE A 1 168 ? 9.831   -2.407  -2.769  1.00 90.06  ? 686 ILE A CG1 1 
ATOM 1226 C CG2 . ILE A 1 168 ? 8.180   -4.239  -3.092  1.00 91.29  ? 686 ILE A CG2 1 
ATOM 1227 C CD1 . ILE A 1 168 ? 11.271  -1.967  -2.670  1.00 90.81  ? 686 ILE A CD1 1 
ATOM 1228 N N   . SER A 1 169 ? 9.551   -6.911  -1.484  1.00 83.96  ? 687 SER A N   1 
ATOM 1229 C CA  . SER A 1 169 ? 8.778   -8.146  -1.263  1.00 80.93  ? 687 SER A CA  1 
ATOM 1230 C C   . SER A 1 169 ? 8.910   -8.690  0.142   1.00 77.34  ? 687 SER A C   1 
ATOM 1231 O O   . SER A 1 169 ? 8.031   -9.397  0.606   1.00 75.97  ? 687 SER A O   1 
ATOM 1232 C CB  . SER A 1 169 ? 9.144   -9.235  -2.275  1.00 81.31  ? 687 SER A CB  1 
ATOM 1233 O OG  . SER A 1 169 ? 8.039   -10.104 -2.464  1.00 78.92  ? 687 SER A OG  1 
ATOM 1234 N N   . SER A 1 170 ? 9.999   -8.356  0.821   1.00 75.51  ? 688 SER A N   1 
ATOM 1235 C CA  . SER A 1 170 ? 10.160  -8.784  2.206   1.00 74.28  ? 688 SER A CA  1 
ATOM 1236 C C   . SER A 1 170 ? 9.270   -7.891  3.071   1.00 74.66  ? 688 SER A C   1 
ATOM 1237 O O   . SER A 1 170 ? 8.664   -8.357  4.027   1.00 73.04  ? 688 SER A O   1 
ATOM 1238 C CB  . SER A 1 170 ? 11.611  -8.640  2.677   1.00 73.27  ? 688 SER A CB  1 
ATOM 1239 O OG  . SER A 1 170 ? 11.855  -7.357  3.222   1.00 72.58  ? 688 SER A OG  1 
ATOM 1240 N N   . ILE A 1 171 ? 9.200   -6.604  2.722   1.00 78.30  ? 689 ILE A N   1 
ATOM 1241 C CA  . ILE A 1 171 ? 8.389   -5.636  3.464   1.00 81.09  ? 689 ILE A CA  1 
ATOM 1242 C C   . ILE A 1 171 ? 6.943   -6.101  3.505   1.00 81.97  ? 689 ILE A C   1 
ATOM 1243 O O   . ILE A 1 171 ? 6.283   -6.031  4.552   1.00 82.12  ? 689 ILE A O   1 
ATOM 1244 C CB  . ILE A 1 171 ? 8.397   -4.238  2.810   1.00 81.54  ? 689 ILE A CB  1 
ATOM 1245 C CG1 . ILE A 1 171 ? 9.829   -3.802  2.498   1.00 80.20  ? 689 ILE A CG1 1 
ATOM 1246 C CG2 . ILE A 1 171 ? 7.737   -3.222  3.770   1.00 81.48  ? 689 ILE A CG2 1 
ATOM 1247 C CD1 . ILE A 1 171 ? 10.603  -3.384  3.713   1.00 82.88  ? 689 ILE A CD1 1 
ATOM 1248 N N   . LEU A 1 172 ? 6.462   -6.554  2.347   1.00 82.55  ? 690 LEU A N   1 
ATOM 1249 C CA  . LEU A 1 172 ? 5.112   -7.067  2.222   1.00 83.21  ? 690 LEU A CA  1 
ATOM 1250 C C   . LEU A 1 172 ? 4.909   -8.062  3.342   1.00 84.22  ? 690 LEU A C   1 
ATOM 1251 O O   . LEU A 1 172 ? 4.030   -7.898  4.178   1.00 85.94  ? 690 LEU A O   1 
ATOM 1252 C CB  . LEU A 1 172 ? 4.936   -7.794  0.901   1.00 82.73  ? 690 LEU A CB  1 
ATOM 1253 C CG  . LEU A 1 172 ? 3.756   -8.764  0.956   1.00 83.91  ? 690 LEU A CG  1 
ATOM 1254 C CD1 . LEU A 1 172 ? 2.452   -7.992  1.041   1.00 83.91  ? 690 LEU A CD1 1 
ATOM 1255 C CD2 . LEU A 1 172 ? 3.773   -9.650  -0.251  1.00 83.72  ? 690 LEU A CD2 1 
ATOM 1256 N N   . VAL A 1 173 ? 5.739   -9.101  3.340   1.00 84.35  ? 691 VAL A N   1 
ATOM 1257 C CA  . VAL A 1 173 ? 5.700   -10.163 4.339   1.00 83.06  ? 691 VAL A CA  1 
ATOM 1258 C C   . VAL A 1 173 ? 5.757   -9.662  5.776   1.00 83.14  ? 691 VAL A C   1 
ATOM 1259 O O   . VAL A 1 173 ? 5.163   -10.283 6.637   1.00 84.79  ? 691 VAL A O   1 
ATOM 1260 C CB  . VAL A 1 173 ? 6.868   -11.184 4.118   1.00 83.02  ? 691 VAL A CB  1 
ATOM 1261 C CG1 . VAL A 1 173 ? 7.060   -12.062 5.335   1.00 82.04  ? 691 VAL A CG1 1 
ATOM 1262 C CG2 . VAL A 1 173 ? 6.560   -12.063 2.938   1.00 81.80  ? 691 VAL A CG2 1 
ATOM 1263 N N   . ASP A 1 174 ? 6.466   -8.567  6.048   1.00 82.77  ? 692 ASP A N   1 
ATOM 1264 C CA  . ASP A 1 174 ? 6.565   -8.042  7.411   1.00 83.29  ? 692 ASP A CA  1 
ATOM 1265 C C   . ASP A 1 174 ? 5.196   -7.565  7.917   1.00 83.24  ? 692 ASP A C   1 
ATOM 1266 O O   . ASP A 1 174 ? 4.752   -7.896  9.033   1.00 83.35  ? 692 ASP A O   1 
ATOM 1267 C CB  . ASP A 1 174 ? 7.571   -6.901  7.439   1.00 86.41  ? 692 ASP A CB  1 
ATOM 1268 C CG  . ASP A 1 174 ? 8.970   -7.369  7.114   1.00 88.99  ? 692 ASP A CG  1 
ATOM 1269 O OD1 . ASP A 1 174 ? 9.844   -6.525  6.795   1.00 89.69  ? 692 ASP A OD1 1 
ATOM 1270 O OD2 . ASP A 1 174 ? 9.192   -8.599  7.186   1.00 91.52  ? 692 ASP A OD2 1 
ATOM 1271 N N   . TRP A 1 175 ? 4.534   -6.762  7.083   1.00 82.96  ? 693 TRP A N   1 
ATOM 1272 C CA  . TRP A 1 175 ? 3.203   -6.262  7.389   1.00 81.36  ? 693 TRP A CA  1 
ATOM 1273 C C   . TRP A 1 175 ? 2.345   -7.537  7.616   1.00 79.43  ? 693 TRP A C   1 
ATOM 1274 O O   . TRP A 1 175 ? 1.603   -7.631  8.606   1.00 79.24  ? 693 TRP A O   1 
ATOM 1275 C CB  . TRP A 1 175 ? 2.695   -5.398  6.207   1.00 82.51  ? 693 TRP A CB  1 
ATOM 1276 C CG  . TRP A 1 175 ? 1.275   -5.005  6.339   1.00 84.96  ? 693 TRP A CG  1 
ATOM 1277 C CD1 . TRP A 1 175 ? 0.759   -4.109  7.221   1.00 86.61  ? 693 TRP A CD1 1 
ATOM 1278 C CD2 . TRP A 1 175 ? 0.155   -5.623  5.691   1.00 86.19  ? 693 TRP A CD2 1 
ATOM 1279 N NE1 . TRP A 1 175 ? -0.618  -4.138  7.178   1.00 87.14  ? 693 TRP A NE1 1 
ATOM 1280 C CE2 . TRP A 1 175 ? -1.012  -5.059  6.246   1.00 86.40  ? 693 TRP A CE2 1 
ATOM 1281 C CE3 . TRP A 1 175 ? 0.028   -6.608  4.700   1.00 87.48  ? 693 TRP A CE3 1 
ATOM 1282 C CZ2 . TRP A 1 175 ? -2.290  -5.444  5.847   1.00 87.83  ? 693 TRP A CZ2 1 
ATOM 1283 C CZ3 . TRP A 1 175 ? -1.242  -6.993  4.302   1.00 88.39  ? 693 TRP A CZ3 1 
ATOM 1284 C CH2 . TRP A 1 175 ? -2.388  -6.411  4.877   1.00 89.12  ? 693 TRP A CH2 1 
ATOM 1285 N N   . CYS A 1 176 ? 2.467   -8.517  6.713   1.00 77.98  ? 694 CYS A N   1 
ATOM 1286 C CA  . CYS A 1 176 ? 1.737   -9.798  6.846   1.00 76.80  ? 694 CYS A CA  1 
ATOM 1287 C C   . CYS A 1 176 ? 1.970   -10.448 8.241   1.00 77.03  ? 694 CYS A C   1 
ATOM 1288 O O   . CYS A 1 176 ? 1.036   -10.979 8.862   1.00 75.20  ? 694 CYS A O   1 
ATOM 1289 C CB  . CYS A 1 176 ? 2.155   -10.796 5.739   1.00 75.59  ? 694 CYS A CB  1 
ATOM 1290 S SG  . CYS A 1 176 ? 1.456   -10.530 4.077   1.00 71.76  ? 694 CYS A SG  1 
ATOM 1291 N N   . SER A 1 177 ? 3.217   -10.397 8.719   1.00 77.70  ? 695 SER A N   1 
ATOM 1292 C CA  . SER A 1 177 ? 3.576   -10.951 10.023  1.00 77.45  ? 695 SER A CA  1 
ATOM 1293 C C   . SER A 1 177 ? 2.816   -10.221 11.127  1.00 76.68  ? 695 SER A C   1 
ATOM 1294 O O   . SER A 1 177 ? 2.161   -10.848 11.980  1.00 76.96  ? 695 SER A O   1 
ATOM 1295 C CB  . SER A 1 177 ? 5.077   -10.815 10.283  1.00 78.28  ? 695 SER A CB  1 
ATOM 1296 O OG  . SER A 1 177 ? 5.376   -11.058 11.649  1.00 80.67  ? 695 SER A OG  1 
ATOM 1297 N N   . ASP A 1 178 ? 2.898   -8.893  11.093  1.00 74.54  ? 696 ASP A N   1 
ATOM 1298 C CA  . ASP A 1 178 ? 2.230   -8.063  12.083  1.00 73.52  ? 696 ASP A CA  1 
ATOM 1299 C C   . ASP A 1 178 ? 0.727   -8.203  12.090  1.00 72.07  ? 696 ASP A C   1 
ATOM 1300 O O   . ASP A 1 178 ? 0.115   -8.272  13.171  1.00 70.08  ? 696 ASP A O   1 
ATOM 1301 C CB  . ASP A 1 178 ? 2.633   -6.607  11.909  1.00 75.40  ? 696 ASP A CB  1 
ATOM 1302 C CG  . ASP A 1 178 ? 4.125   -6.431  11.991  1.00 77.07  ? 696 ASP A CG  1 
ATOM 1303 O OD1 . ASP A 1 178 ? 4.742   -7.111  12.854  1.00 77.60  ? 696 ASP A OD1 1 
ATOM 1304 O OD2 . ASP A 1 178 ? 4.667   -5.629  11.197  1.00 76.87  ? 696 ASP A OD2 1 
ATOM 1305 N N   . GLU A 1 179 ? 0.125   -8.271  10.908  1.00 72.70  ? 697 GLU A N   1 
ATOM 1306 C CA  . GLU A 1 179 ? -1.327  -8.441  10.836  1.00 73.93  ? 697 GLU A CA  1 
ATOM 1307 C C   . GLU A 1 179 ? -1.760  -9.702  11.590  1.00 73.63  ? 697 GLU A C   1 
ATOM 1308 O O   . GLU A 1 179 ? -2.701  -9.686  12.397  1.00 73.37  ? 697 GLU A O   1 
ATOM 1309 C CB  . GLU A 1 179 ? -1.773  -8.484  9.383   1.00 74.05  ? 697 GLU A CB  1 
ATOM 1310 C CG  . GLU A 1 179 ? -1.728  -7.110  8.732   1.00 75.39  ? 697 GLU A CG  1 
ATOM 1311 C CD  . GLU A 1 179 ? -2.337  -6.023  9.622   1.00 75.64  ? 697 GLU A CD  1 
ATOM 1312 O OE1 . GLU A 1 179 ? -3.338  -6.322  10.318  1.00 71.90  ? 697 GLU A OE1 1 
ATOM 1313 O OE2 . GLU A 1 179 ? -1.809  -4.876  9.611   1.00 75.72  ? 697 GLU A OE2 1 
ATOM 1314 N N   . VAL A 1 180 ? -1.043  -10.787 11.328  1.00 74.49  ? 698 VAL A N   1 
ATOM 1315 C CA  . VAL A 1 180 ? -1.268  -12.066 11.989  1.00 74.62  ? 698 VAL A CA  1 
ATOM 1316 C C   . VAL A 1 180 ? -1.120  -11.811 13.500  1.00 73.47  ? 698 VAL A C   1 
ATOM 1317 O O   . VAL A 1 180 ? -1.987  -12.189 14.300  1.00 72.05  ? 698 VAL A O   1 
ATOM 1318 C CB  . VAL A 1 180 ? -0.211  -13.079 11.508  1.00 75.93  ? 698 VAL A CB  1 
ATOM 1319 C CG1 . VAL A 1 180 ? -0.177  -14.311 12.417  1.00 77.43  ? 698 VAL A CG1 1 
ATOM 1320 C CG2 . VAL A 1 180 ? -0.516  -13.465 10.073  1.00 75.67  ? 698 VAL A CG2 1 
ATOM 1321 N N   . ASP A 1 181 ? -0.021  -11.149 13.877  1.00 72.62  ? 699 ASP A N   1 
ATOM 1322 C CA  . ASP A 1 181 ? 0.229   -10.821 15.278  1.00 72.82  ? 699 ASP A CA  1 
ATOM 1323 C C   . ASP A 1 181 ? -0.973  -10.115 15.884  1.00 73.79  ? 699 ASP A C   1 
ATOM 1324 O O   . ASP A 1 181 ? -1.480  -10.535 16.928  1.00 73.49  ? 699 ASP A O   1 
ATOM 1325 C CB  . ASP A 1 181 ? 1.447   -9.912  15.426  1.00 72.71  ? 699 ASP A CB  1 
ATOM 1326 C CG  . ASP A 1 181 ? 2.752   -10.653 15.260  1.00 73.49  ? 699 ASP A CG  1 
ATOM 1327 O OD1 . ASP A 1 181 ? 2.735   -11.910 15.372  1.00 73.09  ? 699 ASP A OD1 1 
ATOM 1328 O OD2 . ASP A 1 181 ? 3.784   -9.964  15.033  1.00 71.89  ? 699 ASP A OD2 1 
ATOM 1329 N N   . ASN A 1 182 ? -1.417  -9.037  15.223  1.00 74.59  ? 700 ASN A N   1 
ATOM 1330 C CA  . ASN A 1 182 ? -2.570  -8.252  15.685  1.00 73.73  ? 700 ASN A CA  1 
ATOM 1331 C C   . ASN A 1 182 ? -3.721  -9.171  16.084  1.00 73.98  ? 700 ASN A C   1 
ATOM 1332 O O   . ASN A 1 182 ? -4.189  -9.144  17.223  1.00 73.37  ? 700 ASN A O   1 
ATOM 1333 C CB  . ASN A 1 182 ? -3.018  -7.284  14.586  1.00 72.89  ? 700 ASN A CB  1 
ATOM 1334 C CG  . ASN A 1 182 ? -2.052  -6.125  14.405  1.00 73.32  ? 700 ASN A CG  1 
ATOM 1335 O OD1 . ASN A 1 182 ? -2.063  -5.452  13.370  1.00 70.94  ? 700 ASN A OD1 1 
ATOM 1336 N ND2 . ASN A 1 182 ? -1.214  -5.877  15.423  1.00 74.51  ? 700 ASN A ND2 1 
ATOM 1337 N N   . HIS A 1 183 ? -4.161  -10.002 15.148  1.00 74.14  ? 701 HIS A N   1 
ATOM 1338 C CA  . HIS A 1 183 ? -5.241  -10.915 15.452  1.00 75.67  ? 701 HIS A CA  1 
ATOM 1339 C C   . HIS A 1 183 ? -5.089  -11.612 16.812  1.00 75.70  ? 701 HIS A C   1 
ATOM 1340 O O   . HIS A 1 183 ? -6.038  -11.648 17.586  1.00 74.32  ? 701 HIS A O   1 
ATOM 1341 C CB  . HIS A 1 183 ? -5.373  -11.977 14.375  1.00 76.61  ? 701 HIS A CB  1 
ATOM 1342 C CG  . HIS A 1 183 ? -6.483  -12.936 14.641  1.00 77.93  ? 701 HIS A CG  1 
ATOM 1343 N ND1 . HIS A 1 183 ? -6.333  -14.299 14.532  1.00 78.58  ? 701 HIS A ND1 1 
ATOM 1344 C CD2 . HIS A 1 183 ? -7.757  -12.724 15.049  1.00 78.86  ? 701 HIS A CD2 1 
ATOM 1345 C CE1 . HIS A 1 183 ? -7.467  -14.889 14.866  1.00 80.27  ? 701 HIS A CE1 1 
ATOM 1346 N NE2 . HIS A 1 183 ? -8.346  -13.956 15.183  1.00 80.16  ? 701 HIS A NE2 1 
ATOM 1347 N N   . PHE A 1 184 ? -3.907  -12.165 17.096  1.00 77.22  ? 702 PHE A N   1 
ATOM 1348 C CA  . PHE A 1 184 ? -3.675  -12.850 18.383  1.00 79.32  ? 702 PHE A CA  1 
ATOM 1349 C C   . PHE A 1 184 ? -3.730  -11.871 19.561  1.00 79.13  ? 702 PHE A C   1 
ATOM 1350 O O   . PHE A 1 184 ? -4.141  -12.259 20.659  1.00 80.19  ? 702 PHE A O   1 
ATOM 1351 C CB  . PHE A 1 184 ? -2.332  -13.646 18.394  1.00 80.78  ? 702 PHE A CB  1 
ATOM 1352 C CG  . PHE A 1 184 ? -2.331  -14.836 17.464  1.00 81.47  ? 702 PHE A CG  1 
ATOM 1353 C CD1 . PHE A 1 184 ? -3.295  -15.839 17.594  1.00 81.81  ? 702 PHE A CD1 1 
ATOM 1354 C CD2 . PHE A 1 184 ? -1.475  -14.882 16.365  1.00 82.63  ? 702 PHE A CD2 1 
ATOM 1355 C CE1 . PHE A 1 184 ? -3.421  -16.852 16.637  1.00 81.72  ? 702 PHE A CE1 1 
ATOM 1356 C CE2 . PHE A 1 184 ? -1.596  -15.896 15.399  1.00 82.31  ? 702 PHE A CE2 1 
ATOM 1357 C CZ  . PHE A 1 184 ? -2.577  -16.879 15.537  1.00 81.36  ? 702 PHE A CZ  1 
ATOM 1358 N N   . LYS A 1 185 ? -3.334  -10.614 19.325  1.00 78.15  ? 703 LYS A N   1 
ATOM 1359 C CA  . LYS A 1 185 ? -3.366  -9.583  20.358  1.00 77.02  ? 703 LYS A CA  1 
ATOM 1360 C C   . LYS A 1 185 ? -4.831  -9.265  20.655  1.00 76.61  ? 703 LYS A C   1 
ATOM 1361 O O   . LYS A 1 185 ? -5.185  -8.875  21.779  1.00 75.92  ? 703 LYS A O   1 
ATOM 1362 C CB  . LYS A 1 185 ? -2.605  -8.339  19.889  1.00 77.92  ? 703 LYS A CB  1 
ATOM 1363 C CG  . LYS A 1 185 ? -1.093  -8.562  19.813  1.00 77.42  ? 703 LYS A CG  1 
ATOM 1364 C CD  . LYS A 1 185 ? -0.346  -7.485  19.017  1.00 80.14  ? 703 LYS A CD  1 
ATOM 1365 C CE  . LYS A 1 185 ? -0.229  -6.144  19.762  1.00 81.73  ? 703 LYS A CE  1 
ATOM 1366 N NZ  . LYS A 1 185 ? 0.690   -5.164  19.064  1.00 81.70  ? 703 LYS A NZ  1 
ATOM 1367 N N   . LEU A 1 186 ? -5.682  -9.469  19.644  1.00 77.32  ? 704 LEU A N   1 
ATOM 1368 C CA  . LEU A 1 186 ? -7.127  -9.258  19.777  1.00 76.68  ? 704 LEU A CA  1 
ATOM 1369 C C   . LEU A 1 186 ? -7.764  -10.410 20.561  1.00 76.70  ? 704 LEU A C   1 
ATOM 1370 O O   . LEU A 1 186 ? -8.837  -10.263 21.151  1.00 75.15  ? 704 LEU A O   1 
ATOM 1371 C CB  . LEU A 1 186 ? -7.801  -9.156  18.406  1.00 76.71  ? 704 LEU A CB  1 
ATOM 1372 C CG  . LEU A 1 186 ? -8.055  -7.775  17.793  1.00 75.72  ? 704 LEU A CG  1 
ATOM 1373 C CD1 . LEU A 1 186 ? -6.749  -7.107  17.320  1.00 75.64  ? 704 LEU A CD1 1 
ATOM 1374 C CD2 . LEU A 1 186 ? -9.007  -7.962  16.619  1.00 75.44  ? 704 LEU A CD2 1 
ATOM 1375 N N   . ILE A 1 187 ? -7.131  -11.579 20.561  1.00 78.71  ? 705 ILE A N   1 
ATOM 1376 C CA  . ILE A 1 187 ? -7.708  -12.678 21.317  1.00 80.66  ? 705 ILE A CA  1 
ATOM 1377 C C   . ILE A 1 187 ? -7.199  -12.507 22.745  1.00 81.50  ? 705 ILE A C   1 
ATOM 1378 O O   . ILE A 1 187 ? -7.951  -12.688 23.691  1.00 80.71  ? 705 ILE A O   1 
ATOM 1379 C CB  . ILE A 1 187 ? -7.343  -14.080 20.717  1.00 81.84  ? 705 ILE A CB  1 
ATOM 1380 C CG1 . ILE A 1 187 ? -7.872  -14.203 19.286  1.00 82.80  ? 705 ILE A CG1 1 
ATOM 1381 C CG2 . ILE A 1 187 ? -8.047  -15.184 21.488  1.00 82.85  ? 705 ILE A CG2 1 
ATOM 1382 C CD1 . ILE A 1 187 ? -7.626  -15.559 18.669  1.00 82.57  ? 705 ILE A CD1 1 
ATOM 1383 N N   . ASP A 1 188 ? -5.940  -12.106 22.898  1.00 83.55  ? 706 ASP A N   1 
ATOM 1384 C CA  . ASP A 1 188 ? -5.365  -11.894 24.227  1.00 84.77  ? 706 ASP A CA  1 
ATOM 1385 C C   . ASP A 1 188 ? -6.230  -11.004 25.096  1.00 88.49  ? 706 ASP A C   1 
ATOM 1386 O O   . ASP A 1 188 ? -6.355  -11.228 26.304  1.00 89.43  ? 706 ASP A O   1 
ATOM 1387 C CB  . ASP A 1 188 ? -3.986  -11.276 24.115  1.00 78.40  ? 706 ASP A CB  1 
ATOM 1388 C CG  . ASP A 1 188 ? -2.952  -12.274 23.728  1.00 73.43  ? 706 ASP A CG  1 
ATOM 1389 O OD1 . ASP A 1 188 ? -2.941  -13.361 24.341  1.00 69.80  ? 706 ASP A OD1 1 
ATOM 1390 O OD2 . ASP A 1 188 ? -2.149  -11.974 22.814  1.00 70.80  ? 706 ASP A OD2 1 
ATOM 1391 N N   . LYS A 1 189 ? -6.798  -9.972  24.483  1.00 91.76  ? 707 LYS A N   1 
ATOM 1392 C CA  . LYS A 1 189 ? -7.690  -9.090  25.207  1.00 94.65  ? 707 LYS A CA  1 
ATOM 1393 C C   . LYS A 1 189 ? -8.877  -9.963  25.606  1.00 96.25  ? 707 LYS A C   1 
ATOM 1394 O O   . LYS A 1 189 ? -9.230  -10.037 26.782  1.00 97.48  ? 707 LYS A O   1 
ATOM 1395 C CB  . LYS A 1 189 ? -8.147  -7.935  24.315  1.00 94.89  ? 707 LYS A CB  1 
ATOM 1396 C CG  . LYS A 1 189 ? -7.118  -6.833  24.152  1.00 95.45  ? 707 LYS A CG  1 
ATOM 1397 C CD  . LYS A 1 189 ? -6.848  -6.135  25.479  1.00 97.95  ? 707 LYS A CD  1 
ATOM 1398 C CE  . LYS A 1 189 ? -5.898  -4.958  25.311  1.00 98.82  ? 707 LYS A CE  1 
ATOM 1399 N NZ  . LYS A 1 189 ? -4.558  -5.370  24.809  1.00 98.59  ? 707 LYS A NZ  1 
ATOM 1400 N N   . GLN A 1 190 ? -9.459  -10.651 24.621  1.00 97.62  ? 708 GLN A N   1 
ATOM 1401 C CA  . GLN A 1 190 ? -10.617 -11.538 24.828  1.00 99.02  ? 708 GLN A CA  1 
ATOM 1402 C C   . GLN A 1 190 ? -10.427 -12.624 25.891  1.00 99.23  ? 708 GLN A C   1 
ATOM 1403 O O   . GLN A 1 190 ? -11.391 -13.062 26.514  1.00 98.86  ? 708 GLN A O   1 
ATOM 1404 C CB  . GLN A 1 190 ? -11.008 -12.204 23.503  1.00 99.72  ? 708 GLN A CB  1 
ATOM 1405 C CG  . GLN A 1 190 ? -11.377 -11.226 22.398  1.00 100.00 ? 708 GLN A CG  1 
ATOM 1406 C CD  . GLN A 1 190 ? -12.630 -10.424 22.709  1.00 100.00 ? 708 GLN A CD  1 
ATOM 1407 O OE1 . GLN A 1 190 ? -13.022 -9.538  21.946  1.00 100.00 ? 708 GLN A OE1 1 
ATOM 1408 N NE2 . GLN A 1 190 ? -13.269 -10.736 23.832  1.00 100.00 ? 708 GLN A NE2 1 
ATOM 1409 N N   . LEU A 1 191 ? -9.184  -13.058 26.089  1.00 100.00 ? 709 LEU A N   1 
ATOM 1410 C CA  . LEU A 1 191 ? -8.857  -14.086 27.080  1.00 100.00 ? 709 LEU A CA  1 
ATOM 1411 C C   . LEU A 1 191 ? -8.773  -13.463 28.459  1.00 100.00 ? 709 LEU A C   1 
ATOM 1412 O O   . LEU A 1 191 ? -8.263  -14.063 29.408  1.00 100.00 ? 709 LEU A O   1 
ATOM 1413 C CB  . LEU A 1 191 ? -7.519  -14.738 26.748  1.00 99.31  ? 709 LEU A CB  1 
ATOM 1414 C CG  . LEU A 1 191 ? -7.531  -16.101 26.061  1.00 98.25  ? 709 LEU A CG  1 
ATOM 1415 C CD1 . LEU A 1 191 ? -8.442  -16.111 24.840  1.00 96.48  ? 709 LEU A CD1 1 
ATOM 1416 C CD2 . LEU A 1 191 ? -6.100  -16.428 25.686  1.00 98.36  ? 709 LEU A CD2 1 
ATOM 1417 N N   . LEU A 1 192 ? -9.273  -12.240 28.550  1.00 99.79  ? 710 LEU A N   1 
ATOM 1418 C CA  . LEU A 1 192 ? -9.274  -11.512 29.796  1.00 99.35  ? 710 LEU A CA  1 
ATOM 1419 C C   . LEU A 1 192 ? -10.610 -11.627 30.521  1.00 99.42  ? 710 LEU A C   1 
ATOM 1420 O O   . LEU A 1 192 ? -10.842 -10.943 31.518  1.00 98.97  ? 710 LEU A O   1 
ATOM 1421 C CB  . LEU A 1 192 ? -8.914  -10.052 29.530  1.00 98.89  ? 710 LEU A CB  1 
ATOM 1422 C CG  . LEU A 1 192 ? -7.427  -9.838  29.787  1.00 98.32  ? 710 LEU A CG  1 
ATOM 1423 C CD1 . LEU A 1 192 ? -6.905  -8.509  29.254  1.00 96.45  ? 710 LEU A CD1 1 
ATOM 1424 C CD2 . LEU A 1 192 ? -7.253  -9.946  31.284  1.00 98.05  ? 710 LEU A CD2 1 
ATOM 1425 N N   . ASN A 1 193 ? -11.480 -12.501 30.018  1.00 99.46  ? 711 ASN A N   1 
ATOM 1426 C CA  . ASN A 1 193 ? -12.799 -12.731 30.622  1.00 99.58  ? 711 ASN A CA  1 
ATOM 1427 C C   . ASN A 1 193 ? -13.673 -13.734 29.854  1.00 99.40  ? 711 ASN A C   1 
ATOM 1428 O O   . ASN A 1 193 ? -13.859 -13.622 28.639  1.00 99.19  ? 711 ASN A O   1 
ATOM 1429 C CB  . ASN A 1 193 ? -13.548 -11.399 30.780  1.00 100.00 ? 711 ASN A CB  1 
ATOM 1430 C CG  . ASN A 1 193 ? -13.559 -10.570 29.502  1.00 100.00 ? 711 ASN A CG  1 
ATOM 1431 O OD1 . ASN A 1 193 ? -12.508 -10.258 28.934  1.00 99.18  ? 711 ASN A OD1 1 
ATOM 1432 N ND2 . ASN A 1 193 ? -14.753 -10.200 29.054  1.00 99.19  ? 711 ASN A ND2 1 
ATOM 1433 N N   . LEU A 1 197 ? -10.906 -18.782 25.495  1.00 98.06  ? 715 LEU A N   1 
ATOM 1434 C CA  . LEU A 1 197 ? -10.823 -19.340 24.149  1.00 97.70  ? 715 LEU A CA  1 
ATOM 1435 C C   . LEU A 1 197 ? -11.520 -20.703 24.154  1.00 97.66  ? 715 LEU A C   1 
ATOM 1436 O O   . LEU A 1 197 ? -11.870 -21.217 25.222  1.00 96.92  ? 715 LEU A O   1 
ATOM 1437 C CB  . LEU A 1 197 ? -9.346  -19.460 23.722  1.00 96.77  ? 715 LEU A CB  1 
ATOM 1438 C CG  . LEU A 1 197 ? -8.959  -19.699 22.253  1.00 94.77  ? 715 LEU A CG  1 
ATOM 1439 C CD1 . LEU A 1 197 ? -8.489  -21.127 22.041  1.00 93.07  ? 715 LEU A CD1 1 
ATOM 1440 C CD2 . LEU A 1 197 ? -10.133 -19.376 21.363  1.00 94.92  ? 715 LEU A CD2 1 
ATOM 1441 N N   . SER A 1 198 ? -11.733 -21.270 22.965  1.00 98.43  ? 716 SER A N   1 
ATOM 1442 C CA  . SER A 1 198 ? -12.409 -22.559 22.828  1.00 99.32  ? 716 SER A CA  1 
ATOM 1443 C C   . SER A 1 198 ? -11.814 -23.359 21.685  1.00 99.48  ? 716 SER A C   1 
ATOM 1444 O O   . SER A 1 198 ? -11.335 -22.783 20.716  1.00 100.00 ? 716 SER A O   1 
ATOM 1445 C CB  . SER A 1 198 ? -13.906 -22.352 22.562  1.00 100.00 ? 716 SER A CB  1 
ATOM 1446 O OG  . SER A 1 198 ? -14.557 -21.724 23.654  1.00 100.00 ? 716 SER A OG  1 
ATOM 1447 N N   . PRO A 1 199 ? -11.838 -24.703 21.784  1.00 100.00 ? 717 PRO A N   1 
ATOM 1448 C CA  . PRO A 1 199 ? -11.298 -25.605 20.751  1.00 99.93  ? 717 PRO A CA  1 
ATOM 1449 C C   . PRO A 1 199 ? -12.067 -25.628 19.421  1.00 100.00 ? 717 PRO A C   1 
ATOM 1450 O O   . PRO A 1 199 ? -11.678 -26.321 18.479  1.00 99.80  ? 717 PRO A O   1 
ATOM 1451 C CB  . PRO A 1 199 ? -11.286 -26.967 21.455  1.00 100.00 ? 717 PRO A CB  1 
ATOM 1452 C CG  . PRO A 1 199 ? -12.422 -26.863 22.422  1.00 100.00 ? 717 PRO A CG  1 
ATOM 1453 C CD  . PRO A 1 199 ? -12.257 -25.467 22.976  1.00 99.93  ? 717 PRO A CD  1 
ATOM 1454 N N   . GLY A 1 200 ? -13.160 -24.870 19.351  1.00 100.00 ? 718 GLY A N   1 
ATOM 1455 C CA  . GLY A 1 200 ? -13.941 -24.802 18.125  1.00 100.00 ? 718 GLY A CA  1 
ATOM 1456 C C   . GLY A 1 200 ? -13.561 -23.530 17.391  1.00 100.00 ? 718 GLY A C   1 
ATOM 1457 O O   . GLY A 1 200 ? -14.056 -23.233 16.301  1.00 99.30  ? 718 GLY A O   1 
ATOM 1458 N N   . SER A 1 201 ? -12.661 -22.785 18.026  1.00 100.00 ? 719 SER A N   1 
ATOM 1459 C CA  . SER A 1 201 ? -12.128 -21.518 17.527  1.00 99.67  ? 719 SER A CA  1 
ATOM 1460 C C   . SER A 1 201 ? -10.771 -21.789 16.869  1.00 100.00 ? 719 SER A C   1 
ATOM 1461 O O   . SER A 1 201 ? -10.376 -21.120 15.909  1.00 100.00 ? 719 SER A O   1 
ATOM 1462 C CB  . SER A 1 201 ? -11.948 -20.549 18.699  1.00 97.95  ? 719 SER A CB  1 
ATOM 1463 O OG  . SER A 1 201 ? -13.078 -20.587 19.573  1.00 95.53  ? 719 SER A OG  1 
ATOM 1464 N N   . ILE A 1 202 ? -10.072 -22.782 17.416  1.00 100.00 ? 720 ILE A N   1 
ATOM 1465 C CA  . ILE A 1 202 ? -8.770  -23.225 16.938  1.00 99.84  ? 720 ILE A CA  1 
ATOM 1466 C C   . ILE A 1 202 ? -8.820  -23.761 15.506  1.00 99.97  ? 720 ILE A C   1 
ATOM 1467 O O   . ILE A 1 202 ? -8.085  -23.276 14.644  1.00 100.00 ? 720 ILE A O   1 
ATOM 1468 C CB  . ILE A 1 202 ? -8.216  -24.310 17.873  1.00 99.98  ? 720 ILE A CB  1 
ATOM 1469 C CG1 . ILE A 1 202 ? -8.009  -23.697 19.254  1.00 100.00 ? 720 ILE A CG1 1 
ATOM 1470 C CG2 . ILE A 1 202 ? -6.920  -24.907 17.316  1.00 98.39  ? 720 ILE A CG2 1 
ATOM 1471 C CD1 . ILE A 1 202 ? -7.651  -24.697 20.312  1.00 100.00 ? 720 ILE A CD1 1 
ATOM 1472 N N   . LYS A 1 203 ? -9.671  -24.757 15.248  1.00 99.49  ? 721 LYS A N   1 
ATOM 1473 C CA  . LYS A 1 203 ? -9.776  -25.310 13.895  1.00 99.03  ? 721 LYS A CA  1 
ATOM 1474 C C   . LYS A 1 203 ? -10.121 -24.219 12.882  1.00 98.19  ? 721 LYS A C   1 
ATOM 1475 O O   . LYS A 1 203 ? -9.625  -24.235 11.751  1.00 98.14  ? 721 LYS A O   1 
ATOM 1476 C CB  . LYS A 1 203 ? -10.816 -26.438 13.834  1.00 99.50  ? 721 LYS A CB  1 
ATOM 1477 C CG  . LYS A 1 203 ? -10.200 -27.827 13.974  1.00 100.00 ? 721 LYS A CG  1 
ATOM 1478 C CD  . LYS A 1 203 ? -11.205 -28.937 13.711  1.00 100.00 ? 721 LYS A CD  1 
ATOM 1479 C CE  . LYS A 1 203 ? -10.536 -30.301 13.813  1.00 100.00 ? 721 LYS A CE  1 
ATOM 1480 N NZ  . LYS A 1 203 ? -11.491 -31.422 13.604  1.00 99.91  ? 721 LYS A NZ  1 
ATOM 1481 N N   . SER A 1 204 ? -10.969 -23.278 13.298  1.00 95.70  ? 722 SER A N   1 
ATOM 1482 C CA  . SER A 1 204 ? -11.362 -22.162 12.453  1.00 93.07  ? 722 SER A CA  1 
ATOM 1483 C C   . SER A 1 204 ? -10.118 -21.355 12.114  1.00 91.98  ? 722 SER A C   1 
ATOM 1484 O O   . SER A 1 204 ? -9.739  -21.235 10.947  1.00 92.80  ? 722 SER A O   1 
ATOM 1485 C CB  . SER A 1 204 ? -12.362 -21.264 13.183  1.00 93.65  ? 722 SER A CB  1 
ATOM 1486 O OG  . SER A 1 204 ? -12.499 -20.018 12.524  1.00 92.84  ? 722 SER A OG  1 
ATOM 1487 N N   . SER A 1 205 ? -9.472  -20.803 13.135  1.00 90.03  ? 723 SER A N   1 
ATOM 1488 C CA  . SER A 1 205 ? -8.273  -20.007 12.909  1.00 88.55  ? 723 SER A CA  1 
ATOM 1489 C C   . SER A 1 205 ? -7.199  -20.781 12.140  1.00 87.67  ? 723 SER A C   1 
ATOM 1490 O O   . SER A 1 205 ? -6.680  -20.297 11.127  1.00 87.39  ? 723 SER A O   1 
ATOM 1491 C CB  . SER A 1 205 ? -7.710  -19.499 14.241  1.00 88.63  ? 723 SER A CB  1 
ATOM 1492 O OG  . SER A 1 205 ? -8.457  -18.386 14.709  1.00 88.90  ? 723 SER A OG  1 
ATOM 1493 N N   . ARG A 1 206 ? -6.873  -21.982 12.612  1.00 86.72  ? 724 ARG A N   1 
ATOM 1494 C CA  . ARG A 1 206 ? -5.861  -22.798 11.954  1.00 85.65  ? 724 ARG A CA  1 
ATOM 1495 C C   . ARG A 1 206 ? -6.103  -22.806 10.442  1.00 86.44  ? 724 ARG A C   1 
ATOM 1496 O O   . ARG A 1 206 ? -5.253  -22.364 9.656   1.00 86.46  ? 724 ARG A O   1 
ATOM 1497 C CB  . ARG A 1 206 ? -5.895  -24.225 12.521  1.00 83.05  ? 724 ARG A CB  1 
ATOM 1498 C CG  . ARG A 1 206 ? -4.906  -25.199 11.872  1.00 78.85  ? 724 ARG A CG  1 
ATOM 1499 C CD  . ARG A 1 206 ? -4.719  -26.447 12.727  1.00 76.89  ? 724 ARG A CD  1 
ATOM 1500 N NE  . ARG A 1 206 ? -4.079  -26.143 14.009  1.00 74.28  ? 724 ARG A NE  1 
ATOM 1501 C CZ  . ARG A 1 206 ? -2.792  -25.828 14.164  1.00 74.43  ? 724 ARG A CZ  1 
ATOM 1502 N NH1 . ARG A 1 206 ? -1.958  -25.779 13.119  1.00 74.01  ? 724 ARG A NH1 1 
ATOM 1503 N NH2 . ARG A 1 206 ? -2.341  -25.527 15.374  1.00 73.70  ? 724 ARG A NH2 1 
ATOM 1504 N N   . LYS A 1 207 ? -7.281  -23.292 10.054  1.00 86.21  ? 725 LYS A N   1 
ATOM 1505 C CA  . LYS A 1 207 ? -7.676  -23.383 8.658   1.00 85.87  ? 725 LYS A CA  1 
ATOM 1506 C C   . LYS A 1 207 ? -7.417  -22.041 7.996   1.00 85.55  ? 725 LYS A C   1 
ATOM 1507 O O   . LYS A 1 207 ? -6.745  -21.946 6.949   1.00 85.70  ? 725 LYS A O   1 
ATOM 1508 C CB  . LYS A 1 207 ? -9.157  -23.735 8.577   1.00 86.36  ? 725 LYS A CB  1 
ATOM 1509 C CG  . LYS A 1 207 ? -9.744  -23.723 7.187   1.00 88.68  ? 725 LYS A CG  1 
ATOM 1510 C CD  . LYS A 1 207 ? -11.255 -23.842 7.286   1.00 91.53  ? 725 LYS A CD  1 
ATOM 1511 C CE  . LYS A 1 207 ? -11.953 -23.688 5.937   1.00 92.37  ? 725 LYS A CE  1 
ATOM 1512 N NZ  . LYS A 1 207 ? -13.442 -23.611 6.101   1.00 91.91  ? 725 LYS A NZ  1 
ATOM 1513 N N   . GLN A 1 208 ? -7.944  -21.003 8.638   1.00 85.62  ? 726 GLN A N   1 
ATOM 1514 C CA  . GLN A 1 208 ? -7.812  -19.641 8.159   1.00 85.54  ? 726 GLN A CA  1 
ATOM 1515 C C   . GLN A 1 208 ? -6.341  -19.308 7.930   1.00 84.82  ? 726 GLN A C   1 
ATOM 1516 O O   . GLN A 1 208 ? -6.007  -18.497 7.067   1.00 84.11  ? 726 GLN A O   1 
ATOM 1517 C CB  . GLN A 1 208 ? -8.433  -18.679 9.178   1.00 86.68  ? 726 GLN A CB  1 
ATOM 1518 C CG  . GLN A 1 208 ? -8.827  -17.350 8.596   1.00 87.12  ? 726 GLN A CG  1 
ATOM 1519 C CD  . GLN A 1 208 ? -9.809  -17.494 7.460   1.00 88.86  ? 726 GLN A CD  1 
ATOM 1520 O OE1 . GLN A 1 208 ? -10.964 -17.880 7.664   1.00 89.19  ? 726 GLN A OE1 1 
ATOM 1521 N NE2 . GLN A 1 208 ? -9.353  -17.194 6.246   1.00 90.05  ? 726 GLN A NE2 1 
ATOM 1522 N N   . ILE A 1 209 ? -5.464  -19.958 8.692   1.00 85.36  ? 727 ILE A N   1 
ATOM 1523 C CA  . ILE A 1 209 ? -4.029  -19.717 8.577   1.00 86.88  ? 727 ILE A CA  1 
ATOM 1524 C C   . ILE A 1 209 ? -3.335  -20.627 7.568   1.00 86.66  ? 727 ILE A C   1 
ATOM 1525 O O   . ILE A 1 209 ? -2.358  -20.229 6.924   1.00 85.11  ? 727 ILE A O   1 
ATOM 1526 C CB  . ILE A 1 209 ? -3.326  -19.845 9.959   1.00 89.06  ? 727 ILE A CB  1 
ATOM 1527 C CG1 . ILE A 1 209 ? -3.887  -18.792 10.915  1.00 88.96  ? 727 ILE A CG1 1 
ATOM 1528 C CG2 . ILE A 1 209 ? -1.817  -19.644 9.818   1.00 88.04  ? 727 ILE A CG2 1 
ATOM 1529 C CD1 . ILE A 1 209 ? -3.229  -18.782 12.266  1.00 91.27  ? 727 ILE A CD1 1 
ATOM 1530 N N   . ASP A 1 210 ? -3.828  -21.849 7.437   1.00 88.34  ? 728 ASP A N   1 
ATOM 1531 C CA  . ASP A 1 210 ? -3.223  -22.763 6.491   1.00 90.91  ? 728 ASP A CA  1 
ATOM 1532 C C   . ASP A 1 210 ? -3.485  -22.223 5.083   1.00 90.36  ? 728 ASP A C   1 
ATOM 1533 O O   . ASP A 1 210 ? -2.597  -22.228 4.228   1.00 90.43  ? 728 ASP A O   1 
ATOM 1534 C CB  . ASP A 1 210 ? -3.787  -24.180 6.671   1.00 93.37  ? 728 ASP A CB  1 
ATOM 1535 C CG  . ASP A 1 210 ? -3.219  -24.888 7.903   1.00 95.89  ? 728 ASP A CG  1 
ATOM 1536 O OD1 . ASP A 1 210 ? -1.977  -24.975 8.027   1.00 96.32  ? 728 ASP A OD1 1 
ATOM 1537 O OD2 . ASP A 1 210 ? -4.013  -25.364 8.744   1.00 97.48  ? 728 ASP A OD2 1 
ATOM 1538 N N   . GLY A 1 211 ? -4.699  -21.731 4.855   1.00 88.66  ? 729 GLY A N   1 
ATOM 1539 C CA  . GLY A 1 211 ? -5.039  -21.176 3.553   1.00 87.79  ? 729 GLY A CA  1 
ATOM 1540 C C   . GLY A 1 211 ? -4.171  -20.001 3.114   1.00 87.08  ? 729 GLY A C   1 
ATOM 1541 O O   . GLY A 1 211 ? -4.177  -19.600 1.949   1.00 87.17  ? 729 GLY A O   1 
ATOM 1542 N N   . LEU A 1 212 ? -3.426  -19.430 4.046   1.00 87.06  ? 730 LEU A N   1 
ATOM 1543 C CA  . LEU A 1 212 ? -2.571  -18.316 3.698   1.00 87.30  ? 730 LEU A CA  1 
ATOM 1544 C C   . LEU A 1 212 ? -1.426  -18.849 2.858   1.00 88.07  ? 730 LEU A C   1 
ATOM 1545 O O   . LEU A 1 212 ? -0.811  -18.112 2.092   1.00 88.69  ? 730 LEU A O   1 
ATOM 1546 C CB  . LEU A 1 212 ? -2.020  -17.618 4.958   1.00 85.75  ? 730 LEU A CB  1 
ATOM 1547 C CG  . LEU A 1 212 ? -2.873  -16.553 5.668   1.00 83.70  ? 730 LEU A CG  1 
ATOM 1548 C CD1 . LEU A 1 212 ? -2.010  -15.787 6.669   1.00 83.44  ? 730 LEU A CD1 1 
ATOM 1549 C CD2 . LEU A 1 212 ? -3.441  -15.581 4.646   1.00 82.63  ? 730 LEU A CD2 1 
ATOM 1550 N N   . LYS A 1 213 ? -1.139  -20.136 3.001   1.00 89.24  ? 731 LYS A N   1 
ATOM 1551 C CA  . LYS A 1 213 ? -0.045  -20.731 2.247   1.00 90.61  ? 731 LYS A CA  1 
ATOM 1552 C C   . LYS A 1 213 ? -0.297  -20.616 0.735   1.00 90.50  ? 731 LYS A C   1 
ATOM 1553 O O   . LYS A 1 213 ? 0.640   -20.717 -0.062  1.00 90.63  ? 731 LYS A O   1 
ATOM 1554 C CB  . LYS A 1 213 ? 0.151   -22.205 2.644   1.00 91.10  ? 731 LYS A CB  1 
ATOM 1555 C CG  . LYS A 1 213 ? 0.641   -22.491 4.076   1.00 91.44  ? 731 LYS A CG  1 
ATOM 1556 C CD  . LYS A 1 213 ? 0.842   -24.006 4.263   1.00 91.42  ? 731 LYS A CD  1 
ATOM 1557 C CE  . LYS A 1 213 ? 1.036   -24.442 5.725   1.00 91.63  ? 731 LYS A CE  1 
ATOM 1558 N NZ  . LYS A 1 213 ? 2.386   -24.155 6.312   1.00 89.68  ? 731 LYS A NZ  1 
ATOM 1559 N N   . ALA A 1 214 ? -1.556  -20.392 0.350   1.00 89.37  ? 732 ALA A N   1 
ATOM 1560 C CA  . ALA A 1 214 ? -1.929  -20.268 -1.064  1.00 88.16  ? 732 ALA A CA  1 
ATOM 1561 C C   . ALA A 1 214 ? -1.315  -19.023 -1.718  1.00 88.28  ? 732 ALA A C   1 
ATOM 1562 O O   . ALA A 1 214 ? -1.198  -18.945 -2.942  1.00 88.28  ? 732 ALA A O   1 
ATOM 1563 C CB  . ALA A 1 214 ? -3.459  -20.253 -1.219  1.00 87.29  ? 732 ALA A CB  1 
ATOM 1564 N N   . VAL A 1 215 ? -0.943  -18.037 -0.914  1.00 88.13  ? 733 VAL A N   1 
ATOM 1565 C CA  . VAL A 1 215 ? -0.306  -16.853 -1.463  1.00 86.77  ? 733 VAL A CA  1 
ATOM 1566 C C   . VAL A 1 215 ? 1.095   -16.791 -0.880  1.00 86.81  ? 733 VAL A C   1 
ATOM 1567 O O   . VAL A 1 215 ? 1.634   -15.716 -0.632  1.00 88.29  ? 733 VAL A O   1 
ATOM 1568 C CB  . VAL A 1 215 ? -1.093  -15.563 -1.148  1.00 85.70  ? 733 VAL A CB  1 
ATOM 1569 C CG1 . VAL A 1 215 ? -2.188  -15.371 -2.172  1.00 84.02  ? 733 VAL A CG1 1 
ATOM 1570 C CG2 . VAL A 1 215 ? -1.703  -15.645 0.235   1.00 86.18  ? 733 VAL A CG2 1 
ATOM 1571 N N   . GLY A 1 216 ? 1.659   -17.978 -0.659  1.00 85.64  ? 734 GLY A N   1 
ATOM 1572 C CA  . GLY A 1 216 ? 3.012   -18.132 -0.141  1.00 85.46  ? 734 GLY A CA  1 
ATOM 1573 C C   . GLY A 1 216 ? 3.326   -17.765 1.300   1.00 85.74  ? 734 GLY A C   1 
ATOM 1574 O O   . GLY A 1 216 ? 4.434   -17.330 1.595   1.00 85.71  ? 734 GLY A O   1 
ATOM 1575 N N   . LEU A 1 217 ? 2.396   -17.943 2.221   1.00 85.99  ? 735 LEU A N   1 
ATOM 1576 C CA  . LEU A 1 217 ? 2.713   -17.567 3.585   1.00 85.43  ? 735 LEU A CA  1 
ATOM 1577 C C   . LEU A 1 217 ? 2.566   -18.677 4.607   1.00 85.57  ? 735 LEU A C   1 
ATOM 1578 O O   . LEU A 1 217 ? 1.529   -19.321 4.691   1.00 86.50  ? 735 LEU A O   1 
ATOM 1579 C CB  . LEU A 1 217 ? 1.873   -16.347 3.997   1.00 85.59  ? 735 LEU A CB  1 
ATOM 1580 C CG  . LEU A 1 217 ? 2.445   -14.949 3.688   1.00 84.52  ? 735 LEU A CG  1 
ATOM 1581 C CD1 . LEU A 1 217 ? 2.774   -14.789 2.215   1.00 82.92  ? 735 LEU A CD1 1 
ATOM 1582 C CD2 . LEU A 1 217 ? 1.440   -13.913 4.111   1.00 84.53  ? 735 LEU A CD2 1 
ATOM 1583 N N   . ASP A 1 218 ? 3.621   -18.896 5.384   1.00 84.80  ? 736 ASP A N   1 
ATOM 1584 C CA  . ASP A 1 218 ? 3.611   -19.921 6.428   1.00 83.99  ? 736 ASP A CA  1 
ATOM 1585 C C   . ASP A 1 218 ? 3.640   -19.215 7.793   1.00 81.66  ? 736 ASP A C   1 
ATOM 1586 O O   . ASP A 1 218 ? 4.682   -18.739 8.253   1.00 79.78  ? 736 ASP A O   1 
ATOM 1587 C CB  . ASP A 1 218 ? 4.831   -20.850 6.280   1.00 87.53  ? 736 ASP A CB  1 
ATOM 1588 C CG  . ASP A 1 218 ? 4.591   -22.259 6.844   1.00 90.13  ? 736 ASP A CG  1 
ATOM 1589 O OD1 . ASP A 1 218 ? 4.189   -22.402 8.021   1.00 91.51  ? 736 ASP A OD1 1 
ATOM 1590 O OD2 . ASP A 1 218 ? 4.824   -23.232 6.097   1.00 91.95  ? 736 ASP A OD2 1 
ATOM 1591 N N   . PHE A 1 219 ? 2.477   -19.141 8.426   1.00 79.98  ? 737 PHE A N   1 
ATOM 1592 C CA  . PHE A 1 219 ? 2.342   -18.509 9.726   1.00 79.41  ? 737 PHE A CA  1 
ATOM 1593 C C   . PHE A 1 219 ? 1.666   -19.443 10.718  1.00 78.45  ? 737 PHE A C   1 
ATOM 1594 O O   . PHE A 1 219 ? 1.101   -19.003 11.733  1.00 78.17  ? 737 PHE A O   1 
ATOM 1595 C CB  . PHE A 1 219 ? 1.540   -17.216 9.580   1.00 81.26  ? 737 PHE A CB  1 
ATOM 1596 C CG  . PHE A 1 219 ? 2.371   -16.049 9.132   1.00 81.00  ? 737 PHE A CG  1 
ATOM 1597 C CD1 . PHE A 1 219 ? 3.354   -15.520 9.969   1.00 80.55  ? 737 PHE A CD1 1 
ATOM 1598 C CD2 . PHE A 1 219 ? 2.204   -15.505 7.873   1.00 79.94  ? 737 PHE A CD2 1 
ATOM 1599 C CE1 . PHE A 1 219 ? 4.148   -14.477 9.553   1.00 79.53  ? 737 PHE A CE1 1 
ATOM 1600 C CE2 . PHE A 1 219 ? 3.003   -14.454 7.453   1.00 79.92  ? 737 PHE A CE2 1 
ATOM 1601 C CZ  . PHE A 1 219 ? 3.972   -13.943 8.294   1.00 79.90  ? 737 PHE A CZ  1 
ATOM 1602 N N   . VAL A 1 220 ? 1.732   -20.741 10.405  1.00 77.69  ? 738 VAL A N   1 
ATOM 1603 C CA  . VAL A 1 220 ? 1.143   -21.786 11.231  1.00 75.43  ? 738 VAL A CA  1 
ATOM 1604 C C   . VAL A 1 220 ? 1.840   -21.688 12.567  1.00 73.23  ? 738 VAL A C   1 
ATOM 1605 O O   . VAL A 1 220 ? 1.225   -21.896 13.598  1.00 71.30  ? 738 VAL A O   1 
ATOM 1606 C CB  . VAL A 1 220 ? 1.410   -23.201 10.668  1.00 75.41  ? 738 VAL A CB  1 
ATOM 1607 C CG1 . VAL A 1 220 ? 0.290   -24.137 11.087  1.00 76.22  ? 738 VAL A CG1 1 
ATOM 1608 C CG2 . VAL A 1 220 ? 1.552   -23.160 9.165   1.00 75.15  ? 738 VAL A CG2 1 
ATOM 1609 N N   . TYR A 1 221 ? 3.127   -21.342 12.525  1.00 72.09  ? 739 TYR A N   1 
ATOM 1610 C CA  . TYR A 1 221 ? 3.934   -21.242 13.735  1.00 71.74  ? 739 TYR A CA  1 
ATOM 1611 C C   . TYR A 1 221 ? 3.401   -20.266 14.771  1.00 71.06  ? 739 TYR A C   1 
ATOM 1612 O O   . TYR A 1 221 ? 3.410   -20.561 15.965  1.00 69.14  ? 739 TYR A O   1 
ATOM 1613 C CB  . TYR A 1 221 ? 5.395   -20.929 13.387  1.00 72.04  ? 739 TYR A CB  1 
ATOM 1614 C CG  . TYR A 1 221 ? 5.707   -19.520 12.960  1.00 74.63  ? 739 TYR A CG  1 
ATOM 1615 C CD1 . TYR A 1 221 ? 6.403   -18.653 13.807  1.00 75.99  ? 739 TYR A CD1 1 
ATOM 1616 C CD2 . TYR A 1 221 ? 5.405   -19.078 11.680  1.00 76.59  ? 739 TYR A CD2 1 
ATOM 1617 C CE1 . TYR A 1 221 ? 6.807   -17.381 13.379  1.00 74.56  ? 739 TYR A CE1 1 
ATOM 1618 C CE2 . TYR A 1 221 ? 5.799   -17.812 11.243  1.00 76.14  ? 739 TYR A CE2 1 
ATOM 1619 C CZ  . TYR A 1 221 ? 6.504   -16.974 12.096  1.00 75.67  ? 739 TYR A CZ  1 
ATOM 1620 O OH  . TYR A 1 221 ? 6.931   -15.749 11.637  1.00 77.07  ? 739 TYR A OH  1 
ATOM 1621 N N   . LYS A 1 222 ? 2.909   -19.120 14.321  1.00 71.81  ? 740 LYS A N   1 
ATOM 1622 C CA  . LYS A 1 222 ? 2.377   -18.133 15.243  1.00 70.83  ? 740 LYS A CA  1 
ATOM 1623 C C   . LYS A 1 222 ? 1.136   -18.657 15.967  1.00 70.41  ? 740 LYS A C   1 
ATOM 1624 O O   . LYS A 1 222 ? 0.896   -18.341 17.135  1.00 69.46  ? 740 LYS A O   1 
ATOM 1625 C CB  . LYS A 1 222 ? 2.054   -16.862 14.483  1.00 71.30  ? 740 LYS A CB  1 
ATOM 1626 C CG  . LYS A 1 222 ? 3.271   -16.202 13.921  1.00 72.66  ? 740 LYS A CG  1 
ATOM 1627 C CD  . LYS A 1 222 ? 2.957   -14.762 13.611  1.00 74.90  ? 740 LYS A CD  1 
ATOM 1628 C CE  . LYS A 1 222 ? 4.203   -13.905 13.716  1.00 74.61  ? 740 LYS A CE  1 
ATOM 1629 N NZ  . LYS A 1 222 ? 4.898   -13.786 12.404  1.00 76.66  ? 740 LYS A NZ  1 
ATOM 1630 N N   . LEU A 1 223 ? 0.355   -19.462 15.261  1.00 69.15  ? 741 LEU A N   1 
ATOM 1631 C CA  . LEU A 1 223 ? -0.848  -20.048 15.810  1.00 68.27  ? 741 LEU A CA  1 
ATOM 1632 C C   . LEU A 1 223 ? -0.433  -21.004 16.914  1.00 70.52  ? 741 LEU A C   1 
ATOM 1633 O O   . LEU A 1 223 ? -0.956  -20.963 18.038  1.00 70.88  ? 741 LEU A O   1 
ATOM 1634 C CB  . LEU A 1 223 ? -1.571  -20.839 14.727  1.00 63.89  ? 741 LEU A CB  1 
ATOM 1635 C CG  . LEU A 1 223 ? -3.012  -21.343 14.931  1.00 60.93  ? 741 LEU A CG  1 
ATOM 1636 C CD1 . LEU A 1 223 ? -3.369  -22.226 13.732  1.00 59.58  ? 741 LEU A CD1 1 
ATOM 1637 C CD2 . LEU A 1 223 ? -3.190  -22.087 16.229  1.00 55.53  ? 741 LEU A CD2 1 
ATOM 1638 N N   . ASP A 1 224 ? 0.517   -21.872 16.577  1.00 71.69  ? 742 ASP A N   1 
ATOM 1639 C CA  . ASP A 1 224 ? 0.995   -22.873 17.510  1.00 73.34  ? 742 ASP A CA  1 
ATOM 1640 C C   . ASP A 1 224 ? 1.633   -22.319 18.772  1.00 74.56  ? 742 ASP A C   1 
ATOM 1641 O O   . ASP A 1 224 ? 1.413   -22.849 19.869  1.00 73.65  ? 742 ASP A O   1 
ATOM 1642 C CB  . ASP A 1 224 ? 1.943   -23.827 16.783  1.00 74.53  ? 742 ASP A CB  1 
ATOM 1643 C CG  . ASP A 1 224 ? 1.207   -24.723 15.801  1.00 76.95  ? 742 ASP A CG  1 
ATOM 1644 O OD1 . ASP A 1 224 ? 0.034   -24.411 15.496  1.00 77.46  ? 742 ASP A OD1 1 
ATOM 1645 O OD2 . ASP A 1 224 ? 1.791   -25.725 15.332  1.00 77.51  ? 742 ASP A OD2 1 
ATOM 1646 N N   . GLU A 1 225 ? 2.410   -21.250 18.620  1.00 76.28  ? 743 GLU A N   1 
ATOM 1647 C CA  . GLU A 1 225 ? 3.084   -20.630 19.749  1.00 78.17  ? 743 GLU A CA  1 
ATOM 1648 C C   . GLU A 1 225 ? 2.063   -20.062 20.701  1.00 78.67  ? 743 GLU A C   1 
ATOM 1649 O O   . GLU A 1 225 ? 2.123   -20.281 21.904  1.00 78.08  ? 743 GLU A O   1 
ATOM 1650 C CB  . GLU A 1 225 ? 3.994   -19.523 19.263  1.00 80.20  ? 743 GLU A CB  1 
ATOM 1651 C CG  . GLU A 1 225 ? 5.093   -20.015 18.374  1.00 87.00  ? 743 GLU A CG  1 
ATOM 1652 C CD  . GLU A 1 225 ? 5.759   -18.886 17.634  1.00 91.77  ? 743 GLU A CD  1 
ATOM 1653 O OE1 . GLU A 1 225 ? 6.737   -19.146 16.899  1.00 93.61  ? 743 GLU A OE1 1 
ATOM 1654 O OE2 . GLU A 1 225 ? 5.293   -17.734 17.786  1.00 93.50  ? 743 GLU A OE2 1 
ATOM 1655 N N   . PHE A 1 226 ? 1.119   -19.326 20.142  1.00 79.13  ? 744 PHE A N   1 
ATOM 1656 C CA  . PHE A 1 226 ? 0.073   -18.712 20.929  1.00 79.72  ? 744 PHE A CA  1 
ATOM 1657 C C   . PHE A 1 226 ? -0.698  -19.774 21.711  1.00 78.70  ? 744 PHE A C   1 
ATOM 1658 O O   . PHE A 1 226 ? -1.175  -19.530 22.816  1.00 80.14  ? 744 PHE A O   1 
ATOM 1659 C CB  . PHE A 1 226 ? -0.869  -17.928 19.999  1.00 82.97  ? 744 PHE A CB  1 
ATOM 1660 C CG  . PHE A 1 226 ? -2.072  -17.357 20.695  1.00 85.28  ? 744 PHE A CG  1 
ATOM 1661 C CD1 . PHE A 1 226 ? -1.955  -16.228 21.500  1.00 84.69  ? 744 PHE A CD1 1 
ATOM 1662 C CD2 . PHE A 1 226 ? -3.319  -17.988 20.586  1.00 85.73  ? 744 PHE A CD2 1 
ATOM 1663 C CE1 . PHE A 1 226 ? -3.054  -15.734 22.194  1.00 86.93  ? 744 PHE A CE1 1 
ATOM 1664 C CE2 . PHE A 1 226 ? -4.432  -17.505 21.275  1.00 86.61  ? 744 PHE A CE2 1 
ATOM 1665 C CZ  . PHE A 1 226 ? -4.299  -16.372 22.084  1.00 87.93  ? 744 PHE A CZ  1 
ATOM 1666 N N   . ILE A 1 227 ? -0.817  -20.960 21.133  1.00 77.72  ? 745 ILE A N   1 
ATOM 1667 C CA  . ILE A 1 227 ? -1.551  -22.063 21.783  1.00 77.32  ? 745 ILE A CA  1 
ATOM 1668 C C   . ILE A 1 227 ? -0.708  -22.660 22.920  1.00 77.80  ? 745 ILE A C   1 
ATOM 1669 O O   . ILE A 1 227 ? -1.233  -23.034 23.969  1.00 75.49  ? 745 ILE A O   1 
ATOM 1670 C CB  . ILE A 1 227 ? -1.914  -23.209 20.740  1.00 75.92  ? 745 ILE A CB  1 
ATOM 1671 C CG1 . ILE A 1 227 ? -2.571  -22.597 19.503  1.00 72.86  ? 745 ILE A CG1 1 
ATOM 1672 C CG2 . ILE A 1 227 ? -2.791  -24.280 21.395  1.00 74.48  ? 745 ILE A CG2 1 
ATOM 1673 C CD1 . ILE A 1 227 ? -3.666  -23.395 18.929  1.00 71.06  ? 745 ILE A CD1 1 
ATOM 1674 N N   . LYS A 1 228 ? 0.602   -22.739 22.709  1.00 80.09  ? 746 LYS A N   1 
ATOM 1675 C CA  . LYS A 1 228 ? 1.467   -23.299 23.724  1.00 83.82  ? 746 LYS A CA  1 
ATOM 1676 C C   . LYS A 1 228 ? 1.378   -22.518 25.044  1.00 85.27  ? 746 LYS A C   1 
ATOM 1677 O O   . LYS A 1 228 ? 1.347   -23.128 26.119  1.00 86.05  ? 746 LYS A O   1 
ATOM 1678 C CB  . LYS A 1 228 ? 2.913   -23.345 23.225  1.00 85.41  ? 746 LYS A CB  1 
ATOM 1679 C CG  . LYS A 1 228 ? 3.822   -24.258 24.039  1.00 86.54  ? 746 LYS A CG  1 
ATOM 1680 C CD  . LYS A 1 228 ? 5.264   -24.235 23.528  1.00 91.35  ? 746 LYS A CD  1 
ATOM 1681 C CE  . LYS A 1 228 ? 5.396   -24.781 22.102  1.00 93.79  ? 746 LYS A CE  1 
ATOM 1682 N NZ  . LYS A 1 228 ? 6.806   -24.720 21.595  1.00 94.39  ? 746 LYS A NZ  1 
ATOM 1683 N N   . LYS A 1 229 ? 1.313   -21.189 24.973  1.00 85.13  ? 747 LYS A N   1 
ATOM 1684 C CA  . LYS A 1 229 ? 1.253   -20.383 26.198  1.00 86.72  ? 747 LYS A CA  1 
ATOM 1685 C C   . LYS A 1 229 ? -0.142  -20.168 26.801  1.00 86.73  ? 747 LYS A C   1 
ATOM 1686 O O   . LYS A 1 229 ? -0.286  -19.605 27.893  1.00 87.55  ? 747 LYS A O   1 
ATOM 1687 C CB  . LYS A 1 229 ? 1.926   -19.017 25.978  1.00 87.73  ? 747 LYS A CB  1 
ATOM 1688 C CG  . LYS A 1 229 ? 1.294   -18.137 24.900  1.00 89.06  ? 747 LYS A CG  1 
ATOM 1689 C CD  . LYS A 1 229 ? 1.964   -16.753 24.790  1.00 88.14  ? 747 LYS A CD  1 
ATOM 1690 C CE  . LYS A 1 229 ? 1.662   -15.884 25.994  1.00 87.35  ? 747 LYS A CE  1 
ATOM 1691 N NZ  . LYS A 1 229 ? 2.019   -14.470 25.736  1.00 88.30  ? 747 LYS A NZ  1 
ATOM 1692 N N   . ASN A 1 230 ? -1.168  -20.620 26.099  1.00 85.90  ? 748 ASN A N   1 
ATOM 1693 C CA  . ASN A 1 230 ? -2.528  -20.454 26.578  1.00 86.02  ? 748 ASN A CA  1 
ATOM 1694 C C   . ASN A 1 230 ? -3.209  -21.801 26.639  1.00 87.33  ? 748 ASN A C   1 
ATOM 1695 O O   . ASN A 1 230 ? -4.424  -21.893 26.430  1.00 86.60  ? 748 ASN A O   1 
ATOM 1696 C CB  . ASN A 1 230 ? -3.328  -19.543 25.645  1.00 84.98  ? 748 ASN A CB  1 
ATOM 1697 C CG  . ASN A 1 230 ? -2.816  -18.137 25.633  1.00 83.12  ? 748 ASN A CG  1 
ATOM 1698 O OD1 . ASN A 1 230 ? -2.980  -17.398 26.607  1.00 83.12  ? 748 ASN A OD1 1 
ATOM 1699 N ND2 . ASN A 1 230 ? -2.184  -17.750 24.537  1.00 80.14  ? 748 ASN A ND2 1 
ATOM 1700 N N   . SER A 1 231 ? -2.424  -22.841 26.911  1.00 89.32  ? 749 SER A N   1 
ATOM 1701 C CA  . SER A 1 231 ? -2.952  -24.192 27.013  1.00 91.34  ? 749 SER A CA  1 
ATOM 1702 C C   . SER A 1 231 ? -4.073  -24.260 28.062  1.00 93.47  ? 749 SER A C   1 
ATOM 1703 O O   . SER A 1 231 ? -5.181  -24.700 27.764  1.00 92.70  ? 749 SER A O   1 
ATOM 1704 C CB  . SER A 1 231 ? -1.826  -25.159 27.384  1.00 90.40  ? 749 SER A CB  1 
ATOM 1705 O OG  . SER A 1 231 ? -0.766  -25.085 26.447  1.00 90.11  ? 749 SER A OG  1 
ATOM 1706 N N   . ASP A 1 232 ? -3.780  -23.804 29.279  1.00 96.17  ? 750 ASP A N   1 
ATOM 1707 C CA  . ASP A 1 232 ? -4.743  -23.815 30.383  1.00 97.86  ? 750 ASP A CA  1 
ATOM 1708 C C   . ASP A 1 232 ? -6.082  -23.158 30.061  1.00 99.08  ? 750 ASP A C   1 
ATOM 1709 O O   . ASP A 1 232 ? -7.102  -23.495 30.667  1.00 100.00 ? 750 ASP A O   1 
ATOM 1710 C CB  . ASP A 1 232 ? -4.155  -23.104 31.601  1.00 98.34  ? 750 ASP A CB  1 
ATOM 1711 C CG  . ASP A 1 232 ? -2.710  -23.460 31.844  1.00 100.00 ? 750 ASP A CG  1 
ATOM 1712 O OD1 . ASP A 1 232 ? -2.435  -24.633 32.179  1.00 100.00 ? 750 ASP A OD1 1 
ATOM 1713 O OD2 . ASP A 1 232 ? -1.846  -22.564 31.694  1.00 100.00 ? 750 ASP A OD2 1 
ATOM 1714 N N   . LYS A 1 233 ? -6.080  -22.213 29.125  1.00 99.76  ? 751 LYS A N   1 
ATOM 1715 C CA  . LYS A 1 233 ? -7.303  -21.502 28.762  1.00 100.00 ? 751 LYS A CA  1 
ATOM 1716 C C   . LYS A 1 233 ? -7.847  -21.840 27.369  1.00 100.00 ? 751 LYS A C   1 
ATOM 1717 O O   . LYS A 1 233 ? -8.371  -20.966 26.677  1.00 100.00 ? 751 LYS A O   1 
ATOM 1718 C CB  . LYS A 1 233 ? -7.072  -19.988 28.865  1.00 100.00 ? 751 LYS A CB  1 
ATOM 1719 C CG  . LYS A 1 233 ? -6.556  -19.505 30.213  1.00 99.71  ? 751 LYS A CG  1 
ATOM 1720 C CD  . LYS A 1 233 ? -6.314  -17.991 30.213  1.00 100.00 ? 751 LYS A CD  1 
ATOM 1721 C CE  . LYS A 1 233 ? -5.278  -17.561 29.167  1.00 100.00 ? 751 LYS A CE  1 
ATOM 1722 N NZ  . LYS A 1 233 ? -4.892  -16.124 29.282  1.00 100.00 ? 751 LYS A NZ  1 
ATOM 1723 N N   . ILE A 1 234 ? -7.727  -23.096 26.953  1.00 99.94  ? 752 ILE A N   1 
ATOM 1724 C CA  . ILE A 1 234 ? -8.232  -23.514 25.648  1.00 99.28  ? 752 ILE A CA  1 
ATOM 1725 C C   . ILE A 1 234 ? -9.273  -24.594 25.832  1.00 99.75  ? 752 ILE A C   1 
ATOM 1726 O O   . ILE A 1 234 ? -10.213 -24.707 25.049  1.00 100.00 ? 752 ILE A O   1 
ATOM 1727 C CB  . ILE A 1 234 ? -7.107  -24.048 24.750  1.00 97.45  ? 752 ILE A CB  1 
ATOM 1728 C CG1 . ILE A 1 234 ? -6.270  -22.864 24.230  1.00 95.97  ? 752 ILE A CG1 1 
ATOM 1729 C CG2 . ILE A 1 234 ? -7.704  -24.878 23.617  1.00 96.25  ? 752 ILE A CG2 1 
ATOM 1730 C CD1 . ILE A 1 234 ? -4.945  -23.235 23.612  1.00 93.90  ? 752 ILE A CD1 1 
ATOM 1731 N N   . ARG A 1 235 ? -9.089  -25.390 26.875  1.00 99.72  ? 753 ARG A N   1 
ATOM 1732 C CA  . ARG A 1 235 ? -10.017 -26.460 27.212  1.00 100.00 ? 753 ARG A CA  1 
ATOM 1733 C C   . ARG A 1 235 ? -11.419 -25.855 27.254  1.00 100.00 ? 753 ARG A C   1 
ATOM 1734 O O   . ARG A 1 235 ? -12.213 -26.148 26.334  1.00 100.00 ? 753 ARG A O   1 
ATOM 1735 C CB  . ARG A 1 235 ? -9.650  -27.040 28.585  1.00 100.00 ? 753 ARG A CB  1 
ATOM 1736 C CG  . ARG A 1 235 ? -10.365 -28.330 28.994  1.00 100.00 ? 753 ARG A CG  1 
ATOM 1737 C CD  . ARG A 1 235 ? -9.707  -28.907 30.248  1.00 100.00 ? 753 ARG A CD  1 
ATOM 1738 N NE  . ARG A 1 235 ? -10.194 -30.237 30.599  1.00 100.00 ? 753 ARG A NE  1 
ATOM 1739 C CZ  . ARG A 1 235 ? -11.380 -30.476 31.146  1.00 100.00 ? 753 ARG A CZ  1 
ATOM 1740 N NH1 . ARG A 1 235 ? -12.206 -29.471 31.406  1.00 99.63  ? 753 ARG A NH1 1 
ATOM 1741 N NH2 . ARG A 1 235 ? -11.738 -31.719 31.441  1.00 100.00 ? 753 ARG A NH2 1 
ATOM 1742 O OXT . ARG A 1 235 ? -11.695 -25.080 28.197  1.00 98.87  ? 753 ARG A OXT 1 
# 
